data_1O50
# 
_entry.id   1O50 
# 
_audit_conform.dict_name       mmcif_pdbx.dic 
_audit_conform.dict_version    5.392 
_audit_conform.dict_location   http://mmcif.pdb.org/dictionaries/ascii/mmcif_pdbx.dic 
# 
loop_
_database_2.database_id 
_database_2.database_code 
_database_2.pdbx_database_accession 
_database_2.pdbx_DOI 
PDB   1O50         pdb_00001o50 10.2210/pdb1o50/pdb 
RCSB  RCSB001811   ?            ?                   
WWPDB D_1000001811 ?            ?                   
# 
loop_
_pdbx_audit_revision_history.ordinal 
_pdbx_audit_revision_history.data_content_type 
_pdbx_audit_revision_history.major_revision 
_pdbx_audit_revision_history.minor_revision 
_pdbx_audit_revision_history.revision_date 
1 'Structure model' 1 0 2003-08-12 
2 'Structure model' 1 1 2008-04-26 
3 'Structure model' 1 2 2011-07-13 
4 'Structure model' 1 3 2017-10-04 
5 'Structure model' 1 4 2018-07-18 
6 'Structure model' 1 5 2023-01-25 
7 'Structure model' 1 6 2024-05-22 
# 
_pdbx_audit_revision_details.ordinal             1 
_pdbx_audit_revision_details.revision_ordinal    1 
_pdbx_audit_revision_details.data_content_type   'Structure model' 
_pdbx_audit_revision_details.provider            repository 
_pdbx_audit_revision_details.type                'Initial release' 
_pdbx_audit_revision_details.description         ? 
_pdbx_audit_revision_details.details             ? 
# 
loop_
_pdbx_audit_revision_group.ordinal 
_pdbx_audit_revision_group.revision_ordinal 
_pdbx_audit_revision_group.data_content_type 
_pdbx_audit_revision_group.group 
1 2 'Structure model' 'Version format compliance' 
2 3 'Structure model' Advisory                    
3 3 'Structure model' 'Derived calculations'      
4 3 'Structure model' 'Version format compliance' 
5 4 'Structure model' 'Refinement description'    
6 5 'Structure model' 'Data collection'           
7 5 'Structure model' 'Database references'       
8 6 'Structure model' 'Database references'       
9 7 'Structure model' 'Data collection'           
# 
loop_
_pdbx_audit_revision_category.ordinal 
_pdbx_audit_revision_category.revision_ordinal 
_pdbx_audit_revision_category.data_content_type 
_pdbx_audit_revision_category.category 
1 4 'Structure model' software              
2 5 'Structure model' pdbx_database_related 
3 6 'Structure model' database_2            
4 6 'Structure model' struct_ref_seq_dif    
5 7 'Structure model' chem_comp_atom        
6 7 'Structure model' chem_comp_bond        
# 
loop_
_pdbx_audit_revision_item.ordinal 
_pdbx_audit_revision_item.revision_ordinal 
_pdbx_audit_revision_item.data_content_type 
_pdbx_audit_revision_item.item 
1 6 'Structure model' '_database_2.pdbx_DOI'                
2 6 'Structure model' '_database_2.pdbx_database_accession' 
3 6 'Structure model' '_struct_ref_seq_dif.details'         
# 
_pdbx_database_status.entry_id                        1O50 
_pdbx_database_status.status_code                     REL 
_pdbx_database_status.deposit_site                    RCSB 
_pdbx_database_status.process_site                    RCSB 
_pdbx_database_status.recvd_initial_deposition_date   2003-07-31 
_pdbx_database_status.SG_entry                        Y 
_pdbx_database_status.status_code_sf                  REL 
_pdbx_database_status.status_code_mr                  ? 
_pdbx_database_status.status_code_cs                  ? 
_pdbx_database_status.pdb_format_compatible           Y 
_pdbx_database_status.methods_development_category    ? 
_pdbx_database_status.status_code_nmr_data            ? 
# 
_pdbx_database_related.db_name        TargetDB 
_pdbx_database_related.db_id          282804 
_pdbx_database_related.details        . 
_pdbx_database_related.content_type   unspecified 
# 
_audit_author.name           'Joint Center for Structural Genomics (JCSG)' 
_audit_author.pdbx_ordinal   1 
# 
_citation.id                        primary 
_citation.title                     
;Crystal structure of a tandem cystathionine-beta-synthase (CBS) domain protein (TM0935) from Thermotoga maritima at 1.87 A resolution
;
_citation.journal_abbrev            Proteins 
_citation.journal_volume            57 
_citation.page_first                213 
_citation.page_last                 217 
_citation.year                      2004 
_citation.journal_id_ASTM           PSFGEY 
_citation.country                   US 
_citation.journal_id_ISSN           0887-3585 
_citation.journal_id_CSD            0867 
_citation.book_publisher            ? 
_citation.pdbx_database_id_PubMed   15326606 
_citation.pdbx_database_id_DOI      10.1002/prot.20024 
# 
loop_
_citation_author.citation_id 
_citation_author.name 
_citation_author.ordinal 
_citation_author.identifier_ORCID 
primary 'Miller, M.D.'        1  ? 
primary 'Schwarzenbacher, R.' 2  ? 
primary 'von Delft, F.'       3  ? 
primary 'Abdubek, P.'         4  ? 
primary 'Ambing, E.'          5  ? 
primary 'Biorac, T.'          6  ? 
primary 'Brinen, L.S.'        7  ? 
primary 'Canaves, J.M.'       8  ? 
primary 'Cambell, J.'         9  ? 
primary 'Chiu, H.J.'          10 ? 
primary 'Dai, X.'             11 ? 
primary 'Deacon, A.M.'        12 ? 
primary 'DiDonato, M.'        13 ? 
primary 'Elsliger, M.A.'      14 ? 
primary 'Eshagi, S.'          15 ? 
primary 'Floyd, R.'           16 ? 
primary 'Godzik, A.'          17 ? 
primary 'Grittini, C.'        18 ? 
primary 'Grzechnik, S.K.'     19 ? 
primary 'Hampton, E.'         20 ? 
primary 'Jaroszewski, L.'     21 ? 
primary 'Karlak, C.'          22 ? 
primary 'Klock, H.E.'         23 ? 
primary 'Koesema, E.'         24 ? 
primary 'Kovarik, J.S.'       25 ? 
primary 'Kreusch, A.'         26 ? 
primary 'Kuhn, P.'            27 ? 
primary 'Lesley, S.A.'        28 ? 
primary 'Levin, I.'           29 ? 
primary 'McMullan, D.'        30 ? 
primary 'McPhillips, T.M.'    31 ? 
primary 'Morse, A.'           32 ? 
primary 'Moy, K.'             33 ? 
primary 'Ouyang, J.'          34 ? 
primary 'Page, R.'            35 ? 
primary 'Quijano, K.'         36 ? 
primary 'Robb, A.'            37 ? 
primary 'Spraggon, G.'        38 ? 
primary 'Stevens, R.C.'       39 ? 
primary 'van den Bedem, H.'   40 ? 
primary 'Velasquez, J.'       41 ? 
primary 'Vincent, J.'         42 ? 
primary 'Wang, X.'            43 ? 
primary 'West, B.'            44 ? 
primary 'Wolf, G.'            45 ? 
primary 'Xu, Q.'              46 ? 
primary 'Hodgson, K.O.'       47 ? 
primary 'Wooley, J.'          48 ? 
primary 'Wilson, I.A.'        49 ? 
# 
loop_
_entity.id 
_entity.type 
_entity.src_method 
_entity.pdbx_description 
_entity.formula_weight 
_entity.pdbx_number_of_molecules 
_entity.pdbx_ec 
_entity.pdbx_mutation 
_entity.pdbx_fragment 
_entity.details 
1 polymer man 'CBS domain-containing predicted protein TM0935' 18040.217 1   ? ? ? ? 
2 water   nat water                                            18.015    214 ? ? ? ? 
# 
_entity_poly.entity_id                      1 
_entity_poly.type                           'polypeptide(L)' 
_entity_poly.nstd_linkage                   no 
_entity_poly.nstd_monomer                   no 
_entity_poly.pdbx_seq_one_letter_code       
;MGSDKIHHHHHHMKVKDVCKLISLKPTVVEEDTPIEEIVDRILEDPVTRTVYVARDNKLVGMIPVMHLLKVSGFHFFGFI
PKEELIRSSMKRLIAKNASEIMLDPVYVHMDTPLEEALKLMIDNNIQEMPVVDEKGEIVGDLNSLEILLALWKGREK
;
_entity_poly.pdbx_seq_one_letter_code_can   
;MGSDKIHHHHHHMKVKDVCKLISLKPTVVEEDTPIEEIVDRILEDPVTRTVYVARDNKLVGMIPVMHLLKVSGFHFFGFI
PKEELIRSSMKRLIAKNASEIMLDPVYVHMDTPLEEALKLMIDNNIQEMPVVDEKGEIVGDLNSLEILLALWKGREK
;
_entity_poly.pdbx_strand_id                 A 
_entity_poly.pdbx_target_identifier         282804 
# 
_pdbx_entity_nonpoly.entity_id   2 
_pdbx_entity_nonpoly.name        water 
_pdbx_entity_nonpoly.comp_id     HOH 
# 
loop_
_entity_poly_seq.entity_id 
_entity_poly_seq.num 
_entity_poly_seq.mon_id 
_entity_poly_seq.hetero 
1 1   MET n 
1 2   GLY n 
1 3   SER n 
1 4   ASP n 
1 5   LYS n 
1 6   ILE n 
1 7   HIS n 
1 8   HIS n 
1 9   HIS n 
1 10  HIS n 
1 11  HIS n 
1 12  HIS n 
1 13  MET n 
1 14  LYS n 
1 15  VAL n 
1 16  LYS n 
1 17  ASP n 
1 18  VAL n 
1 19  CYS n 
1 20  LYS n 
1 21  LEU n 
1 22  ILE n 
1 23  SER n 
1 24  LEU n 
1 25  LYS n 
1 26  PRO n 
1 27  THR n 
1 28  VAL n 
1 29  VAL n 
1 30  GLU n 
1 31  GLU n 
1 32  ASP n 
1 33  THR n 
1 34  PRO n 
1 35  ILE n 
1 36  GLU n 
1 37  GLU n 
1 38  ILE n 
1 39  VAL n 
1 40  ASP n 
1 41  ARG n 
1 42  ILE n 
1 43  LEU n 
1 44  GLU n 
1 45  ASP n 
1 46  PRO n 
1 47  VAL n 
1 48  THR n 
1 49  ARG n 
1 50  THR n 
1 51  VAL n 
1 52  TYR n 
1 53  VAL n 
1 54  ALA n 
1 55  ARG n 
1 56  ASP n 
1 57  ASN n 
1 58  LYS n 
1 59  LEU n 
1 60  VAL n 
1 61  GLY n 
1 62  MET n 
1 63  ILE n 
1 64  PRO n 
1 65  VAL n 
1 66  MET n 
1 67  HIS n 
1 68  LEU n 
1 69  LEU n 
1 70  LYS n 
1 71  VAL n 
1 72  SER n 
1 73  GLY n 
1 74  PHE n 
1 75  HIS n 
1 76  PHE n 
1 77  PHE n 
1 78  GLY n 
1 79  PHE n 
1 80  ILE n 
1 81  PRO n 
1 82  LYS n 
1 83  GLU n 
1 84  GLU n 
1 85  LEU n 
1 86  ILE n 
1 87  ARG n 
1 88  SER n 
1 89  SER n 
1 90  MET n 
1 91  LYS n 
1 92  ARG n 
1 93  LEU n 
1 94  ILE n 
1 95  ALA n 
1 96  LYS n 
1 97  ASN n 
1 98  ALA n 
1 99  SER n 
1 100 GLU n 
1 101 ILE n 
1 102 MET n 
1 103 LEU n 
1 104 ASP n 
1 105 PRO n 
1 106 VAL n 
1 107 TYR n 
1 108 VAL n 
1 109 HIS n 
1 110 MET n 
1 111 ASP n 
1 112 THR n 
1 113 PRO n 
1 114 LEU n 
1 115 GLU n 
1 116 GLU n 
1 117 ALA n 
1 118 LEU n 
1 119 LYS n 
1 120 LEU n 
1 121 MET n 
1 122 ILE n 
1 123 ASP n 
1 124 ASN n 
1 125 ASN n 
1 126 ILE n 
1 127 GLN n 
1 128 GLU n 
1 129 MET n 
1 130 PRO n 
1 131 VAL n 
1 132 VAL n 
1 133 ASP n 
1 134 GLU n 
1 135 LYS n 
1 136 GLY n 
1 137 GLU n 
1 138 ILE n 
1 139 VAL n 
1 140 GLY n 
1 141 ASP n 
1 142 LEU n 
1 143 ASN n 
1 144 SER n 
1 145 LEU n 
1 146 GLU n 
1 147 ILE n 
1 148 LEU n 
1 149 LEU n 
1 150 ALA n 
1 151 LEU n 
1 152 TRP n 
1 153 LYS n 
1 154 GLY n 
1 155 ARG n 
1 156 GLU n 
1 157 LYS n 
# 
_entity_src_gen.entity_id                          1 
_entity_src_gen.pdbx_src_id                        1 
_entity_src_gen.pdbx_alt_source_flag               sample 
_entity_src_gen.pdbx_seq_type                      ? 
_entity_src_gen.pdbx_beg_seq_num                   ? 
_entity_src_gen.pdbx_end_seq_num                   ? 
_entity_src_gen.gene_src_common_name               ? 
_entity_src_gen.gene_src_genus                     Thermotoga 
_entity_src_gen.pdbx_gene_src_gene                 TM0935 
_entity_src_gen.gene_src_species                   ? 
_entity_src_gen.gene_src_strain                    ? 
_entity_src_gen.gene_src_tissue                    ? 
_entity_src_gen.gene_src_tissue_fraction           ? 
_entity_src_gen.gene_src_details                   ? 
_entity_src_gen.pdbx_gene_src_fragment             ? 
_entity_src_gen.pdbx_gene_src_scientific_name      'Thermotoga maritima' 
_entity_src_gen.pdbx_gene_src_ncbi_taxonomy_id     2336 
_entity_src_gen.pdbx_gene_src_variant              ? 
_entity_src_gen.pdbx_gene_src_cell_line            ? 
_entity_src_gen.pdbx_gene_src_atcc                 ? 
_entity_src_gen.pdbx_gene_src_organ                ? 
_entity_src_gen.pdbx_gene_src_organelle            ? 
_entity_src_gen.pdbx_gene_src_cell                 ? 
_entity_src_gen.pdbx_gene_src_cellular_location    ? 
_entity_src_gen.host_org_common_name               ? 
_entity_src_gen.pdbx_host_org_scientific_name      'Escherichia coli' 
_entity_src_gen.pdbx_host_org_ncbi_taxonomy_id     562 
_entity_src_gen.host_org_genus                     Escherichia 
_entity_src_gen.pdbx_host_org_gene                 ? 
_entity_src_gen.pdbx_host_org_organ                ? 
_entity_src_gen.host_org_species                   ? 
_entity_src_gen.pdbx_host_org_tissue               ? 
_entity_src_gen.pdbx_host_org_tissue_fraction      ? 
_entity_src_gen.pdbx_host_org_strain               ? 
_entity_src_gen.pdbx_host_org_variant              ? 
_entity_src_gen.pdbx_host_org_cell_line            ? 
_entity_src_gen.pdbx_host_org_atcc                 ? 
_entity_src_gen.pdbx_host_org_culture_collection   ? 
_entity_src_gen.pdbx_host_org_cell                 ? 
_entity_src_gen.pdbx_host_org_organelle            ? 
_entity_src_gen.pdbx_host_org_cellular_location    ? 
_entity_src_gen.pdbx_host_org_vector_type          Plasmid 
_entity_src_gen.pdbx_host_org_vector               ? 
_entity_src_gen.host_org_details                   ? 
_entity_src_gen.expression_system_id               ? 
_entity_src_gen.plasmid_name                       ? 
_entity_src_gen.plasmid_details                    ? 
_entity_src_gen.pdbx_description                   ? 
# 
loop_
_chem_comp.id 
_chem_comp.type 
_chem_comp.mon_nstd_flag 
_chem_comp.name 
_chem_comp.pdbx_synonyms 
_chem_comp.formula 
_chem_comp.formula_weight 
ALA 'L-peptide linking' y ALANINE         ? 'C3 H7 N O2'     89.093  
ARG 'L-peptide linking' y ARGININE        ? 'C6 H15 N4 O2 1' 175.209 
ASN 'L-peptide linking' y ASPARAGINE      ? 'C4 H8 N2 O3'    132.118 
ASP 'L-peptide linking' y 'ASPARTIC ACID' ? 'C4 H7 N O4'     133.103 
CYS 'L-peptide linking' y CYSTEINE        ? 'C3 H7 N O2 S'   121.158 
GLN 'L-peptide linking' y GLUTAMINE       ? 'C5 H10 N2 O3'   146.144 
GLU 'L-peptide linking' y 'GLUTAMIC ACID' ? 'C5 H9 N O4'     147.129 
GLY 'peptide linking'   y GLYCINE         ? 'C2 H5 N O2'     75.067  
HIS 'L-peptide linking' y HISTIDINE       ? 'C6 H10 N3 O2 1' 156.162 
HOH non-polymer         . WATER           ? 'H2 O'           18.015  
ILE 'L-peptide linking' y ISOLEUCINE      ? 'C6 H13 N O2'    131.173 
LEU 'L-peptide linking' y LEUCINE         ? 'C6 H13 N O2'    131.173 
LYS 'L-peptide linking' y LYSINE          ? 'C6 H15 N2 O2 1' 147.195 
MET 'L-peptide linking' y METHIONINE      ? 'C5 H11 N O2 S'  149.211 
PHE 'L-peptide linking' y PHENYLALANINE   ? 'C9 H11 N O2'    165.189 
PRO 'L-peptide linking' y PROLINE         ? 'C5 H9 N O2'     115.130 
SER 'L-peptide linking' y SERINE          ? 'C3 H7 N O3'     105.093 
THR 'L-peptide linking' y THREONINE       ? 'C4 H9 N O3'     119.119 
TRP 'L-peptide linking' y TRYPTOPHAN      ? 'C11 H12 N2 O2'  204.225 
TYR 'L-peptide linking' y TYROSINE        ? 'C9 H11 N O3'    181.189 
VAL 'L-peptide linking' y VALINE          ? 'C5 H11 N O2'    117.146 
# 
loop_
_pdbx_poly_seq_scheme.asym_id 
_pdbx_poly_seq_scheme.entity_id 
_pdbx_poly_seq_scheme.seq_id 
_pdbx_poly_seq_scheme.mon_id 
_pdbx_poly_seq_scheme.ndb_seq_num 
_pdbx_poly_seq_scheme.pdb_seq_num 
_pdbx_poly_seq_scheme.auth_seq_num 
_pdbx_poly_seq_scheme.pdb_mon_id 
_pdbx_poly_seq_scheme.auth_mon_id 
_pdbx_poly_seq_scheme.pdb_strand_id 
_pdbx_poly_seq_scheme.pdb_ins_code 
_pdbx_poly_seq_scheme.hetero 
A 1 1   MET 1   -11 ?   ?   ?   A . n 
A 1 2   GLY 2   -10 ?   ?   ?   A . n 
A 1 3   SER 3   -9  ?   ?   ?   A . n 
A 1 4   ASP 4   -8  ?   ?   ?   A . n 
A 1 5   LYS 5   -7  ?   ?   ?   A . n 
A 1 6   ILE 6   -6  ?   ?   ?   A . n 
A 1 7   HIS 7   -5  ?   ?   ?   A . n 
A 1 8   HIS 8   -4  ?   ?   ?   A . n 
A 1 9   HIS 9   -3  ?   ?   ?   A . n 
A 1 10  HIS 10  -2  -2  HIS HIS A . n 
A 1 11  HIS 11  -1  -1  HIS HIS A . n 
A 1 12  HIS 12  0   0   HIS HIS A . n 
A 1 13  MET 13  1   1   MET MET A . n 
A 1 14  LYS 14  2   2   LYS LYS A . n 
A 1 15  VAL 15  3   3   VAL VAL A . n 
A 1 16  LYS 16  4   4   LYS LYS A . n 
A 1 17  ASP 17  5   5   ASP ASP A . n 
A 1 18  VAL 18  6   6   VAL VAL A . n 
A 1 19  CYS 19  7   7   CYS CYS A . n 
A 1 20  LYS 20  8   8   LYS LYS A . n 
A 1 21  LEU 21  9   9   LEU LEU A . n 
A 1 22  ILE 22  10  10  ILE ILE A . n 
A 1 23  SER 23  11  11  SER SER A . n 
A 1 24  LEU 24  12  12  LEU LEU A . n 
A 1 25  LYS 25  13  13  LYS LYS A . n 
A 1 26  PRO 26  14  14  PRO PRO A . n 
A 1 27  THR 27  15  15  THR THR A . n 
A 1 28  VAL 28  16  16  VAL VAL A . n 
A 1 29  VAL 29  17  17  VAL VAL A . n 
A 1 30  GLU 30  18  18  GLU GLU A . n 
A 1 31  GLU 31  19  19  GLU GLU A . n 
A 1 32  ASP 32  20  20  ASP ASP A . n 
A 1 33  THR 33  21  21  THR THR A . n 
A 1 34  PRO 34  22  22  PRO PRO A . n 
A 1 35  ILE 35  23  23  ILE ILE A . n 
A 1 36  GLU 36  24  24  GLU GLU A . n 
A 1 37  GLU 37  25  25  GLU GLU A . n 
A 1 38  ILE 38  26  26  ILE ILE A . n 
A 1 39  VAL 39  27  27  VAL VAL A . n 
A 1 40  ASP 40  28  28  ASP ASP A . n 
A 1 41  ARG 41  29  29  ARG ARG A . n 
A 1 42  ILE 42  30  30  ILE ILE A . n 
A 1 43  LEU 43  31  31  LEU LEU A . n 
A 1 44  GLU 44  32  32  GLU GLU A . n 
A 1 45  ASP 45  33  33  ASP ASP A . n 
A 1 46  PRO 46  34  34  PRO PRO A . n 
A 1 47  VAL 47  35  35  VAL VAL A . n 
A 1 48  THR 48  36  36  THR THR A . n 
A 1 49  ARG 49  37  37  ARG ARG A . n 
A 1 50  THR 50  38  38  THR THR A . n 
A 1 51  VAL 51  39  39  VAL VAL A . n 
A 1 52  TYR 52  40  40  TYR TYR A . n 
A 1 53  VAL 53  41  41  VAL VAL A . n 
A 1 54  ALA 54  42  42  ALA ALA A . n 
A 1 55  ARG 55  43  43  ARG ARG A . n 
A 1 56  ASP 56  44  44  ASP ASP A . n 
A 1 57  ASN 57  45  45  ASN ASN A . n 
A 1 58  LYS 58  46  46  LYS LYS A . n 
A 1 59  LEU 59  47  47  LEU LEU A . n 
A 1 60  VAL 60  48  48  VAL VAL A . n 
A 1 61  GLY 61  49  49  GLY GLY A . n 
A 1 62  MET 62  50  50  MET MET A . n 
A 1 63  ILE 63  51  51  ILE ILE A . n 
A 1 64  PRO 64  52  52  PRO PRO A . n 
A 1 65  VAL 65  53  53  VAL VAL A . n 
A 1 66  MET 66  54  54  MET MET A . n 
A 1 67  HIS 67  55  55  HIS HIS A . n 
A 1 68  LEU 68  56  56  LEU LEU A . n 
A 1 69  LEU 69  57  57  LEU LEU A . n 
A 1 70  LYS 70  58  58  LYS LYS A . n 
A 1 71  VAL 71  59  59  VAL VAL A . n 
A 1 72  SER 72  60  60  SER SER A . n 
A 1 73  GLY 73  61  61  GLY GLY A . n 
A 1 74  PHE 74  62  62  PHE PHE A . n 
A 1 75  HIS 75  63  63  HIS HIS A . n 
A 1 76  PHE 76  64  64  PHE PHE A . n 
A 1 77  PHE 77  65  65  PHE PHE A . n 
A 1 78  GLY 78  66  66  GLY GLY A . n 
A 1 79  PHE 79  67  67  PHE PHE A . n 
A 1 80  ILE 80  68  68  ILE ILE A . n 
A 1 81  PRO 81  69  69  PRO PRO A . n 
A 1 82  LYS 82  70  ?   ?   ?   A . n 
A 1 83  GLU 83  71  ?   ?   ?   A . n 
A 1 84  GLU 84  72  ?   ?   ?   A . n 
A 1 85  LEU 85  73  ?   ?   ?   A . n 
A 1 86  ILE 86  74  ?   ?   ?   A . n 
A 1 87  ARG 87  75  ?   ?   ?   A . n 
A 1 88  SER 88  76  ?   ?   ?   A . n 
A 1 89  SER 89  77  77  SER SER A . n 
A 1 90  MET 90  78  78  MET MET A . n 
A 1 91  LYS 91  79  79  LYS LYS A . n 
A 1 92  ARG 92  80  80  ARG ARG A . n 
A 1 93  LEU 93  81  81  LEU LEU A . n 
A 1 94  ILE 94  82  82  ILE ILE A . n 
A 1 95  ALA 95  83  83  ALA ALA A . n 
A 1 96  LYS 96  84  84  LYS LYS A . n 
A 1 97  ASN 97  85  85  ASN ASN A . n 
A 1 98  ALA 98  86  86  ALA ALA A . n 
A 1 99  SER 99  87  87  SER SER A . n 
A 1 100 GLU 100 88  88  GLU GLU A . n 
A 1 101 ILE 101 89  89  ILE ILE A . n 
A 1 102 MET 102 90  90  MET MET A . n 
A 1 103 LEU 103 91  91  LEU LEU A . n 
A 1 104 ASP 104 92  92  ASP ASP A . n 
A 1 105 PRO 105 93  93  PRO PRO A . n 
A 1 106 VAL 106 94  94  VAL VAL A . n 
A 1 107 TYR 107 95  95  TYR TYR A . n 
A 1 108 VAL 108 96  96  VAL VAL A . n 
A 1 109 HIS 109 97  97  HIS HIS A . n 
A 1 110 MET 110 98  98  MET MET A . n 
A 1 111 ASP 111 99  99  ASP ASP A . n 
A 1 112 THR 112 100 100 THR THR A . n 
A 1 113 PRO 113 101 101 PRO PRO A . n 
A 1 114 LEU 114 102 102 LEU LEU A . n 
A 1 115 GLU 115 103 103 GLU GLU A . n 
A 1 116 GLU 116 104 104 GLU GLU A . n 
A 1 117 ALA 117 105 105 ALA ALA A . n 
A 1 118 LEU 118 106 106 LEU LEU A . n 
A 1 119 LYS 119 107 107 LYS LYS A . n 
A 1 120 LEU 120 108 108 LEU LEU A . n 
A 1 121 MET 121 109 109 MET MET A . n 
A 1 122 ILE 122 110 110 ILE ILE A . n 
A 1 123 ASP 123 111 111 ASP ASP A . n 
A 1 124 ASN 124 112 112 ASN ASN A . n 
A 1 125 ASN 125 113 113 ASN ASN A . n 
A 1 126 ILE 126 114 114 ILE ILE A . n 
A 1 127 GLN 127 115 115 GLN GLN A . n 
A 1 128 GLU 128 116 116 GLU GLU A . n 
A 1 129 MET 129 117 117 MET MET A . n 
A 1 130 PRO 130 118 118 PRO PRO A . n 
A 1 131 VAL 131 119 119 VAL VAL A . n 
A 1 132 VAL 132 120 120 VAL VAL A . n 
A 1 133 ASP 133 121 121 ASP ASP A . n 
A 1 134 GLU 134 122 122 GLU GLU A . n 
A 1 135 LYS 135 123 123 LYS LYS A . n 
A 1 136 GLY 136 124 124 GLY GLY A . n 
A 1 137 GLU 137 125 125 GLU GLU A . n 
A 1 138 ILE 138 126 126 ILE ILE A . n 
A 1 139 VAL 139 127 127 VAL VAL A . n 
A 1 140 GLY 140 128 128 GLY GLY A . n 
A 1 141 ASP 141 129 129 ASP ASP A . n 
A 1 142 LEU 142 130 130 LEU LEU A . n 
A 1 143 ASN 143 131 131 ASN ASN A . n 
A 1 144 SER 144 132 132 SER SER A . n 
A 1 145 LEU 145 133 133 LEU LEU A . n 
A 1 146 GLU 146 134 134 GLU GLU A . n 
A 1 147 ILE 147 135 135 ILE ILE A . n 
A 1 148 LEU 148 136 136 LEU LEU A . n 
A 1 149 LEU 149 137 137 LEU LEU A . n 
A 1 150 ALA 150 138 138 ALA ALA A . n 
A 1 151 LEU 151 139 139 LEU LEU A . n 
A 1 152 TRP 152 140 140 TRP TRP A . n 
A 1 153 LYS 153 141 141 LYS LYS A . n 
A 1 154 GLY 154 142 142 GLY GLY A . n 
A 1 155 ARG 155 143 143 ARG ARG A . n 
A 1 156 GLU 156 144 144 GLU GLU A . n 
A 1 157 LYS 157 145 145 LYS LYS A . n 
# 
loop_
_pdbx_nonpoly_scheme.asym_id 
_pdbx_nonpoly_scheme.entity_id 
_pdbx_nonpoly_scheme.mon_id 
_pdbx_nonpoly_scheme.ndb_seq_num 
_pdbx_nonpoly_scheme.pdb_seq_num 
_pdbx_nonpoly_scheme.auth_seq_num 
_pdbx_nonpoly_scheme.pdb_mon_id 
_pdbx_nonpoly_scheme.auth_mon_id 
_pdbx_nonpoly_scheme.pdb_strand_id 
_pdbx_nonpoly_scheme.pdb_ins_code 
B 2 HOH 1   146 1   HOH HOH A . 
B 2 HOH 2   147 2   HOH HOH A . 
B 2 HOH 3   148 3   HOH HOH A . 
B 2 HOH 4   149 4   HOH HOH A . 
B 2 HOH 5   150 5   HOH HOH A . 
B 2 HOH 6   151 6   HOH HOH A . 
B 2 HOH 7   152 7   HOH HOH A . 
B 2 HOH 8   153 8   HOH HOH A . 
B 2 HOH 9   154 9   HOH HOH A . 
B 2 HOH 10  155 10  HOH HOH A . 
B 2 HOH 11  156 11  HOH HOH A . 
B 2 HOH 12  157 12  HOH HOH A . 
B 2 HOH 13  158 13  HOH HOH A . 
B 2 HOH 14  159 14  HOH HOH A . 
B 2 HOH 15  160 15  HOH HOH A . 
B 2 HOH 16  161 16  HOH HOH A . 
B 2 HOH 17  162 17  HOH HOH A . 
B 2 HOH 18  163 18  HOH HOH A . 
B 2 HOH 19  164 19  HOH HOH A . 
B 2 HOH 20  165 21  HOH HOH A . 
B 2 HOH 21  166 22  HOH HOH A . 
B 2 HOH 22  167 24  HOH HOH A . 
B 2 HOH 23  168 25  HOH HOH A . 
B 2 HOH 24  169 26  HOH HOH A . 
B 2 HOH 25  170 27  HOH HOH A . 
B 2 HOH 26  171 28  HOH HOH A . 
B 2 HOH 27  172 29  HOH HOH A . 
B 2 HOH 28  173 30  HOH HOH A . 
B 2 HOH 29  174 31  HOH HOH A . 
B 2 HOH 30  175 32  HOH HOH A . 
B 2 HOH 31  176 33  HOH HOH A . 
B 2 HOH 32  177 34  HOH HOH A . 
B 2 HOH 33  178 35  HOH HOH A . 
B 2 HOH 34  179 36  HOH HOH A . 
B 2 HOH 35  180 38  HOH HOH A . 
B 2 HOH 36  181 39  HOH HOH A . 
B 2 HOH 37  182 40  HOH HOH A . 
B 2 HOH 38  183 41  HOH HOH A . 
B 2 HOH 39  184 42  HOH HOH A . 
B 2 HOH 40  185 43  HOH HOH A . 
B 2 HOH 41  186 44  HOH HOH A . 
B 2 HOH 42  187 45  HOH HOH A . 
B 2 HOH 43  188 46  HOH HOH A . 
B 2 HOH 44  189 47  HOH HOH A . 
B 2 HOH 45  190 48  HOH HOH A . 
B 2 HOH 46  191 49  HOH HOH A . 
B 2 HOH 47  192 50  HOH HOH A . 
B 2 HOH 48  193 51  HOH HOH A . 
B 2 HOH 49  194 52  HOH HOH A . 
B 2 HOH 50  195 53  HOH HOH A . 
B 2 HOH 51  196 54  HOH HOH A . 
B 2 HOH 52  197 55  HOH HOH A . 
B 2 HOH 53  198 56  HOH HOH A . 
B 2 HOH 54  199 57  HOH HOH A . 
B 2 HOH 55  200 58  HOH HOH A . 
B 2 HOH 56  201 59  HOH HOH A . 
B 2 HOH 57  202 60  HOH HOH A . 
B 2 HOH 58  203 61  HOH HOH A . 
B 2 HOH 59  204 62  HOH HOH A . 
B 2 HOH 60  205 63  HOH HOH A . 
B 2 HOH 61  206 64  HOH HOH A . 
B 2 HOH 62  207 65  HOH HOH A . 
B 2 HOH 63  208 66  HOH HOH A . 
B 2 HOH 64  209 67  HOH HOH A . 
B 2 HOH 65  210 68  HOH HOH A . 
B 2 HOH 66  211 69  HOH HOH A . 
B 2 HOH 67  212 70  HOH HOH A . 
B 2 HOH 68  213 71  HOH HOH A . 
B 2 HOH 69  214 72  HOH HOH A . 
B 2 HOH 70  215 73  HOH HOH A . 
B 2 HOH 71  216 74  HOH HOH A . 
B 2 HOH 72  217 75  HOH HOH A . 
B 2 HOH 73  218 76  HOH HOH A . 
B 2 HOH 74  219 77  HOH HOH A . 
B 2 HOH 75  220 78  HOH HOH A . 
B 2 HOH 76  221 79  HOH HOH A . 
B 2 HOH 77  222 80  HOH HOH A . 
B 2 HOH 78  223 81  HOH HOH A . 
B 2 HOH 79  224 82  HOH HOH A . 
B 2 HOH 80  225 83  HOH HOH A . 
B 2 HOH 81  226 84  HOH HOH A . 
B 2 HOH 82  227 85  HOH HOH A . 
B 2 HOH 83  228 86  HOH HOH A . 
B 2 HOH 84  229 87  HOH HOH A . 
B 2 HOH 85  230 88  HOH HOH A . 
B 2 HOH 86  231 89  HOH HOH A . 
B 2 HOH 87  232 90  HOH HOH A . 
B 2 HOH 88  233 91  HOH HOH A . 
B 2 HOH 89  234 92  HOH HOH A . 
B 2 HOH 90  235 93  HOH HOH A . 
B 2 HOH 91  236 95  HOH HOH A . 
B 2 HOH 92  237 96  HOH HOH A . 
B 2 HOH 93  238 97  HOH HOH A . 
B 2 HOH 94  239 98  HOH HOH A . 
B 2 HOH 95  240 99  HOH HOH A . 
B 2 HOH 96  241 100 HOH HOH A . 
B 2 HOH 97  242 101 HOH HOH A . 
B 2 HOH 98  243 102 HOH HOH A . 
B 2 HOH 99  244 103 HOH HOH A . 
B 2 HOH 100 245 105 HOH HOH A . 
B 2 HOH 101 246 106 HOH HOH A . 
B 2 HOH 102 247 107 HOH HOH A . 
B 2 HOH 103 248 108 HOH HOH A . 
B 2 HOH 104 249 109 HOH HOH A . 
B 2 HOH 105 250 110 HOH HOH A . 
B 2 HOH 106 251 111 HOH HOH A . 
B 2 HOH 107 252 112 HOH HOH A . 
B 2 HOH 108 253 113 HOH HOH A . 
B 2 HOH 109 254 114 HOH HOH A . 
B 2 HOH 110 255 116 HOH HOH A . 
B 2 HOH 111 256 117 HOH HOH A . 
B 2 HOH 112 257 119 HOH HOH A . 
B 2 HOH 113 258 120 HOH HOH A . 
B 2 HOH 114 259 121 HOH HOH A . 
B 2 HOH 115 260 122 HOH HOH A . 
B 2 HOH 116 261 123 HOH HOH A . 
B 2 HOH 117 262 124 HOH HOH A . 
B 2 HOH 118 263 125 HOH HOH A . 
B 2 HOH 119 264 126 HOH HOH A . 
B 2 HOH 120 265 127 HOH HOH A . 
B 2 HOH 121 266 128 HOH HOH A . 
B 2 HOH 122 267 129 HOH HOH A . 
B 2 HOH 123 268 130 HOH HOH A . 
B 2 HOH 124 269 131 HOH HOH A . 
B 2 HOH 125 270 132 HOH HOH A . 
B 2 HOH 126 271 133 HOH HOH A . 
B 2 HOH 127 272 134 HOH HOH A . 
B 2 HOH 128 273 135 HOH HOH A . 
B 2 HOH 129 274 136 HOH HOH A . 
B 2 HOH 130 275 137 HOH HOH A . 
B 2 HOH 131 276 138 HOH HOH A . 
B 2 HOH 132 277 139 HOH HOH A . 
B 2 HOH 133 278 140 HOH HOH A . 
B 2 HOH 134 279 141 HOH HOH A . 
B 2 HOH 135 280 142 HOH HOH A . 
B 2 HOH 136 281 144 HOH HOH A . 
B 2 HOH 137 282 145 HOH HOH A . 
B 2 HOH 138 283 146 HOH HOH A . 
B 2 HOH 139 284 147 HOH HOH A . 
B 2 HOH 140 285 148 HOH HOH A . 
B 2 HOH 141 286 149 HOH HOH A . 
B 2 HOH 142 287 150 HOH HOH A . 
B 2 HOH 143 288 151 HOH HOH A . 
B 2 HOH 144 289 152 HOH HOH A . 
B 2 HOH 145 290 153 HOH HOH A . 
B 2 HOH 146 291 154 HOH HOH A . 
B 2 HOH 147 292 155 HOH HOH A . 
B 2 HOH 148 293 156 HOH HOH A . 
B 2 HOH 149 294 157 HOH HOH A . 
B 2 HOH 150 295 159 HOH HOH A . 
B 2 HOH 151 296 160 HOH HOH A . 
B 2 HOH 152 297 161 HOH HOH A . 
B 2 HOH 153 298 162 HOH HOH A . 
B 2 HOH 154 299 163 HOH HOH A . 
B 2 HOH 155 300 164 HOH HOH A . 
B 2 HOH 156 301 165 HOH HOH A . 
B 2 HOH 157 302 166 HOH HOH A . 
B 2 HOH 158 303 167 HOH HOH A . 
B 2 HOH 159 304 168 HOH HOH A . 
B 2 HOH 160 305 169 HOH HOH A . 
B 2 HOH 161 306 170 HOH HOH A . 
B 2 HOH 162 307 171 HOH HOH A . 
B 2 HOH 163 308 172 HOH HOH A . 
B 2 HOH 164 309 173 HOH HOH A . 
B 2 HOH 165 310 174 HOH HOH A . 
B 2 HOH 166 311 175 HOH HOH A . 
B 2 HOH 167 312 176 HOH HOH A . 
B 2 HOH 168 313 177 HOH HOH A . 
B 2 HOH 169 314 178 HOH HOH A . 
B 2 HOH 170 315 179 HOH HOH A . 
B 2 HOH 171 316 180 HOH HOH A . 
B 2 HOH 172 317 181 HOH HOH A . 
B 2 HOH 173 318 182 HOH HOH A . 
B 2 HOH 174 319 183 HOH HOH A . 
B 2 HOH 175 320 184 HOH HOH A . 
B 2 HOH 176 321 185 HOH HOH A . 
B 2 HOH 177 322 186 HOH HOH A . 
B 2 HOH 178 323 187 HOH HOH A . 
B 2 HOH 179 324 188 HOH HOH A . 
B 2 HOH 180 325 189 HOH HOH A . 
B 2 HOH 181 326 190 HOH HOH A . 
B 2 HOH 182 327 191 HOH HOH A . 
B 2 HOH 183 328 192 HOH HOH A . 
B 2 HOH 184 329 193 HOH HOH A . 
B 2 HOH 185 330 194 HOH HOH A . 
B 2 HOH 186 331 195 HOH HOH A . 
B 2 HOH 187 332 196 HOH HOH A . 
B 2 HOH 188 333 197 HOH HOH A . 
B 2 HOH 189 334 198 HOH HOH A . 
B 2 HOH 190 335 199 HOH HOH A . 
B 2 HOH 191 336 200 HOH HOH A . 
B 2 HOH 192 337 201 HOH HOH A . 
B 2 HOH 193 338 202 HOH HOH A . 
B 2 HOH 194 339 203 HOH HOH A . 
B 2 HOH 195 340 204 HOH HOH A . 
B 2 HOH 196 341 205 HOH HOH A . 
B 2 HOH 197 342 206 HOH HOH A . 
B 2 HOH 198 343 207 HOH HOH A . 
B 2 HOH 199 344 208 HOH HOH A . 
B 2 HOH 200 345 209 HOH HOH A . 
B 2 HOH 201 346 210 HOH HOH A . 
B 2 HOH 202 347 211 HOH HOH A . 
B 2 HOH 203 348 212 HOH HOH A . 
B 2 HOH 204 349 213 HOH HOH A . 
B 2 HOH 205 350 214 HOH HOH A . 
B 2 HOH 206 351 215 HOH HOH A . 
B 2 HOH 207 352 216 HOH HOH A . 
B 2 HOH 208 353 217 HOH HOH A . 
B 2 HOH 209 354 218 HOH HOH A . 
B 2 HOH 210 355 219 HOH HOH A . 
B 2 HOH 211 356 220 HOH HOH A . 
B 2 HOH 212 357 221 HOH HOH A . 
B 2 HOH 213 358 222 HOH HOH A . 
B 2 HOH 214 359 223 HOH HOH A . 
# 
loop_
_pdbx_unobs_or_zero_occ_atoms.id 
_pdbx_unobs_or_zero_occ_atoms.PDB_model_num 
_pdbx_unobs_or_zero_occ_atoms.polymer_flag 
_pdbx_unobs_or_zero_occ_atoms.occupancy_flag 
_pdbx_unobs_or_zero_occ_atoms.auth_asym_id 
_pdbx_unobs_or_zero_occ_atoms.auth_comp_id 
_pdbx_unobs_or_zero_occ_atoms.auth_seq_id 
_pdbx_unobs_or_zero_occ_atoms.PDB_ins_code 
_pdbx_unobs_or_zero_occ_atoms.auth_atom_id 
_pdbx_unobs_or_zero_occ_atoms.label_alt_id 
_pdbx_unobs_or_zero_occ_atoms.label_asym_id 
_pdbx_unobs_or_zero_occ_atoms.label_comp_id 
_pdbx_unobs_or_zero_occ_atoms.label_seq_id 
_pdbx_unobs_or_zero_occ_atoms.label_atom_id 
1 1 Y 1 A ARG 43  ? CZ  ? A ARG 55  CZ  
2 1 Y 1 A ARG 43  ? NH1 ? A ARG 55  NH1 
3 1 Y 1 A ARG 43  ? NH2 ? A ARG 55  NH2 
4 1 Y 1 A LYS 145 ? NZ  ? A LYS 157 NZ  
# 
loop_
_software.name 
_software.classification 
_software.version 
_software.citation_id 
_software.pdbx_ordinal 
MOSFLM  'data reduction' .         ? 1 
SCALA   'data scaling'   '4.2)'    ? 2 
SOLVE   phasing          .         ? 3 
RESOLVE 'model building' .         ? 4 
REFMAC  refinement       .         ? 5 
CCP4    'data scaling'   '(SCALA)' ? 6 
RESOLVE phasing          .         ? 7 
# 
_cell.length_a           45.169 
_cell.length_b           45.169 
_cell.length_c           177.196 
_cell.angle_alpha        90.00 
_cell.angle_beta         90.00 
_cell.angle_gamma        90.00 
_cell.entry_id           1O50 
_cell.pdbx_unique_axis   ? 
_cell.Z_PDB              8 
# 
_symmetry.space_group_name_H-M             'P 41 21 2' 
_symmetry.entry_id                         1O50 
_symmetry.pdbx_full_space_group_name_H-M   ? 
_symmetry.Int_Tables_number                92 
_symmetry.cell_setting                     ? 
_symmetry.space_group_name_Hall            ? 
# 
_exptl.crystals_number   2 
_exptl.method            'X-RAY DIFFRACTION' 
_exptl.entry_id          1O50 
# 
loop_
_exptl_crystal.id 
_exptl_crystal.density_percent_sol 
_exptl_crystal.density_Matthews 
_exptl_crystal.density_meas 
_exptl_crystal.description 
_exptl_crystal.F_000 
_exptl_crystal.preparation 
1 48.27 2.40 ? ? ? ? 
2 ?     ?    ? ? ? ? 
# 
loop_
_exptl_crystal_grow.crystal_id 
_exptl_crystal_grow.method 
_exptl_crystal_grow.pH 
_exptl_crystal_grow.temp 
_exptl_crystal_grow.pdbx_details 
_exptl_crystal_grow.temp_details 
_exptl_crystal_grow.pdbx_pH_range 
1 'VAPOR DIFFUSION,SITTING DROP,NANODROP' 6.0 277 
'crystal 1: 20% PEG-6000, 0.1M MES pH 6.0, 1M LiCl, VAPOR DIFFUSION,SITTING DROP,NANODROP, temperature 277K'       ? . 
2 'VAPOR DIFFUSION,SITTING DROP,NANODROP' 6.6 277 
'crystal 2:  0.2M ammonium formate, 20% PEG-3350, pH 6.6, VAPOR DIFFUSION,SITTING DROP,NANODROP, temperature 277K' ? . 
# 
loop_
_diffrn.id 
_diffrn.ambient_temp 
_diffrn.ambient_temp_details 
_diffrn.crystal_id 
1   100 ? 1 
2   100 ? 1 
1,2 ?   ? 1 
# 
loop_
_diffrn_detector.diffrn_id 
_diffrn_detector.detector 
_diffrn_detector.type 
_diffrn_detector.pdbx_collection_date 
_diffrn_detector.details 
1 CCD 'ADSC QUANTUM 315' 2001-06-03 'flat mirror' 
2 CCD 'ADSC QUANTUM 315' 2002-12-12 'flat mirror' 
# 
loop_
_diffrn_radiation.diffrn_id 
_diffrn_radiation.pdbx_monochromatic_or_laue_m_l 
_diffrn_radiation.monochromator 
_diffrn_radiation.wavelength_id 
_diffrn_radiation.pdbx_diffrn_protocol 
_diffrn_radiation.pdbx_scattering_type 
1 M 'single crystal Si(311) bent monochromator' 1 'SINGLE WAVELENGTH' x-ray 
2 M 'single crystal Si(311) bent monochromator' 1 MAD                 x-ray 
# 
loop_
_diffrn_radiation_wavelength.id 
_diffrn_radiation_wavelength.wavelength 
_diffrn_radiation_wavelength.wt 
1 0.97001 1.0 
2 0.97932 1.0 
3 0.90497 1.0 
# 
loop_
_diffrn_source.diffrn_id 
_diffrn_source.source 
_diffrn_source.pdbx_synchrotron_site 
_diffrn_source.pdbx_synchrotron_beamline 
_diffrn_source.type 
_diffrn_source.pdbx_wavelength 
_diffrn_source.pdbx_wavelength_list 
1 SYNCHROTRON SSRL BL9-1  'SSRL BEAMLINE BL9-1'  0.97001 ?                  
2 SYNCHROTRON SSRL BL11-1 'SSRL BEAMLINE BL11-1' ?       '0.97932, 0.90497' 
# 
_reflns.observed_criterion_sigma_F   ? 
_reflns.observed_criterion_sigma_I   ? 
_reflns.d_resolution_high            1.830 
_reflns.d_resolution_low             31.63 
_reflns.number_all                   16963 
_reflns.number_obs                   16963 
_reflns.percent_possible_obs         99.0 
_reflns.pdbx_Rmerge_I_obs            ? 
_reflns.pdbx_netI_over_sigmaI        10.5 
_reflns.B_iso_Wilson_estimate        32.45 
_reflns.pdbx_redundancy              3.2 
_reflns.pdbx_Rsym_value              0.072 
_reflns.entry_id                     1O50 
_reflns.R_free_details               ? 
_reflns.limit_h_max                  ? 
_reflns.limit_h_min                  ? 
_reflns.limit_k_max                  ? 
_reflns.limit_k_min                  ? 
_reflns.limit_l_max                  ? 
_reflns.limit_l_min                  ? 
_reflns.observed_criterion_F_max     ? 
_reflns.observed_criterion_F_min     ? 
_reflns.pdbx_chi_squared             ? 
_reflns.pdbx_scaling_rejects         ? 
_reflns.pdbx_ordinal                 1 
_reflns.pdbx_diffrn_id               1,2 
# 
_reflns_shell.d_res_high             1.83 
_reflns_shell.d_res_low              1.88 
_reflns_shell.percent_possible_all   90.6 
_reflns_shell.pdbx_Rsym_value        0.62 
_reflns_shell.pdbx_redundancy        3.1 
_reflns_shell.number_unique_all      1130 
_reflns_shell.meanI_over_sigI_obs    1.7 
_reflns_shell.Rmerge_I_obs           ? 
_reflns_shell.percent_possible_obs   ? 
_reflns_shell.number_measured_all    ? 
_reflns_shell.number_measured_obs    ? 
_reflns_shell.number_unique_obs      ? 
_reflns_shell.pdbx_chi_squared       ? 
_reflns_shell.pdbx_ordinal           1 
_reflns_shell.pdbx_diffrn_id         1,2 
# 
_refine.ls_d_res_high                            1.87 
_refine.ls_d_res_low                             31.43 
_refine.pdbx_ls_sigma_F                          ? 
_refine.pdbx_ls_sigma_I                          ? 
_refine.ls_number_reflns_obs                     15161 
_refine.ls_number_reflns_R_free                  813 
_refine.ls_percent_reflns_R_free                 5.1 
_refine.ls_percent_reflns_obs                    99.41 
_refine.ls_R_factor_obs                          0.19435 
_refine.ls_R_factor_R_work                       0.19113 
_refine.ls_R_factor_R_free                       0.25495 
_refine.pdbx_R_Free_selection_details            RANDOM 
_refine.pdbx_stereochemistry_target_values       'MAXIMUM LIKELIHOOD' 
_refine.pdbx_method_to_determine_struct          MAD 
_refine.pdbx_starting_model                      ? 
_refine.pdbx_ls_cross_valid_method               THROUGHOUT 
_refine.pdbx_isotropic_thermal_model             ISOTROPIC 
_refine.B_iso_mean                               32.331 
_refine.aniso_B[1][1]                            -0.17 
_refine.aniso_B[2][2]                            -0.17 
_refine.aniso_B[3][3]                            0.34 
_refine.aniso_B[1][2]                            0.00 
_refine.aniso_B[1][3]                            0.00 
_refine.aniso_B[2][3]                            0.00 
_refine.details                                  
;1. ADDITIONAL N-TERMINAL HIS-TAG RESIDUES INDICATED BY CONTINUOUS BUT UNINTERPRETABLE DENSITY, AND WAS MODELED BY WATERS. 2. PROMINENT DENSITY AT MISSING RESIDUE A70 WAS MODELED AS WATER CHAIN. 3. PROMINENT CONTINUOUS DENSITY AROUND RESIDUE A29 WAS MODELED AS WATER CHAIN. 4. HYDROGENS HAVE BEEN ADDED IN THE RIDING POSITIONS.
;
_refine.pdbx_overall_ESU_R                       0.135 
_refine.pdbx_overall_ESU_R_Free                  0.145 
_refine.overall_SU_ML                            0.132 
_refine.overall_SU_B                             8.887 
_refine.correlation_coeff_Fo_to_Fc               0.963 
_refine.correlation_coeff_Fo_to_Fc_free          0.938 
_refine.solvent_model_details                    'BABINET MODEL WITH MASK' 
_refine.pdbx_solvent_vdw_probe_radii             1.40 
_refine.pdbx_solvent_ion_probe_radii             0.80 
_refine.pdbx_solvent_shrinkage_radii             0.80 
_refine.entry_id                                 1O50 
_refine.ls_R_factor_all                          ? 
_refine.ls_number_reflns_all                     ? 
_refine.ls_redundancy_reflns_obs                 ? 
_refine.pdbx_data_cutoff_high_absF               ? 
_refine.pdbx_data_cutoff_low_absF                ? 
_refine.ls_number_parameters                     ? 
_refine.ls_number_restraints                     ? 
_refine.ls_R_factor_R_free_error                 ? 
_refine.ls_R_factor_R_free_error_details         ? 
_refine.pdbx_stereochem_target_val_spec_case     ? 
_refine.solvent_model_param_bsol                 ? 
_refine.solvent_model_param_ksol                 ? 
_refine.occupancy_max                            ? 
_refine.occupancy_min                            ? 
_refine.pdbx_data_cutoff_high_rms_absF           ? 
_refine.B_iso_min                                ? 
_refine.B_iso_max                                ? 
_refine.overall_SU_R_Cruickshank_DPI             ? 
_refine.overall_SU_R_free                        ? 
_refine.ls_wR_factor_R_free                      ? 
_refine.ls_wR_factor_R_work                      ? 
_refine.overall_FOM_free_R_set                   ? 
_refine.overall_FOM_work_R_set                   ? 
_refine.pdbx_refine_id                           'X-RAY DIFFRACTION' 
_refine.pdbx_TLS_residual_ADP_flag               'LIKELY RESIDUAL' 
_refine.pdbx_diffrn_id                           1 
_refine.pdbx_overall_phase_error                 ? 
_refine.pdbx_overall_SU_R_free_Cruickshank_DPI   ? 
_refine.pdbx_overall_SU_R_Blow_DPI               ? 
_refine.pdbx_overall_SU_R_free_Blow_DPI          ? 
# 
_refine_hist.pdbx_refine_id                   'X-RAY DIFFRACTION' 
_refine_hist.cycle_id                         LAST 
_refine_hist.pdbx_number_atoms_protein        1124 
_refine_hist.pdbx_number_atoms_nucleic_acid   0 
_refine_hist.pdbx_number_atoms_ligand         0 
_refine_hist.number_atoms_solvent             214 
_refine_hist.number_atoms_total               1338 
_refine_hist.d_res_high                       1.87 
_refine_hist.d_res_low                        31.43 
# 
loop_
_refine_ls_restr.type 
_refine_ls_restr.number 
_refine_ls_restr.dev_ideal 
_refine_ls_restr.dev_ideal_target 
_refine_ls_restr.weight 
_refine_ls_restr.pdbx_refine_id 
_refine_ls_restr.pdbx_restraint_function 
r_bond_refined_d         1153 0.018  0.022  ? 'X-RAY DIFFRACTION' ? 
r_bond_other_d           1108 0.002  0.020  ? 'X-RAY DIFFRACTION' ? 
r_angle_refined_deg      1558 1.549  1.984  ? 'X-RAY DIFFRACTION' ? 
r_angle_other_deg        2592 0.882  3.000  ? 'X-RAY DIFFRACTION' ? 
r_dihedral_angle_1_deg   139  5.331  5.000  ? 'X-RAY DIFFRACTION' ? 
r_dihedral_angle_2_deg   48   32.217 25.625 ? 'X-RAY DIFFRACTION' ? 
r_dihedral_angle_3_deg   228  13.825 15.000 ? 'X-RAY DIFFRACTION' ? 
r_dihedral_angle_4_deg   4    8.069  15.000 ? 'X-RAY DIFFRACTION' ? 
r_chiral_restr           186  0.100  0.200  ? 'X-RAY DIFFRACTION' ? 
r_gen_planes_refined     1219 0.006  0.020  ? 'X-RAY DIFFRACTION' ? 
r_gen_planes_other       192  0.002  0.020  ? 'X-RAY DIFFRACTION' ? 
r_nbd_refined            235  0.208  0.200  ? 'X-RAY DIFFRACTION' ? 
r_nbd_other              1271 0.233  0.200  ? 'X-RAY DIFFRACTION' ? 
r_nbtor_other            658  0.085  0.200  ? 'X-RAY DIFFRACTION' ? 
r_xyhbond_nbd_refined    134  0.222  0.200  ? 'X-RAY DIFFRACTION' ? 
r_symmetry_vdw_refined   7    0.106  0.200  ? 'X-RAY DIFFRACTION' ? 
r_symmetry_vdw_other     54   0.253  0.200  ? 'X-RAY DIFFRACTION' ? 
r_symmetry_hbond_refined 16   0.115  0.200  ? 'X-RAY DIFFRACTION' ? 
r_mcbond_it              708  0.799  1.500  ? 'X-RAY DIFFRACTION' ? 
r_mcangle_it             1163 1.372  2.000  ? 'X-RAY DIFFRACTION' ? 
r_scbond_it              445  2.123  3.000  ? 'X-RAY DIFFRACTION' ? 
r_scangle_it             395  3.409  4.500  ? 'X-RAY DIFFRACTION' ? 
# 
_refine_ls_shell.pdbx_total_number_of_bins_used   20 
_refine_ls_shell.d_res_high                       1.870 
_refine_ls_shell.d_res_low                        1.919 
_refine_ls_shell.percent_reflns_obs               ? 
_refine_ls_shell.number_reflns_R_work             1069 
_refine_ls_shell.R_factor_R_work                  0.339 
_refine_ls_shell.percent_reflns_R_free            5.73 
_refine_ls_shell.number_reflns_R_free             65 
_refine_ls_shell.R_factor_R_free                  0.372 
_refine_ls_shell.R_factor_R_free_error            ? 
_refine_ls_shell.redundancy_reflns_obs            ? 
_refine_ls_shell.number_reflns_all                ? 
_refine_ls_shell.number_reflns_obs                ? 
_refine_ls_shell.pdbx_refine_id                   'X-RAY DIFFRACTION' 
_refine_ls_shell.R_factor_all                     ? 
# 
_struct.entry_id                  1O50 
_struct.title                     
'Crystal structure of a cbs domain-containing protein (tm0935) from thermotoga maritima at 1.87 A resolution' 
_struct.pdbx_model_details        ? 
_struct.pdbx_CASP_flag            ? 
_struct.pdbx_model_type_details   ? 
# 
_struct_keywords.text            
;Cbs-domain pair fold, structural genomics, Joint Center for Structural Genomics, JCSG, Protein Structure Initiative, PSI, transferase
;
_struct_keywords.pdbx_keywords   TRANSFERASE 
_struct_keywords.entry_id        1O50 
# 
loop_
_struct_asym.id 
_struct_asym.pdbx_blank_PDB_chainid_flag 
_struct_asym.pdbx_modified 
_struct_asym.entity_id 
_struct_asym.details 
A N N 1 ? 
B N N 2 ? 
# 
_struct_ref.id                         1 
_struct_ref.db_name                    UNP 
_struct_ref.db_code                    Q9X033_THEMA 
_struct_ref.pdbx_db_accession          Q9X033 
_struct_ref.entity_id                  1 
_struct_ref.pdbx_seq_one_letter_code   
;MKVKDVCKLISLKPTVVEEDTPIEEIVDRILEDPVTRTVYVARDNKLVGMIPVMHLLKVSGFHFFGFIPKEELIRSSMKR
LIAKNASEIMLDPVYVHMDTPLEEALKLMIDNNIQEMPVVDEKGEIVGDLNSLEILLALWKGREK
;
_struct_ref.pdbx_align_begin           1 
_struct_ref.pdbx_db_isoform            ? 
# 
_struct_ref_seq.align_id                      1 
_struct_ref_seq.ref_id                        1 
_struct_ref_seq.pdbx_PDB_id_code              1O50 
_struct_ref_seq.pdbx_strand_id                A 
_struct_ref_seq.seq_align_beg                 13 
_struct_ref_seq.pdbx_seq_align_beg_ins_code   ? 
_struct_ref_seq.seq_align_end                 157 
_struct_ref_seq.pdbx_seq_align_end_ins_code   ? 
_struct_ref_seq.pdbx_db_accession             Q9X033 
_struct_ref_seq.db_align_beg                  1 
_struct_ref_seq.pdbx_db_align_beg_ins_code    ? 
_struct_ref_seq.db_align_end                  145 
_struct_ref_seq.pdbx_db_align_end_ins_code    ? 
_struct_ref_seq.pdbx_auth_seq_align_beg       1 
_struct_ref_seq.pdbx_auth_seq_align_end       145 
# 
loop_
_struct_ref_seq_dif.align_id 
_struct_ref_seq_dif.pdbx_pdb_id_code 
_struct_ref_seq_dif.mon_id 
_struct_ref_seq_dif.pdbx_pdb_strand_id 
_struct_ref_seq_dif.seq_num 
_struct_ref_seq_dif.pdbx_pdb_ins_code 
_struct_ref_seq_dif.pdbx_seq_db_name 
_struct_ref_seq_dif.pdbx_seq_db_accession_code 
_struct_ref_seq_dif.db_mon_id 
_struct_ref_seq_dif.pdbx_seq_db_seq_num 
_struct_ref_seq_dif.details 
_struct_ref_seq_dif.pdbx_auth_seq_num 
_struct_ref_seq_dif.pdbx_ordinal 
1 1O50 MET A 1  ? UNP Q9X033 ? ? 'expression tag' -11 1  
1 1O50 GLY A 2  ? UNP Q9X033 ? ? 'expression tag' -10 2  
1 1O50 SER A 3  ? UNP Q9X033 ? ? 'expression tag' -9  3  
1 1O50 ASP A 4  ? UNP Q9X033 ? ? 'expression tag' -8  4  
1 1O50 LYS A 5  ? UNP Q9X033 ? ? 'expression tag' -7  5  
1 1O50 ILE A 6  ? UNP Q9X033 ? ? 'expression tag' -6  6  
1 1O50 HIS A 7  ? UNP Q9X033 ? ? 'expression tag' -5  7  
1 1O50 HIS A 8  ? UNP Q9X033 ? ? 'expression tag' -4  8  
1 1O50 HIS A 9  ? UNP Q9X033 ? ? 'expression tag' -3  9  
1 1O50 HIS A 10 ? UNP Q9X033 ? ? 'expression tag' -2  10 
1 1O50 HIS A 11 ? UNP Q9X033 ? ? 'expression tag' -1  11 
1 1O50 HIS A 12 ? UNP Q9X033 ? ? 'expression tag' 0   12 
# 
_pdbx_struct_assembly.id                   1 
_pdbx_struct_assembly.details              author_and_software_defined_assembly 
_pdbx_struct_assembly.method_details       PISA,PQS 
_pdbx_struct_assembly.oligomeric_details   dimeric 
_pdbx_struct_assembly.oligomeric_count     2 
# 
loop_
_pdbx_struct_assembly_prop.biol_id 
_pdbx_struct_assembly_prop.type 
_pdbx_struct_assembly_prop.value 
_pdbx_struct_assembly_prop.details 
1 'ABSA (A^2)' 4430  ? 
1 MORE         -42   ? 
1 'SSA (A^2)'  13400 ? 
# 
_pdbx_struct_assembly_gen.assembly_id       1 
_pdbx_struct_assembly_gen.oper_expression   1,2 
_pdbx_struct_assembly_gen.asym_id_list      A,B 
# 
loop_
_pdbx_struct_oper_list.id 
_pdbx_struct_oper_list.type 
_pdbx_struct_oper_list.name 
_pdbx_struct_oper_list.symmetry_operation 
_pdbx_struct_oper_list.matrix[1][1] 
_pdbx_struct_oper_list.matrix[1][2] 
_pdbx_struct_oper_list.matrix[1][3] 
_pdbx_struct_oper_list.vector[1] 
_pdbx_struct_oper_list.matrix[2][1] 
_pdbx_struct_oper_list.matrix[2][2] 
_pdbx_struct_oper_list.matrix[2][3] 
_pdbx_struct_oper_list.vector[2] 
_pdbx_struct_oper_list.matrix[3][1] 
_pdbx_struct_oper_list.matrix[3][2] 
_pdbx_struct_oper_list.matrix[3][3] 
_pdbx_struct_oper_list.vector[3] 
1 'identity operation'         1_555 x,y,z    1.0000000000 0.0000000000  0.0000000000 0.0000000000  0.0000000000  1.0000000000  0.0000000000  0.0000000000  0.0000000000 0.0000000000  1.0000000000  0.0000000000  
2 'crystal symmetry operation' 7_556 y,x,-z+1 0.3682338948 -0.9248539365 0.0951262051 -3.1603801478 -0.9248539365 -0.3748475264 -0.0643002966 -2.6635348342 0.0951262051 -0.0643002966 -0.9933863684 19.5609460068 
# 
_struct_biol.id   1 
# 
loop_
_struct_conf.conf_type_id 
_struct_conf.id 
_struct_conf.pdbx_PDB_helix_id 
_struct_conf.beg_label_comp_id 
_struct_conf.beg_label_asym_id 
_struct_conf.beg_label_seq_id 
_struct_conf.pdbx_beg_PDB_ins_code 
_struct_conf.end_label_comp_id 
_struct_conf.end_label_asym_id 
_struct_conf.end_label_seq_id 
_struct_conf.pdbx_end_PDB_ins_code 
_struct_conf.beg_auth_comp_id 
_struct_conf.beg_auth_asym_id 
_struct_conf.beg_auth_seq_id 
_struct_conf.end_auth_comp_id 
_struct_conf.end_auth_asym_id 
_struct_conf.end_auth_seq_id 
_struct_conf.pdbx_PDB_helix_class 
_struct_conf.details 
_struct_conf.pdbx_PDB_helix_length 
HELX_P HELX_P1 1 LYS A 14  ? CYS A 19  ? LYS A 2   CYS A 7   1 ? 6  
HELX_P HELX_P2 2 PRO A 34  ? ASP A 45  ? PRO A 22  ASP A 33  1 ? 12 
HELX_P HELX_P3 3 VAL A 65  ? GLY A 78  ? VAL A 53  GLY A 66  1 ? 14 
HELX_P HELX_P4 4 ASN A 97  ? MET A 102 ? ASN A 85  MET A 90  1 ? 6  
HELX_P HELX_P5 5 PRO A 113 ? ASN A 125 ? PRO A 101 ASN A 113 1 ? 13 
HELX_P HELX_P6 6 SER A 144 ? GLY A 154 ? SER A 132 GLY A 142 1 ? 11 
# 
_struct_conf_type.id          HELX_P 
_struct_conf_type.criteria    ? 
_struct_conf_type.reference   ? 
# 
loop_
_struct_sheet.id 
_struct_sheet.type 
_struct_sheet.number_strands 
_struct_sheet.details 
A ? 3 ? 
B ? 2 ? 
# 
loop_
_struct_sheet_order.sheet_id 
_struct_sheet_order.range_id_1 
_struct_sheet_order.range_id_2 
_struct_sheet_order.offset 
_struct_sheet_order.sense 
A 1 2 ? parallel      
A 2 3 ? anti-parallel 
B 1 2 ? anti-parallel 
# 
loop_
_struct_sheet_range.sheet_id 
_struct_sheet_range.id 
_struct_sheet_range.beg_label_comp_id 
_struct_sheet_range.beg_label_asym_id 
_struct_sheet_range.beg_label_seq_id 
_struct_sheet_range.pdbx_beg_PDB_ins_code 
_struct_sheet_range.end_label_comp_id 
_struct_sheet_range.end_label_asym_id 
_struct_sheet_range.end_label_seq_id 
_struct_sheet_range.pdbx_end_PDB_ins_code 
_struct_sheet_range.beg_auth_comp_id 
_struct_sheet_range.beg_auth_asym_id 
_struct_sheet_range.beg_auth_seq_id 
_struct_sheet_range.end_auth_comp_id 
_struct_sheet_range.end_auth_asym_id 
_struct_sheet_range.end_auth_seq_id 
A 1 THR A 27  ? VAL A 29  ? THR A 15  VAL A 17  
A 2 THR A 50  ? ARG A 55  ? THR A 38  ARG A 43  
A 3 LYS A 58  ? PRO A 64  ? LYS A 46  PRO A 52  
B 1 GLU A 128 ? VAL A 132 ? GLU A 116 VAL A 120 
B 2 ILE A 138 ? ASN A 143 ? ILE A 126 ASN A 131 
# 
loop_
_pdbx_struct_sheet_hbond.sheet_id 
_pdbx_struct_sheet_hbond.range_id_1 
_pdbx_struct_sheet_hbond.range_id_2 
_pdbx_struct_sheet_hbond.range_1_label_atom_id 
_pdbx_struct_sheet_hbond.range_1_label_comp_id 
_pdbx_struct_sheet_hbond.range_1_label_asym_id 
_pdbx_struct_sheet_hbond.range_1_label_seq_id 
_pdbx_struct_sheet_hbond.range_1_PDB_ins_code 
_pdbx_struct_sheet_hbond.range_1_auth_atom_id 
_pdbx_struct_sheet_hbond.range_1_auth_comp_id 
_pdbx_struct_sheet_hbond.range_1_auth_asym_id 
_pdbx_struct_sheet_hbond.range_1_auth_seq_id 
_pdbx_struct_sheet_hbond.range_2_label_atom_id 
_pdbx_struct_sheet_hbond.range_2_label_comp_id 
_pdbx_struct_sheet_hbond.range_2_label_asym_id 
_pdbx_struct_sheet_hbond.range_2_label_seq_id 
_pdbx_struct_sheet_hbond.range_2_PDB_ins_code 
_pdbx_struct_sheet_hbond.range_2_auth_atom_id 
_pdbx_struct_sheet_hbond.range_2_auth_comp_id 
_pdbx_struct_sheet_hbond.range_2_auth_asym_id 
_pdbx_struct_sheet_hbond.range_2_auth_seq_id 
A 1 2 N VAL A 29  ? N VAL A 17  O TYR A 52  ? O TYR A 40  
A 2 3 N VAL A 51  ? N VAL A 39  O ILE A 63  ? O ILE A 51  
B 1 2 N VAL A 131 ? N VAL A 119 O VAL A 139 ? O VAL A 127 
# 
_pdbx_validate_close_contact.id               1 
_pdbx_validate_close_contact.PDB_model_num    1 
_pdbx_validate_close_contact.auth_atom_id_1   O 
_pdbx_validate_close_contact.auth_asym_id_1   A 
_pdbx_validate_close_contact.auth_comp_id_1   HOH 
_pdbx_validate_close_contact.auth_seq_id_1    330 
_pdbx_validate_close_contact.PDB_ins_code_1   ? 
_pdbx_validate_close_contact.label_alt_id_1   ? 
_pdbx_validate_close_contact.auth_atom_id_2   O 
_pdbx_validate_close_contact.auth_asym_id_2   A 
_pdbx_validate_close_contact.auth_comp_id_2   HOH 
_pdbx_validate_close_contact.auth_seq_id_2    331 
_pdbx_validate_close_contact.PDB_ins_code_2   ? 
_pdbx_validate_close_contact.label_alt_id_2   ? 
_pdbx_validate_close_contact.dist             2.01 
# 
_pdbx_validate_rmsd_angle.id                         1 
_pdbx_validate_rmsd_angle.PDB_model_num              1 
_pdbx_validate_rmsd_angle.auth_atom_id_1             CB 
_pdbx_validate_rmsd_angle.auth_asym_id_1             A 
_pdbx_validate_rmsd_angle.auth_comp_id_1             ASP 
_pdbx_validate_rmsd_angle.auth_seq_id_1              99 
_pdbx_validate_rmsd_angle.PDB_ins_code_1             ? 
_pdbx_validate_rmsd_angle.label_alt_id_1             B 
_pdbx_validate_rmsd_angle.auth_atom_id_2             CG 
_pdbx_validate_rmsd_angle.auth_asym_id_2             A 
_pdbx_validate_rmsd_angle.auth_comp_id_2             ASP 
_pdbx_validate_rmsd_angle.auth_seq_id_2              99 
_pdbx_validate_rmsd_angle.PDB_ins_code_2             ? 
_pdbx_validate_rmsd_angle.label_alt_id_2             B 
_pdbx_validate_rmsd_angle.auth_atom_id_3             OD2 
_pdbx_validate_rmsd_angle.auth_asym_id_3             A 
_pdbx_validate_rmsd_angle.auth_comp_id_3             ASP 
_pdbx_validate_rmsd_angle.auth_seq_id_3              99 
_pdbx_validate_rmsd_angle.PDB_ins_code_3             ? 
_pdbx_validate_rmsd_angle.label_alt_id_3             B 
_pdbx_validate_rmsd_angle.angle_value                124.71 
_pdbx_validate_rmsd_angle.angle_target_value         118.30 
_pdbx_validate_rmsd_angle.angle_deviation            6.41 
_pdbx_validate_rmsd_angle.angle_standard_deviation   0.90 
_pdbx_validate_rmsd_angle.linker_flag                N 
# 
_pdbx_validate_torsion.id              1 
_pdbx_validate_torsion.PDB_model_num   1 
_pdbx_validate_torsion.auth_comp_id    HIS 
_pdbx_validate_torsion.auth_asym_id    A 
_pdbx_validate_torsion.auth_seq_id     -1 
_pdbx_validate_torsion.PDB_ins_code    ? 
_pdbx_validate_torsion.label_alt_id    ? 
_pdbx_validate_torsion.phi             58.87 
_pdbx_validate_torsion.psi             11.91 
# 
_pdbx_SG_project.id                    1 
_pdbx_SG_project.project_name          'PSI, Protein Structure Initiative' 
_pdbx_SG_project.full_name_of_center   'Joint Center for Structural Genomics' 
_pdbx_SG_project.initial_of_center     JCSG 
# 
_pdbx_refine_tls.id               1 
_pdbx_refine_tls.details          . 
_pdbx_refine_tls.method           refined 
_pdbx_refine_tls.origin_x         -0.0122 
_pdbx_refine_tls.origin_y         -0.1168 
_pdbx_refine_tls.origin_z         0.3377 
_pdbx_refine_tls.T[1][1]          -0.2230 
_pdbx_refine_tls.T[2][2]          -0.0996 
_pdbx_refine_tls.T[3][3]          -0.2031 
_pdbx_refine_tls.T[1][2]          0.0909 
_pdbx_refine_tls.T[1][3]          0.0037 
_pdbx_refine_tls.T[2][3]          -0.0318 
_pdbx_refine_tls.L[1][1]          2.3057 
_pdbx_refine_tls.L[2][2]          3.6680 
_pdbx_refine_tls.L[3][3]          1.1810 
_pdbx_refine_tls.L[1][2]          2.4643 
_pdbx_refine_tls.L[1][3]          -0.3224 
_pdbx_refine_tls.L[2][3]          -0.1706 
_pdbx_refine_tls.S[1][1]          -0.2669 
_pdbx_refine_tls.S[2][2]          0.3606 
_pdbx_refine_tls.S[3][3]          -0.0938 
_pdbx_refine_tls.S[1][2]          0.3235 
_pdbx_refine_tls.S[1][3]          -0.1059 
_pdbx_refine_tls.S[2][3]          -0.1019 
_pdbx_refine_tls.S[2][1]          -0.4332 
_pdbx_refine_tls.S[3][1]          0.0507 
_pdbx_refine_tls.S[3][2]          -0.0408 
_pdbx_refine_tls.pdbx_refine_id   'X-RAY DIFFRACTION' 
# 
_pdbx_refine_tls_group.id                  1 
_pdbx_refine_tls_group.refine_tls_id       1 
_pdbx_refine_tls_group.beg_label_asym_id   A 
_pdbx_refine_tls_group.beg_label_seq_id    10 
_pdbx_refine_tls_group.end_label_asym_id   A 
_pdbx_refine_tls_group.end_label_seq_id    157 
_pdbx_refine_tls_group.selection           ALL 
_pdbx_refine_tls_group.beg_auth_asym_id    A 
_pdbx_refine_tls_group.beg_auth_seq_id     -2 
_pdbx_refine_tls_group.end_auth_asym_id    A 
_pdbx_refine_tls_group.end_auth_seq_id     145 
_pdbx_refine_tls_group.pdbx_refine_id      'X-RAY DIFFRACTION' 
_pdbx_refine_tls_group.selection_details   ? 
# 
loop_
_pdbx_unobs_or_zero_occ_residues.id 
_pdbx_unobs_or_zero_occ_residues.PDB_model_num 
_pdbx_unobs_or_zero_occ_residues.polymer_flag 
_pdbx_unobs_or_zero_occ_residues.occupancy_flag 
_pdbx_unobs_or_zero_occ_residues.auth_asym_id 
_pdbx_unobs_or_zero_occ_residues.auth_comp_id 
_pdbx_unobs_or_zero_occ_residues.auth_seq_id 
_pdbx_unobs_or_zero_occ_residues.PDB_ins_code 
_pdbx_unobs_or_zero_occ_residues.label_asym_id 
_pdbx_unobs_or_zero_occ_residues.label_comp_id 
_pdbx_unobs_or_zero_occ_residues.label_seq_id 
1  1 Y 1 A MET -11 ? A MET 1  
2  1 Y 1 A GLY -10 ? A GLY 2  
3  1 Y 1 A SER -9  ? A SER 3  
4  1 Y 1 A ASP -8  ? A ASP 4  
5  1 Y 1 A LYS -7  ? A LYS 5  
6  1 Y 1 A ILE -6  ? A ILE 6  
7  1 Y 1 A HIS -5  ? A HIS 7  
8  1 Y 1 A HIS -4  ? A HIS 8  
9  1 Y 1 A HIS -3  ? A HIS 9  
10 1 Y 1 A LYS 70  ? A LYS 82 
11 1 Y 1 A GLU 71  ? A GLU 83 
12 1 Y 1 A GLU 72  ? A GLU 84 
13 1 Y 1 A LEU 73  ? A LEU 85 
14 1 Y 1 A ILE 74  ? A ILE 86 
15 1 Y 1 A ARG 75  ? A ARG 87 
16 1 Y 1 A SER 76  ? A SER 88 
# 
loop_
_chem_comp_atom.comp_id 
_chem_comp_atom.atom_id 
_chem_comp_atom.type_symbol 
_chem_comp_atom.pdbx_aromatic_flag 
_chem_comp_atom.pdbx_stereo_config 
_chem_comp_atom.pdbx_ordinal 
ALA N    N N N 1   
ALA CA   C N S 2   
ALA C    C N N 3   
ALA O    O N N 4   
ALA CB   C N N 5   
ALA OXT  O N N 6   
ALA H    H N N 7   
ALA H2   H N N 8   
ALA HA   H N N 9   
ALA HB1  H N N 10  
ALA HB2  H N N 11  
ALA HB3  H N N 12  
ALA HXT  H N N 13  
ARG N    N N N 14  
ARG CA   C N S 15  
ARG C    C N N 16  
ARG O    O N N 17  
ARG CB   C N N 18  
ARG CG   C N N 19  
ARG CD   C N N 20  
ARG NE   N N N 21  
ARG CZ   C N N 22  
ARG NH1  N N N 23  
ARG NH2  N N N 24  
ARG OXT  O N N 25  
ARG H    H N N 26  
ARG H2   H N N 27  
ARG HA   H N N 28  
ARG HB2  H N N 29  
ARG HB3  H N N 30  
ARG HG2  H N N 31  
ARG HG3  H N N 32  
ARG HD2  H N N 33  
ARG HD3  H N N 34  
ARG HE   H N N 35  
ARG HH11 H N N 36  
ARG HH12 H N N 37  
ARG HH21 H N N 38  
ARG HH22 H N N 39  
ARG HXT  H N N 40  
ASN N    N N N 41  
ASN CA   C N S 42  
ASN C    C N N 43  
ASN O    O N N 44  
ASN CB   C N N 45  
ASN CG   C N N 46  
ASN OD1  O N N 47  
ASN ND2  N N N 48  
ASN OXT  O N N 49  
ASN H    H N N 50  
ASN H2   H N N 51  
ASN HA   H N N 52  
ASN HB2  H N N 53  
ASN HB3  H N N 54  
ASN HD21 H N N 55  
ASN HD22 H N N 56  
ASN HXT  H N N 57  
ASP N    N N N 58  
ASP CA   C N S 59  
ASP C    C N N 60  
ASP O    O N N 61  
ASP CB   C N N 62  
ASP CG   C N N 63  
ASP OD1  O N N 64  
ASP OD2  O N N 65  
ASP OXT  O N N 66  
ASP H    H N N 67  
ASP H2   H N N 68  
ASP HA   H N N 69  
ASP HB2  H N N 70  
ASP HB3  H N N 71  
ASP HD2  H N N 72  
ASP HXT  H N N 73  
CYS N    N N N 74  
CYS CA   C N R 75  
CYS C    C N N 76  
CYS O    O N N 77  
CYS CB   C N N 78  
CYS SG   S N N 79  
CYS OXT  O N N 80  
CYS H    H N N 81  
CYS H2   H N N 82  
CYS HA   H N N 83  
CYS HB2  H N N 84  
CYS HB3  H N N 85  
CYS HG   H N N 86  
CYS HXT  H N N 87  
GLN N    N N N 88  
GLN CA   C N S 89  
GLN C    C N N 90  
GLN O    O N N 91  
GLN CB   C N N 92  
GLN CG   C N N 93  
GLN CD   C N N 94  
GLN OE1  O N N 95  
GLN NE2  N N N 96  
GLN OXT  O N N 97  
GLN H    H N N 98  
GLN H2   H N N 99  
GLN HA   H N N 100 
GLN HB2  H N N 101 
GLN HB3  H N N 102 
GLN HG2  H N N 103 
GLN HG3  H N N 104 
GLN HE21 H N N 105 
GLN HE22 H N N 106 
GLN HXT  H N N 107 
GLU N    N N N 108 
GLU CA   C N S 109 
GLU C    C N N 110 
GLU O    O N N 111 
GLU CB   C N N 112 
GLU CG   C N N 113 
GLU CD   C N N 114 
GLU OE1  O N N 115 
GLU OE2  O N N 116 
GLU OXT  O N N 117 
GLU H    H N N 118 
GLU H2   H N N 119 
GLU HA   H N N 120 
GLU HB2  H N N 121 
GLU HB3  H N N 122 
GLU HG2  H N N 123 
GLU HG3  H N N 124 
GLU HE2  H N N 125 
GLU HXT  H N N 126 
GLY N    N N N 127 
GLY CA   C N N 128 
GLY C    C N N 129 
GLY O    O N N 130 
GLY OXT  O N N 131 
GLY H    H N N 132 
GLY H2   H N N 133 
GLY HA2  H N N 134 
GLY HA3  H N N 135 
GLY HXT  H N N 136 
HIS N    N N N 137 
HIS CA   C N S 138 
HIS C    C N N 139 
HIS O    O N N 140 
HIS CB   C N N 141 
HIS CG   C Y N 142 
HIS ND1  N Y N 143 
HIS CD2  C Y N 144 
HIS CE1  C Y N 145 
HIS NE2  N Y N 146 
HIS OXT  O N N 147 
HIS H    H N N 148 
HIS H2   H N N 149 
HIS HA   H N N 150 
HIS HB2  H N N 151 
HIS HB3  H N N 152 
HIS HD1  H N N 153 
HIS HD2  H N N 154 
HIS HE1  H N N 155 
HIS HE2  H N N 156 
HIS HXT  H N N 157 
HOH O    O N N 158 
HOH H1   H N N 159 
HOH H2   H N N 160 
ILE N    N N N 161 
ILE CA   C N S 162 
ILE C    C N N 163 
ILE O    O N N 164 
ILE CB   C N S 165 
ILE CG1  C N N 166 
ILE CG2  C N N 167 
ILE CD1  C N N 168 
ILE OXT  O N N 169 
ILE H    H N N 170 
ILE H2   H N N 171 
ILE HA   H N N 172 
ILE HB   H N N 173 
ILE HG12 H N N 174 
ILE HG13 H N N 175 
ILE HG21 H N N 176 
ILE HG22 H N N 177 
ILE HG23 H N N 178 
ILE HD11 H N N 179 
ILE HD12 H N N 180 
ILE HD13 H N N 181 
ILE HXT  H N N 182 
LEU N    N N N 183 
LEU CA   C N S 184 
LEU C    C N N 185 
LEU O    O N N 186 
LEU CB   C N N 187 
LEU CG   C N N 188 
LEU CD1  C N N 189 
LEU CD2  C N N 190 
LEU OXT  O N N 191 
LEU H    H N N 192 
LEU H2   H N N 193 
LEU HA   H N N 194 
LEU HB2  H N N 195 
LEU HB3  H N N 196 
LEU HG   H N N 197 
LEU HD11 H N N 198 
LEU HD12 H N N 199 
LEU HD13 H N N 200 
LEU HD21 H N N 201 
LEU HD22 H N N 202 
LEU HD23 H N N 203 
LEU HXT  H N N 204 
LYS N    N N N 205 
LYS CA   C N S 206 
LYS C    C N N 207 
LYS O    O N N 208 
LYS CB   C N N 209 
LYS CG   C N N 210 
LYS CD   C N N 211 
LYS CE   C N N 212 
LYS NZ   N N N 213 
LYS OXT  O N N 214 
LYS H    H N N 215 
LYS H2   H N N 216 
LYS HA   H N N 217 
LYS HB2  H N N 218 
LYS HB3  H N N 219 
LYS HG2  H N N 220 
LYS HG3  H N N 221 
LYS HD2  H N N 222 
LYS HD3  H N N 223 
LYS HE2  H N N 224 
LYS HE3  H N N 225 
LYS HZ1  H N N 226 
LYS HZ2  H N N 227 
LYS HZ3  H N N 228 
LYS HXT  H N N 229 
MET N    N N N 230 
MET CA   C N S 231 
MET C    C N N 232 
MET O    O N N 233 
MET CB   C N N 234 
MET CG   C N N 235 
MET SD   S N N 236 
MET CE   C N N 237 
MET OXT  O N N 238 
MET H    H N N 239 
MET H2   H N N 240 
MET HA   H N N 241 
MET HB2  H N N 242 
MET HB3  H N N 243 
MET HG2  H N N 244 
MET HG3  H N N 245 
MET HE1  H N N 246 
MET HE2  H N N 247 
MET HE3  H N N 248 
MET HXT  H N N 249 
PHE N    N N N 250 
PHE CA   C N S 251 
PHE C    C N N 252 
PHE O    O N N 253 
PHE CB   C N N 254 
PHE CG   C Y N 255 
PHE CD1  C Y N 256 
PHE CD2  C Y N 257 
PHE CE1  C Y N 258 
PHE CE2  C Y N 259 
PHE CZ   C Y N 260 
PHE OXT  O N N 261 
PHE H    H N N 262 
PHE H2   H N N 263 
PHE HA   H N N 264 
PHE HB2  H N N 265 
PHE HB3  H N N 266 
PHE HD1  H N N 267 
PHE HD2  H N N 268 
PHE HE1  H N N 269 
PHE HE2  H N N 270 
PHE HZ   H N N 271 
PHE HXT  H N N 272 
PRO N    N N N 273 
PRO CA   C N S 274 
PRO C    C N N 275 
PRO O    O N N 276 
PRO CB   C N N 277 
PRO CG   C N N 278 
PRO CD   C N N 279 
PRO OXT  O N N 280 
PRO H    H N N 281 
PRO HA   H N N 282 
PRO HB2  H N N 283 
PRO HB3  H N N 284 
PRO HG2  H N N 285 
PRO HG3  H N N 286 
PRO HD2  H N N 287 
PRO HD3  H N N 288 
PRO HXT  H N N 289 
SER N    N N N 290 
SER CA   C N S 291 
SER C    C N N 292 
SER O    O N N 293 
SER CB   C N N 294 
SER OG   O N N 295 
SER OXT  O N N 296 
SER H    H N N 297 
SER H2   H N N 298 
SER HA   H N N 299 
SER HB2  H N N 300 
SER HB3  H N N 301 
SER HG   H N N 302 
SER HXT  H N N 303 
THR N    N N N 304 
THR CA   C N S 305 
THR C    C N N 306 
THR O    O N N 307 
THR CB   C N R 308 
THR OG1  O N N 309 
THR CG2  C N N 310 
THR OXT  O N N 311 
THR H    H N N 312 
THR H2   H N N 313 
THR HA   H N N 314 
THR HB   H N N 315 
THR HG1  H N N 316 
THR HG21 H N N 317 
THR HG22 H N N 318 
THR HG23 H N N 319 
THR HXT  H N N 320 
TRP N    N N N 321 
TRP CA   C N S 322 
TRP C    C N N 323 
TRP O    O N N 324 
TRP CB   C N N 325 
TRP CG   C Y N 326 
TRP CD1  C Y N 327 
TRP CD2  C Y N 328 
TRP NE1  N Y N 329 
TRP CE2  C Y N 330 
TRP CE3  C Y N 331 
TRP CZ2  C Y N 332 
TRP CZ3  C Y N 333 
TRP CH2  C Y N 334 
TRP OXT  O N N 335 
TRP H    H N N 336 
TRP H2   H N N 337 
TRP HA   H N N 338 
TRP HB2  H N N 339 
TRP HB3  H N N 340 
TRP HD1  H N N 341 
TRP HE1  H N N 342 
TRP HE3  H N N 343 
TRP HZ2  H N N 344 
TRP HZ3  H N N 345 
TRP HH2  H N N 346 
TRP HXT  H N N 347 
TYR N    N N N 348 
TYR CA   C N S 349 
TYR C    C N N 350 
TYR O    O N N 351 
TYR CB   C N N 352 
TYR CG   C Y N 353 
TYR CD1  C Y N 354 
TYR CD2  C Y N 355 
TYR CE1  C Y N 356 
TYR CE2  C Y N 357 
TYR CZ   C Y N 358 
TYR OH   O N N 359 
TYR OXT  O N N 360 
TYR H    H N N 361 
TYR H2   H N N 362 
TYR HA   H N N 363 
TYR HB2  H N N 364 
TYR HB3  H N N 365 
TYR HD1  H N N 366 
TYR HD2  H N N 367 
TYR HE1  H N N 368 
TYR HE2  H N N 369 
TYR HH   H N N 370 
TYR HXT  H N N 371 
VAL N    N N N 372 
VAL CA   C N S 373 
VAL C    C N N 374 
VAL O    O N N 375 
VAL CB   C N N 376 
VAL CG1  C N N 377 
VAL CG2  C N N 378 
VAL OXT  O N N 379 
VAL H    H N N 380 
VAL H2   H N N 381 
VAL HA   H N N 382 
VAL HB   H N N 383 
VAL HG11 H N N 384 
VAL HG12 H N N 385 
VAL HG13 H N N 386 
VAL HG21 H N N 387 
VAL HG22 H N N 388 
VAL HG23 H N N 389 
VAL HXT  H N N 390 
# 
loop_
_chem_comp_bond.comp_id 
_chem_comp_bond.atom_id_1 
_chem_comp_bond.atom_id_2 
_chem_comp_bond.value_order 
_chem_comp_bond.pdbx_aromatic_flag 
_chem_comp_bond.pdbx_stereo_config 
_chem_comp_bond.pdbx_ordinal 
ALA N   CA   sing N N 1   
ALA N   H    sing N N 2   
ALA N   H2   sing N N 3   
ALA CA  C    sing N N 4   
ALA CA  CB   sing N N 5   
ALA CA  HA   sing N N 6   
ALA C   O    doub N N 7   
ALA C   OXT  sing N N 8   
ALA CB  HB1  sing N N 9   
ALA CB  HB2  sing N N 10  
ALA CB  HB3  sing N N 11  
ALA OXT HXT  sing N N 12  
ARG N   CA   sing N N 13  
ARG N   H    sing N N 14  
ARG N   H2   sing N N 15  
ARG CA  C    sing N N 16  
ARG CA  CB   sing N N 17  
ARG CA  HA   sing N N 18  
ARG C   O    doub N N 19  
ARG C   OXT  sing N N 20  
ARG CB  CG   sing N N 21  
ARG CB  HB2  sing N N 22  
ARG CB  HB3  sing N N 23  
ARG CG  CD   sing N N 24  
ARG CG  HG2  sing N N 25  
ARG CG  HG3  sing N N 26  
ARG CD  NE   sing N N 27  
ARG CD  HD2  sing N N 28  
ARG CD  HD3  sing N N 29  
ARG NE  CZ   sing N N 30  
ARG NE  HE   sing N N 31  
ARG CZ  NH1  sing N N 32  
ARG CZ  NH2  doub N N 33  
ARG NH1 HH11 sing N N 34  
ARG NH1 HH12 sing N N 35  
ARG NH2 HH21 sing N N 36  
ARG NH2 HH22 sing N N 37  
ARG OXT HXT  sing N N 38  
ASN N   CA   sing N N 39  
ASN N   H    sing N N 40  
ASN N   H2   sing N N 41  
ASN CA  C    sing N N 42  
ASN CA  CB   sing N N 43  
ASN CA  HA   sing N N 44  
ASN C   O    doub N N 45  
ASN C   OXT  sing N N 46  
ASN CB  CG   sing N N 47  
ASN CB  HB2  sing N N 48  
ASN CB  HB3  sing N N 49  
ASN CG  OD1  doub N N 50  
ASN CG  ND2  sing N N 51  
ASN ND2 HD21 sing N N 52  
ASN ND2 HD22 sing N N 53  
ASN OXT HXT  sing N N 54  
ASP N   CA   sing N N 55  
ASP N   H    sing N N 56  
ASP N   H2   sing N N 57  
ASP CA  C    sing N N 58  
ASP CA  CB   sing N N 59  
ASP CA  HA   sing N N 60  
ASP C   O    doub N N 61  
ASP C   OXT  sing N N 62  
ASP CB  CG   sing N N 63  
ASP CB  HB2  sing N N 64  
ASP CB  HB3  sing N N 65  
ASP CG  OD1  doub N N 66  
ASP CG  OD2  sing N N 67  
ASP OD2 HD2  sing N N 68  
ASP OXT HXT  sing N N 69  
CYS N   CA   sing N N 70  
CYS N   H    sing N N 71  
CYS N   H2   sing N N 72  
CYS CA  C    sing N N 73  
CYS CA  CB   sing N N 74  
CYS CA  HA   sing N N 75  
CYS C   O    doub N N 76  
CYS C   OXT  sing N N 77  
CYS CB  SG   sing N N 78  
CYS CB  HB2  sing N N 79  
CYS CB  HB3  sing N N 80  
CYS SG  HG   sing N N 81  
CYS OXT HXT  sing N N 82  
GLN N   CA   sing N N 83  
GLN N   H    sing N N 84  
GLN N   H2   sing N N 85  
GLN CA  C    sing N N 86  
GLN CA  CB   sing N N 87  
GLN CA  HA   sing N N 88  
GLN C   O    doub N N 89  
GLN C   OXT  sing N N 90  
GLN CB  CG   sing N N 91  
GLN CB  HB2  sing N N 92  
GLN CB  HB3  sing N N 93  
GLN CG  CD   sing N N 94  
GLN CG  HG2  sing N N 95  
GLN CG  HG3  sing N N 96  
GLN CD  OE1  doub N N 97  
GLN CD  NE2  sing N N 98  
GLN NE2 HE21 sing N N 99  
GLN NE2 HE22 sing N N 100 
GLN OXT HXT  sing N N 101 
GLU N   CA   sing N N 102 
GLU N   H    sing N N 103 
GLU N   H2   sing N N 104 
GLU CA  C    sing N N 105 
GLU CA  CB   sing N N 106 
GLU CA  HA   sing N N 107 
GLU C   O    doub N N 108 
GLU C   OXT  sing N N 109 
GLU CB  CG   sing N N 110 
GLU CB  HB2  sing N N 111 
GLU CB  HB3  sing N N 112 
GLU CG  CD   sing N N 113 
GLU CG  HG2  sing N N 114 
GLU CG  HG3  sing N N 115 
GLU CD  OE1  doub N N 116 
GLU CD  OE2  sing N N 117 
GLU OE2 HE2  sing N N 118 
GLU OXT HXT  sing N N 119 
GLY N   CA   sing N N 120 
GLY N   H    sing N N 121 
GLY N   H2   sing N N 122 
GLY CA  C    sing N N 123 
GLY CA  HA2  sing N N 124 
GLY CA  HA3  sing N N 125 
GLY C   O    doub N N 126 
GLY C   OXT  sing N N 127 
GLY OXT HXT  sing N N 128 
HIS N   CA   sing N N 129 
HIS N   H    sing N N 130 
HIS N   H2   sing N N 131 
HIS CA  C    sing N N 132 
HIS CA  CB   sing N N 133 
HIS CA  HA   sing N N 134 
HIS C   O    doub N N 135 
HIS C   OXT  sing N N 136 
HIS CB  CG   sing N N 137 
HIS CB  HB2  sing N N 138 
HIS CB  HB3  sing N N 139 
HIS CG  ND1  sing Y N 140 
HIS CG  CD2  doub Y N 141 
HIS ND1 CE1  doub Y N 142 
HIS ND1 HD1  sing N N 143 
HIS CD2 NE2  sing Y N 144 
HIS CD2 HD2  sing N N 145 
HIS CE1 NE2  sing Y N 146 
HIS CE1 HE1  sing N N 147 
HIS NE2 HE2  sing N N 148 
HIS OXT HXT  sing N N 149 
HOH O   H1   sing N N 150 
HOH O   H2   sing N N 151 
ILE N   CA   sing N N 152 
ILE N   H    sing N N 153 
ILE N   H2   sing N N 154 
ILE CA  C    sing N N 155 
ILE CA  CB   sing N N 156 
ILE CA  HA   sing N N 157 
ILE C   O    doub N N 158 
ILE C   OXT  sing N N 159 
ILE CB  CG1  sing N N 160 
ILE CB  CG2  sing N N 161 
ILE CB  HB   sing N N 162 
ILE CG1 CD1  sing N N 163 
ILE CG1 HG12 sing N N 164 
ILE CG1 HG13 sing N N 165 
ILE CG2 HG21 sing N N 166 
ILE CG2 HG22 sing N N 167 
ILE CG2 HG23 sing N N 168 
ILE CD1 HD11 sing N N 169 
ILE CD1 HD12 sing N N 170 
ILE CD1 HD13 sing N N 171 
ILE OXT HXT  sing N N 172 
LEU N   CA   sing N N 173 
LEU N   H    sing N N 174 
LEU N   H2   sing N N 175 
LEU CA  C    sing N N 176 
LEU CA  CB   sing N N 177 
LEU CA  HA   sing N N 178 
LEU C   O    doub N N 179 
LEU C   OXT  sing N N 180 
LEU CB  CG   sing N N 181 
LEU CB  HB2  sing N N 182 
LEU CB  HB3  sing N N 183 
LEU CG  CD1  sing N N 184 
LEU CG  CD2  sing N N 185 
LEU CG  HG   sing N N 186 
LEU CD1 HD11 sing N N 187 
LEU CD1 HD12 sing N N 188 
LEU CD1 HD13 sing N N 189 
LEU CD2 HD21 sing N N 190 
LEU CD2 HD22 sing N N 191 
LEU CD2 HD23 sing N N 192 
LEU OXT HXT  sing N N 193 
LYS N   CA   sing N N 194 
LYS N   H    sing N N 195 
LYS N   H2   sing N N 196 
LYS CA  C    sing N N 197 
LYS CA  CB   sing N N 198 
LYS CA  HA   sing N N 199 
LYS C   O    doub N N 200 
LYS C   OXT  sing N N 201 
LYS CB  CG   sing N N 202 
LYS CB  HB2  sing N N 203 
LYS CB  HB3  sing N N 204 
LYS CG  CD   sing N N 205 
LYS CG  HG2  sing N N 206 
LYS CG  HG3  sing N N 207 
LYS CD  CE   sing N N 208 
LYS CD  HD2  sing N N 209 
LYS CD  HD3  sing N N 210 
LYS CE  NZ   sing N N 211 
LYS CE  HE2  sing N N 212 
LYS CE  HE3  sing N N 213 
LYS NZ  HZ1  sing N N 214 
LYS NZ  HZ2  sing N N 215 
LYS NZ  HZ3  sing N N 216 
LYS OXT HXT  sing N N 217 
MET N   CA   sing N N 218 
MET N   H    sing N N 219 
MET N   H2   sing N N 220 
MET CA  C    sing N N 221 
MET CA  CB   sing N N 222 
MET CA  HA   sing N N 223 
MET C   O    doub N N 224 
MET C   OXT  sing N N 225 
MET CB  CG   sing N N 226 
MET CB  HB2  sing N N 227 
MET CB  HB3  sing N N 228 
MET CG  SD   sing N N 229 
MET CG  HG2  sing N N 230 
MET CG  HG3  sing N N 231 
MET SD  CE   sing N N 232 
MET CE  HE1  sing N N 233 
MET CE  HE2  sing N N 234 
MET CE  HE3  sing N N 235 
MET OXT HXT  sing N N 236 
PHE N   CA   sing N N 237 
PHE N   H    sing N N 238 
PHE N   H2   sing N N 239 
PHE CA  C    sing N N 240 
PHE CA  CB   sing N N 241 
PHE CA  HA   sing N N 242 
PHE C   O    doub N N 243 
PHE C   OXT  sing N N 244 
PHE CB  CG   sing N N 245 
PHE CB  HB2  sing N N 246 
PHE CB  HB3  sing N N 247 
PHE CG  CD1  doub Y N 248 
PHE CG  CD2  sing Y N 249 
PHE CD1 CE1  sing Y N 250 
PHE CD1 HD1  sing N N 251 
PHE CD2 CE2  doub Y N 252 
PHE CD2 HD2  sing N N 253 
PHE CE1 CZ   doub Y N 254 
PHE CE1 HE1  sing N N 255 
PHE CE2 CZ   sing Y N 256 
PHE CE2 HE2  sing N N 257 
PHE CZ  HZ   sing N N 258 
PHE OXT HXT  sing N N 259 
PRO N   CA   sing N N 260 
PRO N   CD   sing N N 261 
PRO N   H    sing N N 262 
PRO CA  C    sing N N 263 
PRO CA  CB   sing N N 264 
PRO CA  HA   sing N N 265 
PRO C   O    doub N N 266 
PRO C   OXT  sing N N 267 
PRO CB  CG   sing N N 268 
PRO CB  HB2  sing N N 269 
PRO CB  HB3  sing N N 270 
PRO CG  CD   sing N N 271 
PRO CG  HG2  sing N N 272 
PRO CG  HG3  sing N N 273 
PRO CD  HD2  sing N N 274 
PRO CD  HD3  sing N N 275 
PRO OXT HXT  sing N N 276 
SER N   CA   sing N N 277 
SER N   H    sing N N 278 
SER N   H2   sing N N 279 
SER CA  C    sing N N 280 
SER CA  CB   sing N N 281 
SER CA  HA   sing N N 282 
SER C   O    doub N N 283 
SER C   OXT  sing N N 284 
SER CB  OG   sing N N 285 
SER CB  HB2  sing N N 286 
SER CB  HB3  sing N N 287 
SER OG  HG   sing N N 288 
SER OXT HXT  sing N N 289 
THR N   CA   sing N N 290 
THR N   H    sing N N 291 
THR N   H2   sing N N 292 
THR CA  C    sing N N 293 
THR CA  CB   sing N N 294 
THR CA  HA   sing N N 295 
THR C   O    doub N N 296 
THR C   OXT  sing N N 297 
THR CB  OG1  sing N N 298 
THR CB  CG2  sing N N 299 
THR CB  HB   sing N N 300 
THR OG1 HG1  sing N N 301 
THR CG2 HG21 sing N N 302 
THR CG2 HG22 sing N N 303 
THR CG2 HG23 sing N N 304 
THR OXT HXT  sing N N 305 
TRP N   CA   sing N N 306 
TRP N   H    sing N N 307 
TRP N   H2   sing N N 308 
TRP CA  C    sing N N 309 
TRP CA  CB   sing N N 310 
TRP CA  HA   sing N N 311 
TRP C   O    doub N N 312 
TRP C   OXT  sing N N 313 
TRP CB  CG   sing N N 314 
TRP CB  HB2  sing N N 315 
TRP CB  HB3  sing N N 316 
TRP CG  CD1  doub Y N 317 
TRP CG  CD2  sing Y N 318 
TRP CD1 NE1  sing Y N 319 
TRP CD1 HD1  sing N N 320 
TRP CD2 CE2  doub Y N 321 
TRP CD2 CE3  sing Y N 322 
TRP NE1 CE2  sing Y N 323 
TRP NE1 HE1  sing N N 324 
TRP CE2 CZ2  sing Y N 325 
TRP CE3 CZ3  doub Y N 326 
TRP CE3 HE3  sing N N 327 
TRP CZ2 CH2  doub Y N 328 
TRP CZ2 HZ2  sing N N 329 
TRP CZ3 CH2  sing Y N 330 
TRP CZ3 HZ3  sing N N 331 
TRP CH2 HH2  sing N N 332 
TRP OXT HXT  sing N N 333 
TYR N   CA   sing N N 334 
TYR N   H    sing N N 335 
TYR N   H2   sing N N 336 
TYR CA  C    sing N N 337 
TYR CA  CB   sing N N 338 
TYR CA  HA   sing N N 339 
TYR C   O    doub N N 340 
TYR C   OXT  sing N N 341 
TYR CB  CG   sing N N 342 
TYR CB  HB2  sing N N 343 
TYR CB  HB3  sing N N 344 
TYR CG  CD1  doub Y N 345 
TYR CG  CD2  sing Y N 346 
TYR CD1 CE1  sing Y N 347 
TYR CD1 HD1  sing N N 348 
TYR CD2 CE2  doub Y N 349 
TYR CD2 HD2  sing N N 350 
TYR CE1 CZ   doub Y N 351 
TYR CE1 HE1  sing N N 352 
TYR CE2 CZ   sing Y N 353 
TYR CE2 HE2  sing N N 354 
TYR CZ  OH   sing N N 355 
TYR OH  HH   sing N N 356 
TYR OXT HXT  sing N N 357 
VAL N   CA   sing N N 358 
VAL N   H    sing N N 359 
VAL N   H2   sing N N 360 
VAL CA  C    sing N N 361 
VAL CA  CB   sing N N 362 
VAL CA  HA   sing N N 363 
VAL C   O    doub N N 364 
VAL C   OXT  sing N N 365 
VAL CB  CG1  sing N N 366 
VAL CB  CG2  sing N N 367 
VAL CB  HB   sing N N 368 
VAL CG1 HG11 sing N N 369 
VAL CG1 HG12 sing N N 370 
VAL CG1 HG13 sing N N 371 
VAL CG2 HG21 sing N N 372 
VAL CG2 HG22 sing N N 373 
VAL CG2 HG23 sing N N 374 
VAL OXT HXT  sing N N 375 
# 
_atom_sites.entry_id                    1O50 
_atom_sites.fract_transf_matrix[1][1]   -0.01251743 
_atom_sites.fract_transf_matrix[1][2]   0.00778303 
_atom_sites.fract_transf_matrix[1][3]   -0.01651888 
_atom_sites.fract_transf_matrix[2][1]   -0.01337889 
_atom_sites.fract_transf_matrix[2][2]   0.00972152 
_atom_sites.fract_transf_matrix[2][3]   0.01471845 
_atom_sites.fract_transf_matrix[3][1]   0.00316776 
_atom_sites.fract_transf_matrix[3][2]   0.00466561 
_atom_sites.fract_transf_matrix[3][3]   -0.00020217 
_atom_sites.fract_transf_vector[1]      0.434968 
_atom_sites.fract_transf_vector[2]      0.130673 
_atom_sites.fract_transf_vector[3]      0.513155 
# 
loop_
_atom_type.symbol 
C 
N 
O 
S 
# 
loop_
_atom_site.group_PDB 
_atom_site.id 
_atom_site.type_symbol 
_atom_site.label_atom_id 
_atom_site.label_alt_id 
_atom_site.label_comp_id 
_atom_site.label_asym_id 
_atom_site.label_entity_id 
_atom_site.label_seq_id 
_atom_site.pdbx_PDB_ins_code 
_atom_site.Cartn_x 
_atom_site.Cartn_y 
_atom_site.Cartn_z 
_atom_site.occupancy 
_atom_site.B_iso_or_equiv 
_atom_site.pdbx_formal_charge 
_atom_site.auth_seq_id 
_atom_site.auth_comp_id 
_atom_site.auth_asym_id 
_atom_site.auth_atom_id 
_atom_site.pdbx_PDB_model_num 
ATOM   1    N N   . HIS A 1 10  ? -8.787  -22.160 -1.083  1.00 36.29 ? -2  HIS A N   1 
ATOM   2    C CA  . HIS A 1 10  ? -10.080 -21.925 -0.341  1.00 36.00 ? -2  HIS A CA  1 
ATOM   3    C C   . HIS A 1 10  ? -11.108 -21.103 -1.171  1.00 36.00 ? -2  HIS A C   1 
ATOM   4    O O   . HIS A 1 10  ? -10.988 -19.855 -1.295  1.00 37.08 ? -2  HIS A O   1 
ATOM   5    C CB  . HIS A 1 10  ? -9.850  -21.181 0.973   1.00 35.88 ? -2  HIS A CB  1 
ATOM   6    C CG  . HIS A 1 10  ? -11.097 -20.995 1.783   1.00 34.11 ? -2  HIS A CG  1 
ATOM   7    N ND1 . HIS A 1 10  ? -11.838 -22.058 2.260   1.00 34.75 ? -2  HIS A ND1 1 
ATOM   8    C CD2 . HIS A 1 10  ? -11.712 -19.879 2.239   1.00 36.14 ? -2  HIS A CD2 1 
ATOM   9    C CE1 . HIS A 1 10  ? -12.857 -21.599 2.970   1.00 29.79 ? -2  HIS A CE1 1 
ATOM   10   N NE2 . HIS A 1 10  ? -12.815 -20.279 2.953   1.00 31.49 ? -2  HIS A NE2 1 
ATOM   11   N N   . HIS A 1 11  ? -12.096 -21.811 -1.705  1.00 35.05 ? -1  HIS A N   1 
ATOM   12   C CA  . HIS A 1 11  ? -13.170 -21.265 -2.543  1.00 34.77 ? -1  HIS A CA  1 
ATOM   13   C C   . HIS A 1 11  ? -12.731 -20.554 -3.819  1.00 35.24 ? -1  HIS A C   1 
ATOM   14   O O   . HIS A 1 11  ? -13.556 -19.913 -4.468  1.00 35.47 ? -1  HIS A O   1 
ATOM   15   C CB  . HIS A 1 11  ? -14.114 -20.358 -1.733  1.00 34.35 ? -1  HIS A CB  1 
ATOM   16   C CG  . HIS A 1 11  ? -14.807 -21.060 -0.615  1.00 32.26 ? -1  HIS A CG  1 
ATOM   17   N ND1 . HIS A 1 11  ? -15.433 -20.381 0.407   1.00 34.57 ? -1  HIS A ND1 1 
ATOM   18   C CD2 . HIS A 1 11  ? -14.934 -22.377 -0.330  1.00 32.07 ? -1  HIS A CD2 1 
ATOM   19   C CE1 . HIS A 1 11  ? -15.953 -21.251 1.253   1.00 33.82 ? -1  HIS A CE1 1 
ATOM   20   N NE2 . HIS A 1 11  ? -15.659 -22.470 0.833   1.00 35.14 ? -1  HIS A NE2 1 
ATOM   21   N N   . HIS A 1 12  ? -11.464 -20.695 -4.192  1.00 36.20 ? 0   HIS A N   1 
ATOM   22   C CA  . HIS A 1 12  ? -10.938 -20.147 -5.446  1.00 36.21 ? 0   HIS A CA  1 
ATOM   23   C C   . HIS A 1 12  ? -11.273 -18.661 -5.700  1.00 36.08 ? 0   HIS A C   1 
ATOM   24   O O   . HIS A 1 12  ? -11.569 -18.277 -6.826  1.00 36.63 ? 0   HIS A O   1 
ATOM   25   C CB  . HIS A 1 12  ? -11.425 -21.005 -6.608  1.00 36.57 ? 0   HIS A CB  1 
ATOM   26   C CG  . HIS A 1 12  ? -11.135 -22.460 -6.436  1.00 36.84 ? 0   HIS A CG  1 
ATOM   27   N ND1 . HIS A 1 12  ? -12.014 -23.322 -5.812  1.00 37.78 ? 0   HIS A ND1 1 
ATOM   28   C CD2 . HIS A 1 12  ? -10.047 -23.195 -6.755  1.00 35.56 ? 0   HIS A CD2 1 
ATOM   29   C CE1 . HIS A 1 12  ? -11.490 -24.531 -5.785  1.00 37.10 ? 0   HIS A CE1 1 
ATOM   30   N NE2 . HIS A 1 12  ? -10.298 -24.481 -6.355  1.00 38.47 ? 0   HIS A NE2 1 
ATOM   31   N N   . MET A 1 13  ? -11.278 -17.855 -4.635  1.00 36.26 ? 1   MET A N   1 
ATOM   32   C CA  . MET A 1 13  ? -11.502 -16.409 -4.729  1.00 36.34 ? 1   MET A CA  1 
ATOM   33   C C   . MET A 1 13  ? -10.338 -15.680 -5.411  1.00 36.42 ? 1   MET A C   1 
ATOM   34   O O   . MET A 1 13  ? -9.183  -16.079 -5.309  1.00 36.76 ? 1   MET A O   1 
ATOM   35   C CB  . MET A 1 13  ? -11.705 -15.794 -3.336  1.00 36.36 ? 1   MET A CB  1 
ATOM   36   C CG  . MET A 1 13  ? -13.052 -16.107 -2.700  1.00 36.77 ? 1   MET A CG  1 
ATOM   37   S SD  . MET A 1 13  ? -13.205 -15.638 -0.964  1.00 38.58 ? 1   MET A SD  1 
ATOM   38   C CE  . MET A 1 13  ? -12.326 -16.857 -0.176  1.00 38.64 ? 1   MET A CE  1 
ATOM   39   N N   . LYS A 1 14  ? -10.667 -14.603 -6.104  1.00 36.68 ? 2   LYS A N   1 
ATOM   40   C CA  . LYS A 1 14  ? -9.675  -13.746 -6.729  1.00 36.75 ? 2   LYS A CA  1 
ATOM   41   C C   . LYS A 1 14  ? -9.766  -12.317 -6.216  1.00 36.22 ? 2   LYS A C   1 
ATOM   42   O O   . LYS A 1 14  ? -10.741 -11.946 -5.535  1.00 35.79 ? 2   LYS A O   1 
ATOM   43   C CB  . LYS A 1 14  ? -9.842  -13.810 -8.238  1.00 36.63 ? 2   LYS A CB  1 
ATOM   44   C CG  . LYS A 1 14  ? -9.286  -15.122 -8.785  1.00 38.66 ? 2   LYS A CG  1 
ATOM   45   C CD  . LYS A 1 14  ? -10.040 -15.647 -10.006 1.00 40.07 ? 2   LYS A CD  1 
ATOM   46   C CE  . LYS A 1 14  ? -9.734  -14.932 -11.291 1.00 41.15 ? 2   LYS A CE  1 
ATOM   47   N NZ  . LYS A 1 14  ? -10.177 -15.783 -12.439 1.00 40.42 ? 2   LYS A NZ  1 
ATOM   48   N N   . VAL A 1 15  ? -8.764  -11.503 -6.554  1.00 35.08 ? 3   VAL A N   1 
ATOM   49   C CA  . VAL A 1 15  ? -8.731  -10.135 -6.049  1.00 34.71 ? 3   VAL A CA  1 
ATOM   50   C C   . VAL A 1 15  ? -10.035 -9.424  -6.430  1.00 34.45 ? 3   VAL A C   1 
ATOM   51   O O   . VAL A 1 15  ? -10.608 -8.694  -5.611  1.00 33.29 ? 3   VAL A O   1 
ATOM   52   C CB  . VAL A 1 15  ? -7.447  -9.365  -6.517  1.00 35.05 ? 3   VAL A CB  1 
ATOM   53   C CG1 . VAL A 1 15  ? -7.603  -7.856  -6.374  1.00 33.92 ? 3   VAL A CG1 1 
ATOM   54   C CG2 . VAL A 1 15  ? -6.244  -9.835  -5.707  1.00 34.41 ? 3   VAL A CG2 1 
ATOM   55   N N   . LYS A 1 16  ? -10.514 -9.676  -7.644  1.00 34.70 ? 4   LYS A N   1 
ATOM   56   C CA  . LYS A 1 16  ? -11.740 -9.053  -8.146  1.00 35.37 ? 4   LYS A CA  1 
ATOM   57   C C   . LYS A 1 16  ? -12.979 -9.294  -7.251  1.00 35.35 ? 4   LYS A C   1 
ATOM   58   O O   . LYS A 1 16  ? -13.917 -8.485  -7.250  1.00 35.31 ? 4   LYS A O   1 
ATOM   59   C CB  . LYS A 1 16  ? -12.017 -9.541  -9.566  1.00 35.60 ? 4   LYS A CB  1 
ATOM   60   C CG  . LYS A 1 16  ? -12.369 -11.029 -9.693  1.00 38.30 ? 4   LYS A CG  1 
ATOM   61   C CD  . LYS A 1 16  ? -12.746 -11.397 -11.134 1.00 42.90 ? 4   LYS A CD  1 
ATOM   62   C CE  . LYS A 1 16  ? -13.382 -12.800 -11.255 1.00 45.69 ? 4   LYS A CE  1 
ATOM   63   N NZ  . LYS A 1 16  ? -14.747 -12.955 -10.571 1.00 48.71 ? 4   LYS A NZ  1 
ATOM   64   N N   . ASP A 1 17  ? -12.987 -10.405 -6.527  1.00 35.07 ? 5   ASP A N   1 
ATOM   65   C CA  . ASP A 1 17  ? -14.097 -10.758 -5.628  1.00 35.81 ? 5   ASP A CA  1 
ATOM   66   C C   . ASP A 1 17  ? -14.042 -10.031 -4.274  1.00 35.94 ? 5   ASP A C   1 
ATOM   67   O O   . ASP A 1 17  ? -15.049 -9.968  -3.578  1.00 35.96 ? 5   ASP A O   1 
ATOM   68   C CB  . ASP A 1 17  ? -14.123 -12.285 -5.354  1.00 35.80 ? 5   ASP A CB  1 
ATOM   69   C CG  . ASP A 1 17  ? -14.080 -13.125 -6.627  1.00 35.26 ? 5   ASP A CG  1 
ATOM   70   O OD1 . ASP A 1 17  ? -14.815 -12.832 -7.579  1.00 35.96 ? 5   ASP A OD1 1 
ATOM   71   O OD2 . ASP A 1 17  ? -13.331 -14.113 -6.768  1.00 34.55 ? 5   ASP A OD2 1 
ATOM   72   N N   . VAL A 1 18  ? -12.861 -9.529  -3.893  1.00 36.53 ? 6   VAL A N   1 
ATOM   73   C CA  . VAL A 1 18  ? -12.586 -8.960  -2.567  1.00 37.57 ? 6   VAL A CA  1 
ATOM   74   C C   . VAL A 1 18  ? -12.339 -7.434  -2.575  1.00 37.75 ? 6   VAL A C   1 
ATOM   75   O O   . VAL A 1 18  ? -12.704 -6.741  -1.634  1.00 38.27 ? 6   VAL A O   1 
ATOM   76   C CB  . VAL A 1 18  ? -11.369 -9.695  -1.959  1.00 37.95 ? 6   VAL A CB  1 
ATOM   77   C CG1 . VAL A 1 18  ? -10.955 -9.119  -0.654  1.00 39.97 ? 6   VAL A CG1 1 
ATOM   78   C CG2 . VAL A 1 18  ? -11.703 -11.207 -1.832  1.00 38.61 ? 6   VAL A CG2 1 
ATOM   79   N N   . CYS A 1 19  ? -11.795 -6.918  -3.671  1.00 37.23 ? 7   CYS A N   1 
ATOM   80   C CA  . CYS A 1 19  ? -11.368 -5.513  -3.769  1.00 37.35 ? 7   CYS A CA  1 
ATOM   81   C C   . CYS A 1 19  ? -12.491 -4.458  -3.835  1.00 36.70 ? 7   CYS A C   1 
ATOM   82   O O   . CYS A 1 19  ? -12.228 -3.249  -3.855  1.00 35.23 ? 7   CYS A O   1 
ATOM   83   C CB  . CYS A 1 19  ? -10.435 -5.339  -4.977  1.00 36.42 ? 7   CYS A CB  1 
ATOM   84   S SG  . CYS A 1 19  ? -11.235 -5.339  -6.571  1.00 36.86 ? 7   CYS A SG  1 
ATOM   85   N N   . LYS A 1 20  ? -13.734 -4.895  -3.836  1.00 37.74 ? 8   LYS A N   1 
ATOM   86   C CA  . LYS A 1 20  ? -14.857 -3.960  -3.779  1.00 38.51 ? 8   LYS A CA  1 
ATOM   87   C C   . LYS A 1 20  ? -15.738 -4.180  -2.537  1.00 38.29 ? 8   LYS A C   1 
ATOM   88   O O   . LYS A 1 20  ? -16.782 -3.588  -2.420  1.00 36.50 ? 8   LYS A O   1 
ATOM   89   C CB  . LYS A 1 20  ? -15.659 -4.028  -5.062  1.00 39.74 ? 8   LYS A CB  1 
ATOM   90   C CG  . LYS A 1 20  ? -15.384 -2.896  -6.029  1.00 42.81 ? 8   LYS A CG  1 
ATOM   91   C CD  . LYS A 1 20  ? -16.035 -3.198  -7.348  1.00 46.62 ? 8   LYS A CD  1 
ATOM   92   C CE  . LYS A 1 20  ? -16.274 -1.942  -8.219  1.00 49.25 ? 8   LYS A CE  1 
ATOM   93   N NZ  . LYS A 1 20  ? -17.691 -1.428  -8.165  1.00 51.04 ? 8   LYS A NZ  1 
ATOM   94   N N   . LEU A 1 21  ? -15.268 -4.980  -1.583  1.00 38.40 ? 9   LEU A N   1 
ATOM   95   C CA  . LEU A 1 21  ? -16.081 -5.329  -0.416  1.00 39.87 ? 9   LEU A CA  1 
ATOM   96   C C   . LEU A 1 21  ? -16.202 -4.140  0.568   1.00 40.93 ? 9   LEU A C   1 
ATOM   97   O O   . LEU A 1 21  ? -17.176 -4.049  1.312   1.00 41.08 ? 9   LEU A O   1 
ATOM   98   C CB  . LEU A 1 21  ? -15.505 -6.567  0.303   1.00 39.12 ? 9   LEU A CB  1 
ATOM   99   C CG  . LEU A 1 21  ? -15.605 -7.870  -0.506  1.00 38.32 ? 9   LEU A CG  1 
ATOM   100  C CD1 . LEU A 1 21  ? -14.895 -8.993  0.214   1.00 38.82 ? 9   LEU A CD1 1 
ATOM   101  C CD2 . LEU A 1 21  ? -17.022 -8.228  -0.767  1.00 38.98 ? 9   LEU A CD2 1 
ATOM   102  N N   . ILE A 1 22  ? -15.189 -3.263  0.548   1.00 41.42 ? 10  ILE A N   1 
ATOM   103  C CA  . ILE A 1 22  ? -15.169 -1.962  1.229   1.00 41.06 ? 10  ILE A CA  1 
ATOM   104  C C   . ILE A 1 22  ? -14.824 -0.910  0.157   1.00 41.35 ? 10  ILE A C   1 
ATOM   105  O O   . ILE A 1 22  ? -14.014 -1.157  -0.758  1.00 40.04 ? 10  ILE A O   1 
ATOM   106  C CB  . ILE A 1 22  ? -14.096 -1.977  2.332   1.00 41.70 ? 10  ILE A CB  1 
ATOM   107  C CG1 . ILE A 1 22  ? -14.294 -3.159  3.277   1.00 41.69 ? 10  ILE A CG1 1 
ATOM   108  C CG2 . ILE A 1 22  ? -14.068 -0.688  3.164   1.00 42.36 ? 10  ILE A CG2 1 
ATOM   109  C CD1 . ILE A 1 22  ? -13.107 -3.323  4.232   1.00 42.54 ? 10  ILE A CD1 1 
ATOM   110  N N   . SER A 1 23  ? -15.456 0.250   0.261   1.00 41.59 ? 11  SER A N   1 
ATOM   111  C CA  . SER A 1 23  ? -15.148 1.387   -0.596  1.00 42.98 ? 11  SER A CA  1 
ATOM   112  C C   . SER A 1 23  ? -13.865 2.069   -0.121  1.00 42.73 ? 11  SER A C   1 
ATOM   113  O O   . SER A 1 23  ? -13.883 2.815   0.868   1.00 43.33 ? 11  SER A O   1 
ATOM   114  C CB  . SER A 1 23  ? -16.277 2.407   -0.577  1.00 43.65 ? 11  SER A CB  1 
ATOM   115  O OG  . SER A 1 23  ? -15.962 3.469   -1.461  1.00 47.19 ? 11  SER A OG  1 
ATOM   116  N N   . LEU A 1 24  ? -12.763 1.763   -0.801  1.00 41.88 ? 12  LEU A N   1 
ATOM   117  C CA  . LEU A 1 24  ? -11.464 2.349   -0.538  1.00 41.57 ? 12  LEU A CA  1 
ATOM   118  C C   . LEU A 1 24  ? -11.089 3.238   -1.722  1.00 41.69 ? 12  LEU A C   1 
ATOM   119  O O   . LEU A 1 24  ? -11.388 2.897   -2.872  1.00 41.51 ? 12  LEU A O   1 
ATOM   120  C CB  . LEU A 1 24  ? -10.408 1.263   -0.388  1.00 41.60 ? 12  LEU A CB  1 
ATOM   121  C CG  . LEU A 1 24  ? -10.627 0.135   0.617   1.00 39.71 ? 12  LEU A CG  1 
ATOM   122  C CD1 . LEU A 1 24  ? -9.483  -0.832  0.618   1.00 41.65 ? 12  LEU A CD1 1 
ATOM   123  C CD2 . LEU A 1 24  ? -10.774 0.743   1.932   1.00 40.98 ? 12  LEU A CD2 1 
ATOM   124  N N   . LYS A 1 25  ? -10.444 4.368   -1.420  1.00 41.89 ? 13  LYS A N   1 
ATOM   125  C CA  . LYS A 1 25  ? -9.862  5.269   -2.435  1.00 42.73 ? 13  LYS A CA  1 
ATOM   126  C C   . LYS A 1 25  ? -8.371  5.253   -2.244  1.00 41.46 ? 13  LYS A C   1 
ATOM   127  O O   . LYS A 1 25  ? -7.914  5.615   -1.160  1.00 41.67 ? 13  LYS A O   1 
ATOM   128  C CB  . LYS A 1 25  ? -10.329 6.725   -2.264  1.00 43.46 ? 13  LYS A CB  1 
ATOM   129  C CG  . LYS A 1 25  ? -11.813 6.925   -1.851  1.00 48.93 ? 13  LYS A CG  1 
ATOM   130  C CD  . LYS A 1 25  ? -11.990 7.252   -0.321  1.00 54.36 ? 13  LYS A CD  1 
ATOM   131  C CE  . LYS A 1 25  ? -11.606 8.722   0.017   1.00 56.44 ? 13  LYS A CE  1 
ATOM   132  N NZ  . LYS A 1 25  ? -10.114 8.924   0.121   1.00 57.98 ? 13  LYS A NZ  1 
ATOM   133  N N   . PRO A 1 26  ? -7.602  4.843   -3.250  1.00 40.22 ? 14  PRO A N   1 
ATOM   134  C CA  . PRO A 1 26  ? -6.146  4.836   -3.121  1.00 39.68 ? 14  PRO A CA  1 
ATOM   135  C C   . PRO A 1 26  ? -5.609  6.252   -2.880  1.00 39.01 ? 14  PRO A C   1 
ATOM   136  O O   . PRO A 1 26  ? -6.103  7.207   -3.454  1.00 38.12 ? 14  PRO A O   1 
ATOM   137  C CB  . PRO A 1 26  ? -5.645  4.300   -4.468  1.00 39.81 ? 14  PRO A CB  1 
ATOM   138  C CG  . PRO A 1 26  ? -6.825  3.768   -5.168  1.00 40.43 ? 14  PRO A CG  1 
ATOM   139  C CD  . PRO A 1 26  ? -8.047  4.395   -4.579  1.00 40.24 ? 14  PRO A CD  1 
ATOM   140  N N   . THR A 1 27  ? -4.638  6.359   -1.995  1.00 37.59 ? 15  THR A N   1 
ATOM   141  C CA  . THR A 1 27  ? -3.917  7.597   -1.747  1.00 38.09 ? 15  THR A CA  1 
ATOM   142  C C   . THR A 1 27  ? -2.650  7.636   -2.552  1.00 37.76 ? 15  THR A C   1 
ATOM   143  O O   . THR A 1 27  ? -1.719  6.899   -2.265  1.00 37.73 ? 15  THR A O   1 
ATOM   144  C CB  . THR A 1 27  ? -3.530  7.697   -0.284  1.00 37.35 ? 15  THR A CB  1 
ATOM   145  O OG1 . THR A 1 27  ? -4.724  7.857   0.484   1.00 39.58 ? 15  THR A OG1 1 
ATOM   146  C CG2 . THR A 1 27  ? -2.702  8.964   -0.019  1.00 37.23 ? 15  THR A CG2 1 
ATOM   147  N N   . VAL A 1 28  ? -2.622  8.547   -3.509  1.00 36.83 ? 16  VAL A N   1 
ATOM   148  C CA  . VAL A 1 28  ? -1.575  8.633   -4.504  1.00 36.96 ? 16  VAL A CA  1 
ATOM   149  C C   . VAL A 1 28  ? -0.906  10.042  -4.510  1.00 37.60 ? 16  VAL A C   1 
ATOM   150  O O   . VAL A 1 28  ? -1.582  11.061  -4.722  1.00 35.49 ? 16  VAL A O   1 
ATOM   151  C CB  . VAL A 1 28  ? -2.145  8.414   -5.937  1.00 35.86 ? 16  VAL A CB  1 
ATOM   152  C CG1 . VAL A 1 28  ? -1.022  8.299   -6.915  1.00 35.65 ? 16  VAL A CG1 1 
ATOM   153  C CG2 . VAL A 1 28  ? -3.000  7.175   -6.015  1.00 35.51 ? 16  VAL A CG2 1 
ATOM   154  N N   . VAL A 1 29  ? 0.427   10.040  -4.349  1.00 37.13 ? 17  VAL A N   1 
ATOM   155  C CA  . VAL A 1 29  ? 1.277   11.226  -4.340  1.00 36.87 ? 17  VAL A CA  1 
ATOM   156  C C   . VAL A 1 29  ? 2.263   11.180  -5.515  1.00 36.76 ? 17  VAL A C   1 
ATOM   157  O O   . VAL A 1 29  ? 2.336   10.198  -6.243  1.00 36.87 ? 17  VAL A O   1 
ATOM   158  C CB  . VAL A 1 29  ? 2.041   11.367  -2.997  1.00 36.16 ? 17  VAL A CB  1 
ATOM   159  C CG1 . VAL A 1 29  ? 1.046   11.492  -1.819  1.00 37.42 ? 17  VAL A CG1 1 
ATOM   160  C CG2 . VAL A 1 29  ? 2.944   10.223  -2.747  1.00 38.71 ? 17  VAL A CG2 1 
ATOM   161  N N   . GLU A 1 30  ? 2.950   12.299  -5.711  1.00 36.41 ? 18  GLU A N   1 
ATOM   162  C CA  . GLU A 1 30  ? 4.004   12.474  -6.710  1.00 36.07 ? 18  GLU A CA  1 
ATOM   163  C C   . GLU A 1 30  ? 5.360   12.308  -6.034  1.00 35.07 ? 18  GLU A C   1 
ATOM   164  O O   . GLU A 1 30  ? 5.448   12.361  -4.829  1.00 34.24 ? 18  GLU A O   1 
ATOM   165  C CB  . GLU A 1 30  ? 3.917   13.879  -7.303  1.00 36.54 ? 18  GLU A CB  1 
ATOM   166  C CG  . GLU A 1 30  ? 2.671   14.166  -8.145  1.00 39.06 ? 18  GLU A CG  1 
ATOM   167  C CD  . GLU A 1 30  ? 2.660   13.460  -9.489  1.00 43.52 ? 18  GLU A CD  1 
ATOM   168  O OE1 . GLU A 1 30  ? 1.723   12.657  -9.727  1.00 47.40 ? 18  GLU A OE1 1 
ATOM   169  O OE2 . GLU A 1 30  ? 3.579   13.693  -10.325 1.00 44.86 ? 18  GLU A OE2 1 
ATOM   170  N N   . GLU A 1 31  ? 6.417   12.146  -6.810  1.00 35.90 ? 19  GLU A N   1 
ATOM   171  C CA  . GLU A 1 31  ? 7.765   11.888  -6.272  1.00 36.39 ? 19  GLU A CA  1 
ATOM   172  C C   . GLU A 1 31  ? 8.331   13.034  -5.414  1.00 36.10 ? 19  GLU A C   1 
ATOM   173  O O   . GLU A 1 31  ? 9.111   12.802  -4.458  1.00 36.06 ? 19  GLU A O   1 
ATOM   174  C CB  . GLU A 1 31  ? 8.719   11.585  -7.436  1.00 36.87 ? 19  GLU A CB  1 
ATOM   175  C CG  . GLU A 1 31  ? 8.540   10.205  -8.032  1.00 38.80 ? 19  GLU A CG  1 
ATOM   176  C CD  . GLU A 1 31  ? 9.427   9.990   -9.239  1.00 42.02 ? 19  GLU A CD  1 
ATOM   177  O OE1 . GLU A 1 31  ? 10.063  10.943  -9.712  1.00 44.22 ? 19  GLU A OE1 1 
ATOM   178  O OE2 . GLU A 1 31  ? 9.503   8.867   -9.727  1.00 45.89 ? 19  GLU A OE2 1 
ATOM   179  N N   . ASP A 1 32  ? 7.937   14.264  -5.738  1.00 35.52 ? 20  ASP A N   1 
ATOM   180  C CA  . ASP A 1 32  ? 8.421   15.446  -5.008  1.00 35.99 ? 20  ASP A CA  1 
ATOM   181  C C   . ASP A 1 32  ? 7.471   15.902  -3.914  1.00 36.04 ? 20  ASP A C   1 
ATOM   182  O O   . ASP A 1 32  ? 7.623   16.987  -3.374  1.00 36.13 ? 20  ASP A O   1 
ATOM   183  C CB  . ASP A 1 32  ? 8.703   16.626  -5.944  1.00 35.59 ? 20  ASP A CB  1 
ATOM   184  C CG  . ASP A 1 32  ? 7.452   17.161  -6.629  1.00 36.11 ? 20  ASP A CG  1 
ATOM   185  O OD1 . ASP A 1 32  ? 6.381   16.563  -6.515  1.00 38.57 ? 20  ASP A OD1 1 
ATOM   186  O OD2 . ASP A 1 32  ? 7.438   18.190  -7.320  1.00 39.41 ? 20  ASP A OD2 1 
ATOM   187  N N   . THR A 1 33  ? 6.476   15.079  -3.606  1.00 36.80 ? 21  THR A N   1 
ATOM   188  C CA  . THR A 1 33  ? 5.526   15.372  -2.552  1.00 35.29 ? 21  THR A CA  1 
ATOM   189  C C   . THR A 1 33  ? 6.243   15.326  -1.191  1.00 36.53 ? 21  THR A C   1 
ATOM   190  O O   . THR A 1 33  ? 6.870   14.321  -0.871  1.00 35.16 ? 21  THR A O   1 
ATOM   191  C CB  . THR A 1 33  ? 4.365   14.359  -2.600  1.00 35.19 ? 21  THR A CB  1 
ATOM   192  O OG1 . THR A 1 33  ? 3.602   14.506  -3.833  1.00 36.81 ? 21  THR A OG1 1 
ATOM   193  C CG2 . THR A 1 33  ? 3.391   14.683  -1.481  1.00 33.55 ? 21  THR A CG2 1 
ATOM   194  N N   . PRO A 1 34  ? 6.191   16.421  -0.420  1.00 35.77 ? 22  PRO A N   1 
ATOM   195  C CA  . PRO A 1 34  ? 6.822   16.450  0.888   1.00 36.11 ? 22  PRO A CA  1 
ATOM   196  C C   . PRO A 1 34  ? 6.216   15.455  1.871   1.00 37.01 ? 22  PRO A C   1 
ATOM   197  O O   . PRO A 1 34  ? 5.044   15.193  1.855   1.00 36.43 ? 22  PRO A O   1 
ATOM   198  C CB  . PRO A 1 34  ? 6.582   17.887  1.358   1.00 36.21 ? 22  PRO A CB  1 
ATOM   199  C CG  . PRO A 1 34  ? 6.395   18.650  0.105   1.00 35.19 ? 22  PRO A CG  1 
ATOM   200  C CD  . PRO A 1 34  ? 5.603   17.731  -0.772  1.00 36.64 ? 22  PRO A CD  1 
ATOM   201  N N   . ILE A 1 35  ? 7.045   14.928  2.762   1.00 37.40 ? 23  ILE A N   1 
ATOM   202  C CA  . ILE A 1 35  ? 6.610   13.890  3.668   1.00 37.37 ? 23  ILE A CA  1 
ATOM   203  C C   . ILE A 1 35  ? 5.539   14.437  4.559   1.00 36.80 ? 23  ILE A C   1 
ATOM   204  O O   . ILE A 1 35  ? 4.555   13.743  4.855   1.00 36.96 ? 23  ILE A O   1 
ATOM   205  C CB  . ILE A 1 35  ? 7.801   13.356  4.454   1.00 38.10 ? 23  ILE A CB  1 
ATOM   206  C CG1 . ILE A 1 35  ? 8.686   12.558  3.492   1.00 37.07 ? 23  ILE A CG1 1 
ATOM   207  C CG2 . ILE A 1 35  ? 7.344   12.497  5.628   1.00 40.52 ? 23  ILE A CG2 1 
ATOM   208  C CD1 . ILE A 1 35  ? 10.035  12.074  4.090   1.00 36.69 ? 23  ILE A CD1 1 
ATOM   209  N N   . GLU A 1 36  ? 5.666   15.700  4.956   1.00 35.08 ? 24  GLU A N   1 
ATOM   210  C CA  . GLU A 1 36  ? 4.593   16.312  5.760   1.00 33.51 ? 24  GLU A CA  1 
ATOM   211  C C   . GLU A 1 36  ? 3.225   16.253  5.002   1.00 33.50 ? 24  GLU A C   1 
ATOM   212  O O   . GLU A 1 36  ? 2.187   15.977  5.596   1.00 32.71 ? 24  GLU A O   1 
ATOM   213  C CB  . GLU A 1 36  ? 4.957   17.725  6.164   1.00 33.48 ? 24  GLU A CB  1 
ATOM   214  C CG  . GLU A 1 36  ? 3.909   18.299  7.115   1.00 32.85 ? 24  GLU A CG  1 
ATOM   215  C CD  . GLU A 1 36  ? 4.134   19.722  7.631   1.00 34.56 ? 24  GLU A CD  1 
ATOM   216  O OE1 . GLU A 1 36  ? 5.227   20.261  7.517   1.00 33.45 ? 24  GLU A OE1 1 
ATOM   217  O OE2 . GLU A 1 36  ? 3.175   20.324  8.201   1.00 31.82 ? 24  GLU A OE2 1 
ATOM   218  N N   . GLU A 1 37  ? 3.223   16.455  3.692   1.00 33.38 ? 25  GLU A N   1 
ATOM   219  C CA  . GLU A 1 37  ? 1.946   16.383  2.934   1.00 32.80 ? 25  GLU A CA  1 
ATOM   220  C C   . GLU A 1 37  ? 1.454   14.928  2.857   1.00 32.88 ? 25  GLU A C   1 
ATOM   221  O O   . GLU A 1 37  ? 0.291   14.643  2.824   1.00 30.90 ? 25  GLU A O   1 
ATOM   222  C CB  . GLU A 1 37  ? 2.119   16.960  1.561   1.00 34.23 ? 25  GLU A CB  1 
ATOM   223  C CG  . GLU A 1 37  ? 0.829   17.043  0.749   1.00 35.77 ? 25  GLU A CG  1 
ATOM   224  C CD  . GLU A 1 37  ? 1.051   17.631  -0.641  1.00 41.18 ? 25  GLU A CD  1 
ATOM   225  O OE1 . GLU A 1 37  ? 2.072   18.349  -0.834  1.00 41.77 ? 25  GLU A OE1 1 
ATOM   226  O OE2 . GLU A 1 37  ? 0.192   17.376  -1.544  1.00 41.79 ? 25  GLU A OE2 1 
ATOM   227  N N   . ILE A 1 38  ? 2.371   13.977  2.855   1.00 32.40 ? 26  ILE A N   1 
ATOM   228  C CA  . ILE A 1 38  ? 1.986   12.564  2.863   1.00 33.76 ? 26  ILE A CA  1 
ATOM   229  C C   . ILE A 1 38  ? 1.277   12.231  4.137   1.00 35.83 ? 26  ILE A C   1 
ATOM   230  O O   . ILE A 1 38  ? 0.212   11.607  4.115   1.00 37.70 ? 26  ILE A O   1 
ATOM   231  C CB  . ILE A 1 38  ? 3.224   11.660  2.694   1.00 33.41 ? 26  ILE A CB  1 
ATOM   232  C CG1 . ILE A 1 38  ? 3.788   11.939  1.325   1.00 34.07 ? 26  ILE A CG1 1 
ATOM   233  C CG2 . ILE A 1 38  ? 2.810   10.197  2.858   1.00 34.22 ? 26  ILE A CG2 1 
ATOM   234  C CD1 . ILE A 1 38  ? 5.085   11.198  0.930   1.00 30.59 ? 26  ILE A CD1 1 
ATOM   235  N N   . VAL A 1 39  ? 1.823   12.719  5.256   1.00 37.04 ? 27  VAL A N   1 
ATOM   236  C CA  . VAL A 1 39  ? 1.166   12.619  6.540   1.00 35.96 ? 27  VAL A CA  1 
ATOM   237  C C   . VAL A 1 39  ? -0.211  13.299  6.537   1.00 36.46 ? 27  VAL A C   1 
ATOM   238  O O   . VAL A 1 39  ? -1.189  12.740  7.036   1.00 37.72 ? 27  VAL A O   1 
ATOM   239  C CB  . VAL A 1 39  ? 2.127   13.147  7.657   1.00 36.21 ? 27  VAL A CB  1 
ATOM   240  C CG1 . VAL A 1 39  ? 1.454   13.220  8.939   1.00 36.69 ? 27  VAL A CG1 1 
ATOM   241  C CG2 . VAL A 1 39  ? 3.351   12.256  7.773   1.00 33.92 ? 27  VAL A CG2 1 
ATOM   242  N N   . ASP A 1 40  ? -0.321  14.500  6.001   1.00 36.09 ? 28  ASP A N   1 
ATOM   243  C CA  . ASP A 1 40  ? -1.637  15.146  5.919   1.00 36.08 ? 28  ASP A CA  1 
ATOM   244  C C   . ASP A 1 40  ? -2.667  14.264  5.177   1.00 36.24 ? 28  ASP A C   1 
ATOM   245  O O   . ASP A 1 40  ? -3.798  14.144  5.607   1.00 37.39 ? 28  ASP A O   1 
ATOM   246  C CB  . ASP A 1 40  ? -1.575  16.489  5.205   1.00 37.33 ? 28  ASP A CB  1 
ATOM   247  C CG  . ASP A 1 40  ? -0.711  17.534  5.920   1.00 36.74 ? 28  ASP A CG  1 
ATOM   248  O OD1 . ASP A 1 40  ? -0.647  17.563  7.180   1.00 35.58 ? 28  ASP A OD1 1 
ATOM   249  O OD2 . ASP A 1 40  ? -0.125  18.413  5.242   1.00 38.18 ? 28  ASP A OD2 1 
ATOM   250  N N   . ARG A 1 41  ? -2.284  13.693  4.028   1.00 36.55 ? 29  ARG A N   1 
ATOM   251  C CA  . ARG A 1 41  ? -3.121  12.740  3.275   1.00 36.01 ? 29  ARG A CA  1 
ATOM   252  C C   . ARG A 1 41  ? -3.527  11.518  4.080   1.00 34.82 ? 29  ARG A C   1 
ATOM   253  O O   . ARG A 1 41  ? -4.648  11.070  4.002   1.00 35.44 ? 29  ARG A O   1 
ATOM   254  C CB  . ARG A 1 41  ? -2.405  12.258  2.003   1.00 36.46 ? 29  ARG A CB  1 
ATOM   255  C CG  . ARG A 1 41  ? -2.119  13.365  0.934   1.00 39.86 ? 29  ARG A CG  1 
ATOM   256  C CD  . ARG A 1 41  ? -3.307  13.959  0.276   1.00 44.32 ? 29  ARG A CD  1 
ATOM   257  N NE  . ARG A 1 41  ? -4.160  12.985  -0.442  1.00 48.68 ? 29  ARG A NE  1 
ATOM   258  C CZ  . ARG A 1 41  ? -3.939  12.456  -1.667  1.00 47.91 ? 29  ARG A CZ  1 
ATOM   259  N NH1 . ARG A 1 41  ? -2.846  12.751  -2.379  1.00 45.65 ? 29  ARG A NH1 1 
ATOM   260  N NH2 . ARG A 1 41  ? -4.837  11.612  -2.182  1.00 47.28 ? 29  ARG A NH2 1 
ATOM   261  N N   . ILE A 1 42  ? -2.617  10.955  4.873   1.00 35.37 ? 30  ILE A N   1 
ATOM   262  C CA  . ILE A 1 42  ? -2.972  9.806   5.689   1.00 35.73 ? 30  ILE A CA  1 
ATOM   263  C C   . ILE A 1 42  ? -3.967  10.216  6.777   1.00 36.52 ? 30  ILE A C   1 
ATOM   264  O O   . ILE A 1 42  ? -4.932  9.490   7.023   1.00 37.05 ? 30  ILE A O   1 
ATOM   265  C CB  . ILE A 1 42  ? -1.732  9.157   6.320   1.00 35.58 ? 30  ILE A CB  1 
ATOM   266  C CG1 . ILE A 1 42  ? -0.792  8.585   5.232   1.00 38.69 ? 30  ILE A CG1 1 
ATOM   267  C CG2 . ILE A 1 42  ? -2.165  8.037   7.256   1.00 38.03 ? 30  ILE A CG2 1 
ATOM   268  C CD1 . ILE A 1 42  ? 0.603   8.278   5.701   1.00 39.73 ? 30  ILE A CD1 1 
ATOM   269  N N   . LEU A 1 43  ? -3.734  11.361  7.436   1.00 36.70 ? 31  LEU A N   1 
ATOM   270  C CA  . LEU A 1 43  ? -4.631  11.835  8.505   1.00 36.87 ? 31  LEU A CA  1 
ATOM   271  C C   . LEU A 1 43  ? -6.054  12.171  8.010   1.00 37.36 ? 31  LEU A C   1 
ATOM   272  O O   . LEU A 1 43  ? -7.045  12.121  8.798   1.00 36.92 ? 31  LEU A O   1 
ATOM   273  C CB  . LEU A 1 43  ? -4.018  13.052  9.216   1.00 37.28 ? 31  LEU A CB  1 
ATOM   274  C CG  . LEU A 1 43  ? -2.701  12.747  9.967   1.00 38.67 ? 31  LEU A CG  1 
ATOM   275  C CD1 . LEU A 1 43  ? -1.941  14.065  10.387  1.00 38.11 ? 31  LEU A CD1 1 
ATOM   276  C CD2 . LEU A 1 43  ? -2.979  11.880  11.220  1.00 40.34 ? 31  LEU A CD2 1 
ATOM   277  N N   . GLU A 1 44  ? -6.180  12.547  6.735   1.00 36.93 ? 32  GLU A N   1 
ATOM   278  C CA  . GLU A 1 44  ? -7.516  12.849  6.162   1.00 37.56 ? 32  GLU A CA  1 
ATOM   279  C C   . GLU A 1 44  ? -8.322  11.564  5.859   1.00 36.39 ? 32  GLU A C   1 
ATOM   280  O O   . GLU A 1 44  ? -9.513  11.588  5.844   1.00 36.81 ? 32  GLU A O   1 
ATOM   281  C CB  . GLU A 1 44  ? -7.413  13.713  4.898   1.00 37.23 ? 32  GLU A CB  1 
ATOM   282  C CG  . GLU A 1 44  ? -8.710  14.442  4.557   1.00 44.11 ? 32  GLU A CG  1 
ATOM   283  C CD  . GLU A 1 44  ? -9.623  13.695  3.566   1.00 49.96 ? 32  GLU A CD  1 
ATOM   284  O OE1 . GLU A 1 44  ? -9.149  12.694  2.941   1.00 53.01 ? 32  GLU A OE1 1 
ATOM   285  O OE2 . GLU A 1 44  ? -10.804 14.140  3.385   1.00 51.65 ? 32  GLU A OE2 1 
ATOM   286  N N   . ASP A 1 45  ? -7.626  10.464  5.594   1.00 36.71 ? 33  ASP A N   1 
ATOM   287  C CA  . ASP A 1 45  ? -8.225  9.177   5.296   1.00 36.65 ? 33  ASP A CA  1 
ATOM   288  C C   . ASP A 1 45  ? -7.477  8.103   6.108   1.00 35.87 ? 33  ASP A C   1 
ATOM   289  O O   . ASP A 1 45  ? -6.659  7.359   5.547   1.00 33.73 ? 33  ASP A O   1 
ATOM   290  C CB  . ASP A 1 45  ? -8.090  8.886   3.794   1.00 37.50 ? 33  ASP A CB  1 
ATOM   291  C CG  . ASP A 1 45  ? -8.970  7.716   3.343   1.00 40.42 ? 33  ASP A CG  1 
ATOM   292  O OD1 . ASP A 1 45  ? -10.004 7.443   4.005   1.00 41.45 ? 33  ASP A OD1 1 
ATOM   293  O OD2 . ASP A 1 45  ? -8.679  7.007   2.354   1.00 43.84 ? 33  ASP A OD2 1 
ATOM   294  N N   . PRO A 1 46  ? -7.694  8.093   7.431   1.00 34.68 ? 34  PRO A N   1 
ATOM   295  C CA  . PRO A 1 46  ? -6.868  7.301   8.343   1.00 35.68 ? 34  PRO A CA  1 
ATOM   296  C C   . PRO A 1 46  ? -6.936  5.760   8.253   1.00 35.53 ? 34  PRO A C   1 
ATOM   297  O O   . PRO A 1 46  ? -6.147  5.101   8.910   1.00 35.45 ? 34  PRO A O   1 
ATOM   298  C CB  . PRO A 1 46  ? -7.292  7.836   9.739   1.00 35.31 ? 34  PRO A CB  1 
ATOM   299  C CG  . PRO A 1 46  ? -8.568  8.487   9.570   1.00 35.67 ? 34  PRO A CG  1 
ATOM   300  C CD  . PRO A 1 46  ? -8.633  8.948   8.166   1.00 35.98 ? 34  PRO A CD  1 
ATOM   301  N N   . VAL A 1 47  ? -7.825  5.228   7.431   1.00 35.76 ? 35  VAL A N   1 
ATOM   302  C CA  . VAL A 1 47  ? -7.867  3.822   7.063   1.00 36.03 ? 35  VAL A CA  1 
ATOM   303  C C   . VAL A 1 47  ? -6.656  3.469   6.201   1.00 35.72 ? 35  VAL A C   1 
ATOM   304  O O   . VAL A 1 47  ? -6.279  2.284   6.066   1.00 36.15 ? 35  VAL A O   1 
ATOM   305  C CB  . VAL A 1 47  ? -9.256  3.500   6.324   1.00 36.13 ? 35  VAL A CB  1 
ATOM   306  C CG1 . VAL A 1 47  ? -9.326  4.027   4.912   1.00 38.01 ? 35  VAL A CG1 1 
ATOM   307  C CG2 . VAL A 1 47  ? -9.602  2.041   6.363   1.00 39.12 ? 35  VAL A CG2 1 
ATOM   308  N N   . THR A 1 48  ? -6.020  4.505   5.652   1.00 35.26 ? 36  THR A N   1 
ATOM   309  C CA  . THR A 1 48  ? -4.997  4.349   4.660   1.00 34.03 ? 36  THR A CA  1 
ATOM   310  C C   . THR A 1 48  ? -3.848  3.638   5.320   1.00 35.22 ? 36  THR A C   1 
ATOM   311  O O   . THR A 1 48  ? -3.442  4.016   6.402   1.00 35.50 ? 36  THR A O   1 
ATOM   312  C CB  . THR A 1 48  ? -4.527  5.711   4.198   1.00 34.82 ? 36  THR A CB  1 
ATOM   313  O OG1 . THR A 1 48  ? -5.552  6.393   3.472   1.00 34.88 ? 36  THR A OG1 1 
ATOM   314  C CG2 . THR A 1 48  ? -3.421  5.621   3.198   1.00 32.97 ? 36  THR A CG2 1 
ATOM   315  N N   . ARG A 1 49  ? -3.318  2.621   4.658   1.00 36.25 ? 37  ARG A N   1 
ATOM   316  C CA  . ARG A 1 49  ? -2.236  1.822   5.236   1.00 35.92 ? 37  ARG A CA  1 
ATOM   317  C C   . ARG A 1 49  ? -1.005  1.807   4.353   1.00 35.46 ? 37  ARG A C   1 
ATOM   318  O O   . ARG A 1 49  ? 0.111   1.489   4.826   1.00 34.84 ? 37  ARG A O   1 
ATOM   319  C CB  . ARG A 1 49  ? -2.734  0.401   5.602   1.00 36.89 ? 37  ARG A CB  1 
ATOM   320  C CG  . ARG A 1 49  ? -3.538  0.374   6.924   1.00 40.46 ? 37  ARG A CG  1 
ATOM   321  C CD  . ARG A 1 49  ? -4.461  -0.810  6.963   1.00 43.27 ? 37  ARG A CD  1 
ATOM   322  N NE  . ARG A 1 49  ? -4.992  -1.126  8.281   1.00 41.34 ? 37  ARG A NE  1 
ATOM   323  C CZ  . ARG A 1 49  ? -6.105  -0.668  8.795   1.00 42.24 ? 37  ARG A CZ  1 
ATOM   324  N NH1 . ARG A 1 49  ? -6.846  0.233   8.150   1.00 39.05 ? 37  ARG A NH1 1 
ATOM   325  N NH2 . ARG A 1 49  ? -6.486  -1.124  9.982   1.00 40.99 ? 37  ARG A NH2 1 
ATOM   326  N N   . THR A 1 50  ? -1.195  2.136   3.092   1.00 34.36 ? 38  THR A N   1 
ATOM   327  C CA  . THR A 1 50  ? -0.110  2.262   2.136   1.00 36.79 ? 38  THR A CA  1 
ATOM   328  C C   . THR A 1 50  ? -0.400  3.465   1.208   1.00 36.69 ? 38  THR A C   1 
ATOM   329  O O   . THR A 1 50  ? -1.506  3.575   0.625   1.00 37.73 ? 38  THR A O   1 
ATOM   330  C CB  . THR A 1 50  ? 0.087   0.970   1.296   1.00 36.95 ? 38  THR A CB  1 
ATOM   331  O OG1 . THR A 1 50  ? 0.254   -0.199  2.139   1.00 38.41 ? 38  THR A OG1 1 
ATOM   332  C CG2 . THR A 1 50  ? 1.419   1.053   0.508   1.00 37.13 ? 38  THR A CG2 1 
ATOM   333  N N   . VAL A 1 51  ? 0.583   4.374   1.107   1.00 36.39 ? 39  VAL A N   1 
ATOM   334  C CA  . VAL A 1 51  ? 0.608   5.427   0.104   1.00 36.23 ? 39  VAL A CA  1 
ATOM   335  C C   . VAL A 1 51  ? 1.331   4.997   -1.175  1.00 36.26 ? 39  VAL A C   1 
ATOM   336  O O   . VAL A 1 51  ? 2.389   4.387   -1.126  1.00 36.18 ? 39  VAL A O   1 
ATOM   337  C CB  . VAL A 1 51  ? 1.208   6.734   0.699   1.00 37.21 ? 39  VAL A CB  1 
ATOM   338  C CG1 . VAL A 1 51  ? 1.297   7.799   -0.375  1.00 37.20 ? 39  VAL A CG1 1 
ATOM   339  C CG2 . VAL A 1 51  ? 0.312   7.232   1.870   1.00 35.00 ? 39  VAL A CG2 1 
ATOM   340  N N   . TYR A 1 52  ? 0.757   5.347   -2.305  1.00 36.55 ? 40  TYR A N   1 
ATOM   341  C CA  . TYR A 1 52  ? 1.352   5.055   -3.603  1.00 37.33 ? 40  TYR A CA  1 
ATOM   342  C C   . TYR A 1 52  ? 1.930   6.336   -4.185  1.00 37.27 ? 40  TYR A C   1 
ATOM   343  O O   . TYR A 1 52  ? 1.447   7.434   -3.904  1.00 37.15 ? 40  TYR A O   1 
ATOM   344  C CB  . TYR A 1 52  ? 0.314   4.460   -4.577  1.00 36.99 ? 40  TYR A CB  1 
ATOM   345  C CG  . TYR A 1 52  ? -0.520  3.358   -3.937  1.00 38.49 ? 40  TYR A CG  1 
ATOM   346  C CD1 . TYR A 1 52  ? 0.101   2.294   -3.279  1.00 40.45 ? 40  TYR A CD1 1 
ATOM   347  C CD2 . TYR A 1 52  ? -1.918  3.372   -3.974  1.00 40.96 ? 40  TYR A CD2 1 
ATOM   348  C CE1 . TYR A 1 52  ? -0.630  1.302   -2.674  1.00 41.49 ? 40  TYR A CE1 1 
ATOM   349  C CE2 . TYR A 1 52  ? -2.661  2.347   -3.356  1.00 39.79 ? 40  TYR A CE2 1 
ATOM   350  C CZ  . TYR A 1 52  ? -2.000  1.329   -2.718  1.00 40.36 ? 40  TYR A CZ  1 
ATOM   351  O OH  . TYR A 1 52  ? -2.697  0.318   -2.116  1.00 40.56 ? 40  TYR A OH  1 
ATOM   352  N N   . VAL A 1 53  ? 2.934   6.154   -5.035  1.00 37.35 ? 41  VAL A N   1 
ATOM   353  C CA  . VAL A 1 53  ? 3.635   7.224   -5.729  1.00 37.02 ? 41  VAL A CA  1 
ATOM   354  C C   . VAL A 1 53  ? 3.561   6.944   -7.227  1.00 37.24 ? 41  VAL A C   1 
ATOM   355  O O   . VAL A 1 53  ? 3.959   5.872   -7.708  1.00 36.46 ? 41  VAL A O   1 
ATOM   356  C CB  . VAL A 1 53  ? 5.137   7.308   -5.260  1.00 37.05 ? 41  VAL A CB  1 
ATOM   357  C CG1 . VAL A 1 53  ? 5.840   8.544   -5.853  1.00 37.60 ? 41  VAL A CG1 1 
ATOM   358  C CG2 . VAL A 1 53  ? 5.230   7.312   -3.761  1.00 36.07 ? 41  VAL A CG2 1 
ATOM   359  N N   . ALA A 1 54  ? 3.036   7.915   -7.962  1.00 37.36 ? 42  ALA A N   1 
ATOM   360  C CA  . ALA A 1 54  ? 2.892   7.795   -9.393  1.00 37.42 ? 42  ALA A CA  1 
ATOM   361  C C   . ALA A 1 54  ? 3.690   8.874   -10.128 1.00 38.38 ? 42  ALA A C   1 
ATOM   362  O O   . ALA A 1 54  ? 4.091   9.894   -9.550  1.00 37.78 ? 42  ALA A O   1 
ATOM   363  C CB  . ALA A 1 54  ? 1.432   7.865   -9.775  1.00 37.61 ? 42  ALA A CB  1 
ATOM   364  N N   . ARG A 1 55  ? 3.926   8.620   -11.415 1.00 39.37 ? 43  ARG A N   1 
ATOM   365  C CA  . ARG A 1 55  ? 4.598   9.554   -12.279 1.00 40.46 ? 43  ARG A CA  1 
ATOM   366  C C   . ARG A 1 55  ? 4.014   9.327   -13.661 1.00 41.36 ? 43  ARG A C   1 
ATOM   367  O O   . ARG A 1 55  ? 4.148   8.237   -14.216 1.00 40.42 ? 43  ARG A O   1 
ATOM   368  C CB  . ARG A 1 55  ? 6.103   9.255   -12.265 1.00 41.28 ? 43  ARG A CB  1 
ATOM   369  C CG  . ARG A 1 55  ? 7.024   10.445  -12.575 1.00 42.58 ? 43  ARG A CG  1 
ATOM   370  C CD  . ARG A 1 55  ? 8.236   10.075  -13.433 1.00 45.34 ? 43  ARG A CD  1 
ATOM   371  N NE  . ARG A 1 55  ? 8.766   8.748   -13.112 1.00 46.61 ? 43  ARG A NE  1 
ATOM   372  N N   . ASP A 1 56  ? 3.346   10.344  -14.205 1.00 42.42 ? 44  ASP A N   1 
ATOM   373  C CA  . ASP A 1 56  ? 2.642   10.219  -15.480 1.00 43.16 ? 44  ASP A CA  1 
ATOM   374  C C   . ASP A 1 56  ? 1.581   9.085   -15.438 1.00 43.41 ? 44  ASP A C   1 
ATOM   375  O O   . ASP A 1 56  ? 1.436   8.310   -16.386 1.00 42.16 ? 44  ASP A O   1 
ATOM   376  C CB  . ASP A 1 56  ? 3.634   9.989   -16.634 1.00 43.55 ? 44  ASP A CB  1 
ATOM   377  C CG  . ASP A 1 56  ? 4.740   11.045  -16.696 1.00 45.53 ? 44  ASP A CG  1 
ATOM   378  O OD1 . ASP A 1 56  ? 4.446   12.260  -16.530 1.00 46.66 ? 44  ASP A OD1 1 
ATOM   379  O OD2 . ASP A 1 56  ? 5.938   10.738  -16.913 1.00 46.61 ? 44  ASP A OD2 1 
ATOM   380  N N   . ASN A 1 57  ? 0.862   8.991   -14.314 1.00 43.83 ? 45  ASN A N   1 
ATOM   381  C CA  . ASN A 1 57  ? -0.171  7.965   -14.102 1.00 44.20 ? 45  ASN A CA  1 
ATOM   382  C C   . ASN A 1 57  ? 0.290   6.512   -14.002 1.00 43.33 ? 45  ASN A C   1 
ATOM   383  O O   . ASN A 1 57  ? -0.543  5.615   -13.982 1.00 43.42 ? 45  ASN A O   1 
ATOM   384  C CB  . ASN A 1 57  ? -1.286  8.086   -15.146 1.00 45.27 ? 45  ASN A CB  1 
ATOM   385  C CG  . ASN A 1 57  ? -2.204  9.232   -14.847 1.00 48.05 ? 45  ASN A CG  1 
ATOM   386  O OD1 . ASN A 1 57  ? -2.701  9.351   -13.709 1.00 53.56 ? 45  ASN A OD1 1 
ATOM   387  N ND2 . ASN A 1 57  ? -2.419  10.110  -15.838 1.00 49.06 ? 45  ASN A ND2 1 
ATOM   388  N N   . LYS A 1 58  ? 1.603   6.297   -13.906 1.00 42.00 ? 46  LYS A N   1 
ATOM   389  C CA  . LYS A 1 58  ? 2.184   4.976   -13.720 1.00 40.91 ? 46  LYS A CA  1 
ATOM   390  C C   . LYS A 1 58  ? 2.586   4.815   -12.271 1.00 39.49 ? 46  LYS A C   1 
ATOM   391  O O   . LYS A 1 58  ? 3.050   5.748   -11.658 1.00 38.81 ? 46  LYS A O   1 
ATOM   392  C CB  . LYS A 1 58  ? 3.418   4.812   -14.605 1.00 41.37 ? 46  LYS A CB  1 
ATOM   393  C CG  . LYS A 1 58  ? 3.194   5.168   -16.076 1.00 42.86 ? 46  LYS A CG  1 
ATOM   394  C CD  . LYS A 1 58  ? 2.167   4.257   -16.710 1.00 44.84 ? 46  LYS A CD  1 
ATOM   395  C CE  . LYS A 1 58  ? 2.152   4.371   -18.235 1.00 45.86 ? 46  LYS A CE  1 
ATOM   396  N NZ  . LYS A 1 58  ? 1.291   3.300   -18.852 1.00 46.85 ? 46  LYS A NZ  1 
ATOM   397  N N   . LEU A 1 59  ? 2.384   3.632   -11.715 1.00 38.39 ? 47  LEU A N   1 
ATOM   398  C CA  . LEU A 1 59  ? 2.831   3.309   -10.357 1.00 37.33 ? 47  LEU A CA  1 
ATOM   399  C C   . LEU A 1 59  ? 4.367   3.137   -10.296 1.00 36.88 ? 47  LEU A C   1 
ATOM   400  O O   . LEU A 1 59  ? 4.928   2.317   -10.992 1.00 36.54 ? 47  LEU A O   1 
ATOM   401  C CB  . LEU A 1 59  ? 2.126   2.039   -9.905  1.00 37.32 ? 47  LEU A CB  1 
ATOM   402  C CG  . LEU A 1 59  ? 2.432   1.556   -8.500  1.00 35.88 ? 47  LEU A CG  1 
ATOM   403  C CD1 . LEU A 1 59  ? 1.855   2.526   -7.468  1.00 35.45 ? 47  LEU A CD1 1 
ATOM   404  C CD2 . LEU A 1 59  ? 1.895   0.149   -8.340  1.00 37.09 ? 47  LEU A CD2 1 
ATOM   405  N N   . VAL A 1 60  ? 5.036   3.927   -9.454  1.00 36.66 ? 48  VAL A N   1 
ATOM   406  C CA  . VAL A 1 60  ? 6.489   3.866   -9.322  1.00 35.67 ? 48  VAL A CA  1 
ATOM   407  C C   . VAL A 1 60  ? 7.015   3.604   -7.923  1.00 35.10 ? 48  VAL A C   1 
ATOM   408  O O   . VAL A 1 60  ? 8.162   3.236   -7.787  1.00 35.60 ? 48  VAL A O   1 
ATOM   409  C CB  . VAL A 1 60  ? 7.232   5.119   -9.937  1.00 35.46 ? 48  VAL A CB  1 
ATOM   410  C CG1 . VAL A 1 60  ? 6.917   5.246   -11.413 1.00 35.29 ? 48  VAL A CG1 1 
ATOM   411  C CG2 . VAL A 1 60  ? 6.895   6.387   -9.211  1.00 35.82 ? 48  VAL A CG2 1 
ATOM   412  N N   . GLY A 1 61  ? 6.215   3.775   -6.873  1.00 33.93 ? 49  GLY A N   1 
ATOM   413  C CA  . GLY A 1 61  ? 6.691   3.366   -5.565  1.00 33.83 ? 49  GLY A CA  1 
ATOM   414  C C   . GLY A 1 61  ? 5.565   3.224   -4.576  1.00 33.08 ? 49  GLY A C   1 
ATOM   415  O O   . GLY A 1 61  ? 4.423   3.587   -4.849  1.00 34.08 ? 49  GLY A O   1 
ATOM   416  N N   . MET A 1 62  ? 5.886   2.791   -3.375  1.00 33.57 ? 50  MET A N   1 
ATOM   417  C CA  . MET A 1 62  ? 4.869   2.736   -2.345  1.00 32.87 ? 50  MET A CA  1 
ATOM   418  C C   . MET A 1 62  ? 5.478   3.087   -0.995  1.00 33.00 ? 50  MET A C   1 
ATOM   419  O O   . MET A 1 62  ? 6.636   2.942   -0.772  1.00 30.98 ? 50  MET A O   1 
ATOM   420  C CB  . MET A 1 62  ? 4.222   1.322   -2.320  1.00 33.26 ? 50  MET A CB  1 
ATOM   421  C CG  . MET A 1 62  ? 5.182   0.234   -1.785  1.00 34.03 ? 50  MET A CG  1 
ATOM   422  S SD  . MET A 1 62  ? 4.489   -1.475  -1.562  1.00 37.17 ? 50  MET A SD  1 
ATOM   423  C CE  . MET A 1 62  ? 5.823   -2.315  -0.597  1.00 35.04 ? 50  MET A CE  1 
ATOM   424  N N   . ILE A 1 63  ? 4.682   3.608   -0.089  1.00 33.45 ? 51  ILE A N   1 
ATOM   425  C CA  . ILE A 1 63  ? 5.187   3.925   1.209   1.00 35.55 ? 51  ILE A CA  1 
ATOM   426  C C   . ILE A 1 63  ? 4.170   3.333   2.193   1.00 36.47 ? 51  ILE A C   1 
ATOM   427  O O   . ILE A 1 63  ? 3.123   3.944   2.442   1.00 35.12 ? 51  ILE A O   1 
ATOM   428  C CB  . ILE A 1 63  ? 5.254   5.466   1.341   1.00 37.54 ? 51  ILE A CB  1 
ATOM   429  C CG1 . ILE A 1 63  ? 6.131   6.071   0.233   1.00 37.78 ? 51  ILE A CG1 1 
ATOM   430  C CG2 . ILE A 1 63  ? 5.671   5.874   2.778   1.00 34.63 ? 51  ILE A CG2 1 
ATOM   431  C CD1 . ILE A 1 63  ? 6.062   7.642   0.128   1.00 39.46 ? 51  ILE A CD1 1 
ATOM   432  N N   . PRO A 1 64  ? 4.421   2.117   2.683   1.00 36.94 ? 52  PRO A N   1 
ATOM   433  C CA  . PRO A 1 64  ? 3.665   1.593   3.830   1.00 36.41 ? 52  PRO A CA  1 
ATOM   434  C C   . PRO A 1 64  ? 3.811   2.480   5.067   1.00 36.96 ? 52  PRO A C   1 
ATOM   435  O O   . PRO A 1 64  ? 4.882   3.031   5.376   1.00 35.97 ? 52  PRO A O   1 
ATOM   436  C CB  . PRO A 1 64  ? 4.329   0.229   4.072   1.00 35.68 ? 52  PRO A CB  1 
ATOM   437  C CG  . PRO A 1 64  ? 4.817   -0.124  2.807   1.00 36.20 ? 52  PRO A CG  1 
ATOM   438  C CD  . PRO A 1 64  ? 5.414   1.130   2.207   1.00 36.59 ? 52  PRO A CD  1 
ATOM   439  N N   . VAL A 1 65  ? 2.717   2.640   5.803   1.00 37.09 ? 53  VAL A N   1 
ATOM   440  C CA  . VAL A 1 65  ? 2.769   3.495   6.964   1.00 35.70 ? 53  VAL A CA  1 
ATOM   441  C C   . VAL A 1 65  ? 3.840   3.024   7.953   1.00 37.61 ? 53  VAL A C   1 
ATOM   442  O O   . VAL A 1 65  ? 4.463   3.854   8.624   1.00 37.76 ? 53  VAL A O   1 
ATOM   443  C CB  . VAL A 1 65  ? 1.427   3.563   7.636   1.00 36.67 ? 53  VAL A CB  1 
ATOM   444  C CG1 . VAL A 1 65  ? 1.553   4.216   9.040   1.00 35.05 ? 53  VAL A CG1 1 
ATOM   445  C CG2 . VAL A 1 65  ? 0.488   4.334   6.752   1.00 34.14 ? 53  VAL A CG2 1 
ATOM   446  N N   . MET A 1 66  ? 4.100   1.716   8.023   1.00 37.20 ? 54  MET A N   1 
ATOM   447  C CA  . MET A 1 66  ? 5.106   1.241   8.984   1.00 35.65 ? 54  MET A CA  1 
ATOM   448  C C   . MET A 1 66  ? 6.502   1.610   8.470   1.00 36.65 ? 54  MET A C   1 
ATOM   449  O O   . MET A 1 66  ? 7.465   1.789   9.274   1.00 34.82 ? 54  MET A O   1 
ATOM   450  C CB  . MET A 1 66  ? 4.981   -0.270  9.241   1.00 36.73 ? 54  MET A CB  1 
ATOM   451  C CG  . MET A 1 66  ? 6.164   -0.884  10.036  1.00 36.24 ? 54  MET A CG  1 
ATOM   452  S SD  . MET A 1 66  ? 6.303   -0.257  11.828  1.00 40.80 ? 54  MET A SD  1 
ATOM   453  C CE  . MET A 1 66  ? 5.083   -1.214  12.575  1.00 42.19 ? 54  MET A CE  1 
ATOM   454  N N   . HIS A 1 67  ? 6.664   1.661   7.148   1.00 36.53 ? 55  HIS A N   1 
ATOM   455  C CA  . HIS A 1 67  ? 7.939   2.134   6.598   1.00 37.64 ? 55  HIS A CA  1 
ATOM   456  C C   . HIS A 1 67  ? 8.160   3.634   6.972   1.00 37.97 ? 55  HIS A C   1 
ATOM   457  O O   . HIS A 1 67  ? 9.238   3.998   7.395   1.00 37.89 ? 55  HIS A O   1 
ATOM   458  C CB  . HIS A 1 67  ? 8.015   1.938   5.095   1.00 38.37 ? 55  HIS A CB  1 
ATOM   459  C CG  . HIS A 1 67  ? 9.306   2.407   4.485   1.00 37.42 ? 55  HIS A CG  1 
ATOM   460  N ND1 . HIS A 1 67  ? 10.542  1.906   4.850   1.00 38.89 ? 55  HIS A ND1 1 
ATOM   461  C CD2 . HIS A 1 67  ? 9.539   3.286   3.478   1.00 37.01 ? 55  HIS A CD2 1 
ATOM   462  C CE1 . HIS A 1 67  ? 11.480  2.472   4.099   1.00 37.01 ? 55  HIS A CE1 1 
ATOM   463  N NE2 . HIS A 1 67  ? 10.894  3.334   3.276   1.00 36.96 ? 55  HIS A NE2 1 
ATOM   464  N N   . LEU A 1 68  ? 7.117   4.454   6.872   1.00 38.79 ? 56  LEU A N   1 
ATOM   465  C CA  . LEU A 1 68  ? 7.158   5.874   7.229   1.00 39.22 ? 56  LEU A CA  1 
ATOM   466  C C   . LEU A 1 68  ? 7.450   6.068   8.722   1.00 39.75 ? 56  LEU A C   1 
ATOM   467  O O   . LEU A 1 68  ? 8.204   6.972   9.123   1.00 40.03 ? 56  LEU A O   1 
ATOM   468  C CB  . LEU A 1 68  ? 5.824   6.547   6.856   1.00 38.78 ? 56  LEU A CB  1 
ATOM   469  C CG  . LEU A 1 68  ? 5.706   8.062   7.016   1.00 39.62 ? 56  LEU A CG  1 
ATOM   470  C CD1 . LEU A 1 68  ? 6.906   8.811   6.423   1.00 41.95 ? 56  LEU A CD1 1 
ATOM   471  C CD2 . LEU A 1 68  ? 4.383   8.573   6.395   1.00 41.36 ? 56  LEU A CD2 1 
ATOM   472  N N   . LEU A 1 69  ? 6.897   5.175   9.541   1.00 39.38 ? 57  LEU A N   1 
ATOM   473  C CA  . LEU A 1 69  ? 7.128   5.190   10.979  1.00 38.67 ? 57  LEU A CA  1 
ATOM   474  C C   . LEU A 1 69  ? 8.613   4.884   11.248  1.00 37.88 ? 57  LEU A C   1 
ATOM   475  O O   . LEU A 1 69  ? 9.253   5.554   12.052  1.00 38.07 ? 57  LEU A O   1 
ATOM   476  C CB  . LEU A 1 69  ? 6.216   4.161   11.655  1.00 38.76 ? 57  LEU A CB  1 
ATOM   477  C CG  . LEU A 1 69  ? 6.130   4.193   13.172  1.00 42.22 ? 57  LEU A CG  1 
ATOM   478  C CD1 . LEU A 1 69  ? 5.432   5.501   13.612  1.00 41.16 ? 57  LEU A CD1 1 
ATOM   479  C CD2 . LEU A 1 69  ? 5.424   2.957   13.764  1.00 42.66 ? 57  LEU A CD2 1 
ATOM   480  N N   . LYS A 1 70  ? 9.171   3.920   10.527  1.00 37.83 ? 58  LYS A N   1 
ATOM   481  C CA  . LYS A 1 70  ? 10.550  3.525   10.702  1.00 38.41 ? 58  LYS A CA  1 
ATOM   482  C C   . LYS A 1 70  ? 11.508  4.656   10.253  1.00 37.30 ? 58  LYS A C   1 
ATOM   483  O O   . LYS A 1 70  ? 12.463  4.993   10.943  1.00 35.24 ? 58  LYS A O   1 
ATOM   484  C CB  . LYS A 1 70  ? 10.853  2.201   9.966   1.00 38.77 ? 58  LYS A CB  1 
ATOM   485  C CG  . LYS A 1 70  ? 10.291  0.973   10.663  1.00 40.85 ? 58  LYS A CG  1 
ATOM   486  C CD  . LYS A 1 70  ? 10.486  -0.270  9.813   1.00 41.92 ? 58  LYS A CD  1 
ATOM   487  C CE  . LYS A 1 70  ? 9.820   -1.501  10.437  1.00 44.86 ? 58  LYS A CE  1 
ATOM   488  N NZ  . LYS A 1 70  ? 9.941   -2.734  9.530   1.00 44.03 ? 58  LYS A NZ  1 
ATOM   489  N N   . VAL A 1 71  ? 11.228  5.212   9.084   1.00 37.30 ? 59  VAL A N   1 
ATOM   490  C CA  . VAL A 1 71  ? 11.963  6.346   8.535   1.00 37.70 ? 59  VAL A CA  1 
ATOM   491  C C   . VAL A 1 71  ? 11.948  7.495   9.568   1.00 37.44 ? 59  VAL A C   1 
ATOM   492  O O   . VAL A 1 71  ? 12.949  8.186   9.767   1.00 37.28 ? 59  VAL A O   1 
ATOM   493  C CB  . VAL A 1 71  ? 11.302  6.769   7.177   1.00 38.59 ? 59  VAL A CB  1 
ATOM   494  C CG1 . VAL A 1 71  ? 11.651  8.186   6.820   1.00 40.98 ? 59  VAL A CG1 1 
ATOM   495  C CG2 . VAL A 1 71  ? 11.707  5.806   6.082   1.00 39.81 ? 59  VAL A CG2 1 
ATOM   496  N N   . SER A 1 72  ? 10.800  7.678   10.223  1.00 37.39 ? 60  SER A N   1 
ATOM   497  C CA  . SER A 1 72  ? 10.584  8.770   11.160  1.00 36.60 ? 60  SER A CA  1 
ATOM   498  C C   . SER A 1 72  ? 11.368  8.553   12.434  1.00 36.05 ? 60  SER A C   1 
ATOM   499  O O   . SER A 1 72  ? 12.024  9.462   12.871  1.00 37.80 ? 60  SER A O   1 
ATOM   500  C CB  . SER A 1 72  ? 9.097   8.997   11.446  1.00 37.00 ? 60  SER A CB  1 
ATOM   501  O OG  . SER A 1 72  ? 8.413   9.211   10.227  1.00 36.68 ? 60  SER A OG  1 
ATOM   502  N N   . GLY A 1 73  ? 11.352  7.349   13.003  1.00 35.26 ? 61  GLY A N   1 
ATOM   503  C CA  . GLY A 1 73  ? 12.141  7.030   14.165  1.00 34.08 ? 61  GLY A CA  1 
ATOM   504  C C   . GLY A 1 73  ? 13.630  7.210   13.997  1.00 33.35 ? 61  GLY A C   1 
ATOM   505  O O   . GLY A 1 73  ? 14.324  7.572   14.951  1.00 33.91 ? 61  GLY A O   1 
ATOM   506  N N   . PHE A 1 74  ? 14.165  6.874   12.816  1.00 32.43 ? 62  PHE A N   1 
ATOM   507  C CA  . PHE A 1 74  ? 15.550  7.143   12.510  1.00 32.22 ? 62  PHE A CA  1 
ATOM   508  C C   . PHE A 1 74  ? 15.828  8.657   12.401  1.00 31.92 ? 62  PHE A C   1 
ATOM   509  O O   . PHE A 1 74  ? 16.742  9.172   12.997  1.00 31.24 ? 62  PHE A O   1 
ATOM   510  C CB  . PHE A 1 74  ? 15.987  6.444   11.226  1.00 32.01 ? 62  PHE A CB  1 
ATOM   511  C CG  . PHE A 1 74  ? 17.398  6.714   10.888  1.00 35.64 ? 62  PHE A CG  1 
ATOM   512  C CD1 . PHE A 1 74  ? 18.403  6.187   11.664  1.00 36.21 ? 62  PHE A CD1 1 
ATOM   513  C CD2 . PHE A 1 74  ? 17.728  7.553   9.825   1.00 37.76 ? 62  PHE A CD2 1 
ATOM   514  C CE1 . PHE A 1 74  ? 19.756  6.450   11.386  1.00 39.68 ? 62  PHE A CE1 1 
ATOM   515  C CE2 . PHE A 1 74  ? 19.044  7.832   9.529   1.00 39.28 ? 62  PHE A CE2 1 
ATOM   516  C CZ  . PHE A 1 74  ? 20.077  7.275   10.299  1.00 38.52 ? 62  PHE A CZ  1 
ATOM   517  N N   . HIS A 1 75  ? 15.002  9.366   11.634  1.00 31.61 ? 63  HIS A N   1 
ATOM   518  C CA  . HIS A 1 75  ? 15.236  10.774  11.396  1.00 32.33 ? 63  HIS A CA  1 
ATOM   519  C C   . HIS A 1 75  ? 15.165  11.601  12.683  1.00 32.59 ? 63  HIS A C   1 
ATOM   520  O O   . HIS A 1 75  ? 15.990  12.472  12.889  1.00 33.39 ? 63  HIS A O   1 
ATOM   521  C CB  . HIS A 1 75  ? 14.178  11.321  10.419  1.00 31.53 ? 63  HIS A CB  1 
ATOM   522  C CG  . HIS A 1 75  ? 14.395  12.753  10.055  1.00 35.65 ? 63  HIS A CG  1 
ATOM   523  N ND1 . HIS A 1 75  ? 15.419  13.156  9.227   1.00 35.26 ? 63  HIS A ND1 1 
ATOM   524  C CD2 . HIS A 1 75  ? 13.722  13.877  10.403  1.00 37.71 ? 63  HIS A CD2 1 
ATOM   525  C CE1 . HIS A 1 75  ? 15.360  14.468  9.072   1.00 35.99 ? 63  HIS A CE1 1 
ATOM   526  N NE2 . HIS A 1 75  ? 14.352  14.929  9.785   1.00 38.15 ? 63  HIS A NE2 1 
ATOM   527  N N   . PHE A 1 76  ? 14.157  11.338  13.521  1.00 32.27 ? 64  PHE A N   1 
ATOM   528  C CA  . PHE A 1 76  ? 13.909  12.147  14.711  1.00 32.09 ? 64  PHE A CA  1 
ATOM   529  C C   . PHE A 1 76  ? 14.586  11.633  15.977  1.00 31.33 ? 64  PHE A C   1 
ATOM   530  O O   . PHE A 1 76  ? 14.938  12.426  16.835  1.00 30.30 ? 64  PHE A O   1 
ATOM   531  C CB  . PHE A 1 76  ? 12.413  12.301  14.928  1.00 32.89 ? 64  PHE A CB  1 
ATOM   532  C CG  . PHE A 1 76  ? 11.765  13.205  13.939  1.00 35.35 ? 64  PHE A CG  1 
ATOM   533  C CD1 . PHE A 1 76  ? 11.910  14.580  14.050  1.00 37.84 ? 64  PHE A CD1 1 
ATOM   534  C CD2 . PHE A 1 76  ? 11.011  12.712  12.899  1.00 37.33 ? 64  PHE A CD2 1 
ATOM   535  C CE1 . PHE A 1 76  ? 11.332  15.416  13.131  1.00 36.63 ? 64  PHE A CE1 1 
ATOM   536  C CE2 . PHE A 1 76  ? 10.421  13.543  12.013  1.00 37.18 ? 64  PHE A CE2 1 
ATOM   537  C CZ  . PHE A 1 76  ? 10.604  14.903  12.118  1.00 36.93 ? 64  PHE A CZ  1 
ATOM   538  N N   . PHE A 1 77  ? 14.783  10.318  16.084  1.00 30.95 ? 65  PHE A N   1 
ATOM   539  C CA  . PHE A 1 77  ? 15.346  9.712   17.326  1.00 30.63 ? 65  PHE A CA  1 
ATOM   540  C C   . PHE A 1 77  ? 16.607  8.914   17.101  1.00 30.66 ? 65  PHE A C   1 
ATOM   541  O O   . PHE A 1 77  ? 17.191  8.398   18.067  1.00 30.01 ? 65  PHE A O   1 
ATOM   542  C CB  . PHE A 1 77  ? 14.311  8.788   18.001  1.00 30.80 ? 65  PHE A CB  1 
ATOM   543  C CG  . PHE A 1 77  ? 13.028  9.472   18.371  1.00 31.80 ? 65  PHE A CG  1 
ATOM   544  C CD1 . PHE A 1 77  ? 13.010  10.468  19.335  1.00 36.36 ? 65  PHE A CD1 1 
ATOM   545  C CD2 . PHE A 1 77  ? 11.842  9.136   17.741  1.00 34.31 ? 65  PHE A CD2 1 
ATOM   546  C CE1 . PHE A 1 77  ? 11.819  11.097  19.660  1.00 37.80 ? 65  PHE A CE1 1 
ATOM   547  C CE2 . PHE A 1 77  ? 10.681  9.757   18.072  1.00 37.88 ? 65  PHE A CE2 1 
ATOM   548  C CZ  . PHE A 1 77  ? 10.665  10.740  19.022  1.00 34.94 ? 65  PHE A CZ  1 
ATOM   549  N N   . GLY A 1 78  ? 17.041  8.782   15.852  1.00 31.00 ? 66  GLY A N   1 
ATOM   550  C CA  . GLY A 1 78  ? 18.160  7.881   15.525  1.00 32.16 ? 66  GLY A CA  1 
ATOM   551  C C   . GLY A 1 78  ? 17.980  6.385   15.775  1.00 32.36 ? 66  GLY A C   1 
ATOM   552  O O   . GLY A 1 78  ? 18.938  5.688   16.001  1.00 32.17 ? 66  GLY A O   1 
ATOM   553  N N   . PHE A 1 79  ? 16.747  5.918   15.760  1.00 34.23 ? 67  PHE A N   1 
ATOM   554  C CA  . PHE A 1 79  ? 16.382  4.520   15.999  1.00 36.72 ? 67  PHE A CA  1 
ATOM   555  C C   . PHE A 1 79  ? 16.572  3.673   14.733  1.00 38.40 ? 67  PHE A C   1 
ATOM   556  O O   . PHE A 1 79  ? 15.989  3.953   13.679  1.00 39.26 ? 67  PHE A O   1 
ATOM   557  C CB  . PHE A 1 79  ? 14.912  4.416   16.522  1.00 36.78 ? 67  PHE A CB  1 
ATOM   558  C CG  . PHE A 1 79  ? 14.526  3.029   16.976  1.00 38.52 ? 67  PHE A CG  1 
ATOM   559  C CD1 . PHE A 1 79  ? 15.211  2.418   18.053  1.00 41.04 ? 67  PHE A CD1 1 
ATOM   560  C CD2 . PHE A 1 79  ? 13.527  2.302   16.331  1.00 40.06 ? 67  PHE A CD2 1 
ATOM   561  C CE1 . PHE A 1 79  ? 14.898  1.115   18.459  1.00 39.23 ? 67  PHE A CE1 1 
ATOM   562  C CE2 . PHE A 1 79  ? 13.214  0.993   16.749  1.00 38.89 ? 67  PHE A CE2 1 
ATOM   563  C CZ  . PHE A 1 79  ? 13.908  0.410   17.792  1.00 39.66 ? 67  PHE A CZ  1 
ATOM   564  N N   . ILE A 1 80  ? 17.397  2.646   14.843  1.00 41.26 ? 68  ILE A N   1 
ATOM   565  C CA  . ILE A 1 80  ? 17.563  1.654   13.779  1.00 43.26 ? 68  ILE A CA  1 
ATOM   566  C C   . ILE A 1 80  ? 16.807  0.369   14.167  1.00 44.39 ? 68  ILE A C   1 
ATOM   567  O O   . ILE A 1 80  ? 17.146  -0.229  15.164  1.00 42.90 ? 68  ILE A O   1 
ATOM   568  C CB  . ILE A 1 80  ? 19.036  1.365   13.586  1.00 43.15 ? 68  ILE A CB  1 
ATOM   569  C CG1 . ILE A 1 80  ? 19.756  2.663   13.199  1.00 44.41 ? 68  ILE A CG1 1 
ATOM   570  C CG2 . ILE A 1 80  ? 19.230  0.253   12.522  1.00 42.97 ? 68  ILE A CG2 1 
ATOM   571  C CD1 . ILE A 1 80  ? 21.254  2.652   13.505  1.00 46.79 ? 68  ILE A CD1 1 
ATOM   572  N N   . PRO A 1 81  ? 15.741  -0.005  13.445  1.00 45.82 ? 69  PRO A N   1 
ATOM   573  C CA  . PRO A 1 81  ? 15.098  -1.317  13.677  1.00 46.70 ? 69  PRO A CA  1 
ATOM   574  C C   . PRO A 1 81  ? 15.969  -2.556  13.385  1.00 46.98 ? 69  PRO A C   1 
ATOM   575  O O   . PRO A 1 81  ? 17.164  -2.483  13.016  1.00 48.91 ? 69  PRO A O   1 
ATOM   576  C CB  . PRO A 1 81  ? 13.895  -1.277  12.729  1.00 46.43 ? 69  PRO A CB  1 
ATOM   577  C CG  . PRO A 1 81  ? 13.633  0.213   12.515  1.00 46.77 ? 69  PRO A CG  1 
ATOM   578  C CD  . PRO A 1 81  ? 14.993  0.788   12.434  1.00 46.58 ? 69  PRO A CD  1 
ATOM   579  N N   . SER A 1 89  ? 22.514  1.153   6.720   1.00 57.00 ? 77  SER A N   1 
ATOM   580  C CA  . SER A 1 89  ? 21.484  0.967   5.708   1.00 56.69 ? 77  SER A CA  1 
ATOM   581  C C   . SER A 1 89  ? 20.517  2.148   5.562   1.00 56.56 ? 77  SER A C   1 
ATOM   582  O O   . SER A 1 89  ? 20.199  2.549   4.436   1.00 56.92 ? 77  SER A O   1 
ATOM   583  C CB  . SER A 1 89  ? 20.663  -0.287  5.993   1.00 56.97 ? 77  SER A CB  1 
ATOM   584  O OG  . SER A 1 89  ? 19.457  -0.258  5.235   1.00 56.91 ? 77  SER A OG  1 
ATOM   585  N N   . MET A 1 90  ? 19.986  2.672   6.672   1.00 55.69 ? 78  MET A N   1 
ATOM   586  C CA  . MET A 1 90  ? 19.138  3.862   6.552   1.00 54.31 ? 78  MET A CA  1 
ATOM   587  C C   . MET A 1 90  ? 19.951  5.148   6.545   1.00 51.79 ? 78  MET A C   1 
ATOM   588  O O   . MET A 1 90  ? 20.943  5.296   7.264   1.00 50.79 ? 78  MET A O   1 
ATOM   589  C CB  . MET A 1 90  ? 18.002  3.949   7.556   1.00 55.37 ? 78  MET A CB  1 
ATOM   590  C CG  . MET A 1 90  ? 18.132  3.212   8.869   1.00 57.73 ? 78  MET A CG  1 
ATOM   591  S SD  . MET A 1 90  ? 16.450  2.741   9.443   1.00 62.48 ? 78  MET A SD  1 
ATOM   592  C CE  . MET A 1 90  ? 15.184  3.854   8.361   1.00 57.42 ? 78  MET A CE  1 
ATOM   593  N N   . LYS A 1 91  ? 19.498  6.053   5.684   1.00 49.03 ? 79  LYS A N   1 
ATOM   594  C CA  . LYS A 1 91  ? 20.275  7.200   5.249   1.00 46.95 ? 79  LYS A CA  1 
ATOM   595  C C   . LYS A 1 91  ? 19.508  8.461   5.610   1.00 45.09 ? 79  LYS A C   1 
ATOM   596  O O   . LYS A 1 91  ? 18.344  8.419   5.975   1.00 45.03 ? 79  LYS A O   1 
ATOM   597  C CB  . LYS A 1 91  ? 20.545  7.129   3.740   1.00 46.47 ? 79  LYS A CB  1 
ATOM   598  C CG  . LYS A 1 91  ? 21.370  5.948   3.279   1.00 45.79 ? 79  LYS A CG  1 
ATOM   599  C CD  . LYS A 1 91  ? 22.739  5.958   3.889   1.00 46.97 ? 79  LYS A CD  1 
ATOM   600  C CE  . LYS A 1 91  ? 23.849  5.452   2.948   1.00 47.72 ? 79  LYS A CE  1 
ATOM   601  N NZ  . LYS A 1 91  ? 24.448  6.559   2.090   1.00 47.04 ? 79  LYS A NZ  1 
ATOM   602  N N   . ARG A 1 92  ? 20.187  9.591   5.489   1.00 43.36 ? 80  ARG A N   1 
ATOM   603  C CA  . ARG A 1 92  ? 19.689  10.856  5.974   1.00 42.17 ? 80  ARG A CA  1 
ATOM   604  C C   . ARG A 1 92  ? 18.689  11.428  4.977   1.00 41.04 ? 80  ARG A C   1 
ATOM   605  O O   . ARG A 1 92  ? 18.935  11.411  3.757   1.00 41.05 ? 80  ARG A O   1 
ATOM   606  C CB  . ARG A 1 92  ? 20.888  11.783  6.162   1.00 42.27 ? 80  ARG A CB  1 
ATOM   607  C CG  . ARG A 1 92  ? 20.556  13.195  6.549   1.00 42.69 ? 80  ARG A CG  1 
ATOM   608  C CD  . ARG A 1 92  ? 21.788  14.073  6.704   1.00 40.93 ? 80  ARG A CD  1 
ATOM   609  N NE  . ARG A 1 92  ? 21.356  15.415  7.116   1.00 39.54 ? 80  ARG A NE  1 
ATOM   610  C CZ  . ARG A 1 92  ? 22.165  16.364  7.557   1.00 37.01 ? 80  ARG A CZ  1 
ATOM   611  N NH1 . ARG A 1 92  ? 23.473  16.166  7.631   1.00 35.32 ? 80  ARG A NH1 1 
ATOM   612  N NH2 . ARG A 1 92  ? 21.654  17.526  7.905   1.00 38.38 ? 80  ARG A NH2 1 
ATOM   613  N N   . LEU A 1 93  ? 17.584  11.967  5.487   1.00 40.56 ? 81  LEU A N   1 
ATOM   614  C CA  . LEU A 1 93  ? 16.636  12.677  4.659   1.00 39.95 ? 81  LEU A CA  1 
ATOM   615  C C   . LEU A 1 93  ? 17.193  14.069  4.335   1.00 40.32 ? 81  LEU A C   1 
ATOM   616  O O   . LEU A 1 93  ? 17.725  14.746  5.210   1.00 40.22 ? 81  LEU A O   1 
ATOM   617  C CB  . LEU A 1 93  ? 15.293  12.782  5.357   1.00 40.62 ? 81  LEU A CB  1 
ATOM   618  C CG  . LEU A 1 93  ? 14.606  11.450  5.650   1.00 38.42 ? 81  LEU A CG  1 
ATOM   619  C CD1 . LEU A 1 93  ? 13.355  11.730  6.437   1.00 38.38 ? 81  LEU A CD1 1 
ATOM   620  C CD2 . LEU A 1 93  ? 14.289  10.707  4.355   1.00 36.49 ? 81  LEU A CD2 1 
ATOM   621  N N   . ILE A 1 94  ? 17.070  14.468  3.066   1.00 39.18 ? 82  ILE A N   1 
ATOM   622  C CA  . ILE A 1 94  ? 17.520  15.778  2.588   1.00 38.57 ? 82  ILE A CA  1 
ATOM   623  C C   . ILE A 1 94  ? 16.330  16.616  2.045   1.00 38.50 ? 82  ILE A C   1 
ATOM   624  O O   . ILE A 1 94  ? 15.982  17.659  2.608   1.00 38.99 ? 82  ILE A O   1 
ATOM   625  C CB  . ILE A 1 94  ? 18.633  15.570  1.504   1.00 37.99 ? 82  ILE A CB  1 
ATOM   626  C CG1 . ILE A 1 94  ? 19.755  14.656  2.034   1.00 37.97 ? 82  ILE A CG1 1 
ATOM   627  C CG2 . ILE A 1 94  ? 19.206  16.886  1.022   1.00 37.19 ? 82  ILE A CG2 1 
ATOM   628  C CD1 . ILE A 1 94  ? 20.716  15.312  2.995   1.00 37.30 ? 82  ILE A CD1 1 
ATOM   629  N N   . ALA A 1 95  ? 15.710  16.157  0.963   1.00 39.08 ? 83  ALA A N   1 
ATOM   630  C CA  . ALA A 1 95  ? 14.500  16.796  0.398   1.00 39.88 ? 83  ALA A CA  1 
ATOM   631  C C   . ALA A 1 95  ? 13.258  16.565  1.277   1.00 40.58 ? 83  ALA A C   1 
ATOM   632  O O   . ALA A 1 95  ? 12.319  17.398  1.312   1.00 41.62 ? 83  ALA A O   1 
ATOM   633  C CB  . ALA A 1 95  ? 14.271  16.284  -1.039  1.00 41.21 ? 83  ALA A CB  1 
ATOM   634  N N   . LYS A 1 96  ? 13.290  15.480  2.065   1.00 39.74 ? 84  LYS A N   1 
ATOM   635  C CA  . LYS A 1 96  ? 12.145  14.990  2.814   1.00 38.78 ? 84  LYS A CA  1 
ATOM   636  C C   . LYS A 1 96  ? 10.903  14.873  1.908   1.00 37.40 ? 84  LYS A C   1 
ATOM   637  O O   . LYS A 1 96  ? 9.898   15.539  2.090   1.00 35.96 ? 84  LYS A O   1 
ATOM   638  C CB  . LYS A 1 96  ? 11.921  15.877  4.044   1.00 39.14 ? 84  LYS A CB  1 
ATOM   639  C CG  . LYS A 1 96  ? 13.149  15.876  5.005   1.00 40.75 ? 84  LYS A CG  1 
ATOM   640  C CD  . LYS A 1 96  ? 13.399  17.256  5.620   1.00 44.79 ? 84  LYS A CD  1 
ATOM   641  C CE  . LYS A 1 96  ? 14.731  17.254  6.339   1.00 47.31 ? 84  LYS A CE  1 
ATOM   642  N NZ  . LYS A 1 96  ? 15.015  18.549  7.052   1.00 48.73 ? 84  LYS A NZ  1 
ATOM   643  N N   . ASN A 1 97  ? 10.998  14.038  0.896   1.00 36.19 ? 85  ASN A N   1 
ATOM   644  C CA  . ASN A 1 97  ? 9.869   13.824  0.005   1.00 36.79 ? 85  ASN A CA  1 
ATOM   645  C C   . ASN A 1 97  ? 9.616   12.322  -0.260  1.00 37.20 ? 85  ASN A C   1 
ATOM   646  O O   . ASN A 1 97  ? 10.376  11.460  0.198   1.00 35.70 ? 85  ASN A O   1 
ATOM   647  C CB  . ASN A 1 97  ? 9.993   14.667  -1.274  1.00 36.46 ? 85  ASN A CB  1 
ATOM   648  C CG  . ASN A 1 97  ? 11.202  14.282  -2.167  1.00 36.29 ? 85  ASN A CG  1 
ATOM   649  O OD1 . ASN A 1 97  ? 11.639  13.142  -2.223  1.00 38.21 ? 85  ASN A OD1 1 
ATOM   650  N ND2 . ASN A 1 97  ? 11.680  15.247  -2.911  1.00 33.84 ? 85  ASN A ND2 1 
ATOM   651  N N   . ALA A 1 98  ? 8.535   12.031  -0.970  1.00 37.68 ? 86  ALA A N   1 
ATOM   652  C CA  . ALA A 1 98  ? 8.198   10.669  -1.328  1.00 38.32 ? 86  ALA A CA  1 
ATOM   653  C C   . ALA A 1 98  ? 9.322   9.910   -2.024  1.00 37.86 ? 86  ALA A C   1 
ATOM   654  O O   . ALA A 1 98  ? 9.565   8.745   -1.703  1.00 37.78 ? 86  ALA A O   1 
ATOM   655  C CB  . ALA A 1 98  ? 6.977   10.687  -2.244  1.00 39.24 ? 86  ALA A CB  1 
ATOM   656  N N   . SER A 1 99  ? 10.020  10.517  -2.974  1.00 37.94 ? 87  SER A N   1 
ATOM   657  C CA  . SER A 1 99  ? 11.035  9.738   -3.727  1.00 37.67 ? 87  SER A CA  1 
ATOM   658  C C   . SER A 1 99  ? 12.237  9.234   -2.911  1.00 37.13 ? 87  SER A C   1 
ATOM   659  O O   . SER A 1 99  ? 12.944  8.301   -3.332  1.00 37.18 ? 87  SER A O   1 
ATOM   660  C CB  . SER A 1 99  ? 11.520  10.486  -4.978  1.00 38.28 ? 87  SER A CB  1 
ATOM   661  O OG  . SER A 1 99  ? 12.178  11.669  -4.640  1.00 40.22 ? 87  SER A OG  1 
ATOM   662  N N   . GLU A 1 100 ? 12.507  9.884   -1.787  1.00 38.20 ? 88  GLU A N   1 
ATOM   663  C CA  . GLU A 1 100 ? 13.606  9.494   -0.907  1.00 38.23 ? 88  GLU A CA  1 
ATOM   664  C C   . GLU A 1 100 ? 13.275  8.282   -0.072  1.00 38.61 ? 88  GLU A C   1 
ATOM   665  O O   . GLU A 1 100 ? 14.202  7.569   0.384   1.00 40.31 ? 88  GLU A O   1 
ATOM   666  C CB  . GLU A 1 100 ? 13.931  10.631  0.072   1.00 38.36 ? 88  GLU A CB  1 
ATOM   667  C CG  . GLU A 1 100 ? 14.640  11.817  -0.536  1.00 39.81 ? 88  GLU A CG  1 
ATOM   668  C CD  . GLU A 1 100 ? 15.092  12.877  0.477   1.00 41.79 ? 88  GLU A CD  1 
ATOM   669  O OE1 . GLU A 1 100 ? 14.386  13.152  1.500   1.00 37.85 ? 88  GLU A OE1 1 
ATOM   670  O OE2 . GLU A 1 100 ? 16.137  13.503  0.177   1.00 42.06 ? 88  GLU A OE2 1 
ATOM   671  N N   . ILE A 1 101 ? 11.985  8.108   0.228   1.00 38.91 ? 89  ILE A N   1 
ATOM   672  C CA  . ILE A 1 101 ? 11.503  6.961   1.017   1.00 38.74 ? 89  ILE A CA  1 
ATOM   673  C C   . ILE A 1 101 ? 10.683  5.849   0.301   1.00 37.67 ? 89  ILE A C   1 
ATOM   674  O O   . ILE A 1 101 ? 10.429  4.822   0.919   1.00 38.51 ? 89  ILE A O   1 
ATOM   675  C CB  . ILE A 1 101 ? 10.743  7.453   2.271   1.00 37.86 ? 89  ILE A CB  1 
ATOM   676  C CG1 . ILE A 1 101 ? 9.501   8.250   1.948   1.00 38.71 ? 89  ILE A CG1 1 
ATOM   677  C CG2 . ILE A 1 101 ? 11.671  8.306   3.083   1.00 40.13 ? 89  ILE A CG2 1 
ATOM   678  C CD1 . ILE A 1 101 ? 8.544   8.401   3.161   1.00 37.69 ? 89  ILE A CD1 1 
ATOM   679  N N   . MET A 1 102 ? 10.274  6.035   -0.956  1.00 37.58 ? 90  MET A N   1 
ATOM   680  C CA  . MET A 1 102 ? 9.394   5.073   -1.611  1.00 36.38 ? 90  MET A CA  1 
ATOM   681  C C   . MET A 1 102 ? 10.115  3.755   -1.822  1.00 36.67 ? 90  MET A C   1 
ATOM   682  O O   . MET A 1 102 ? 11.313  3.740   -1.972  1.00 35.81 ? 90  MET A O   1 
ATOM   683  C CB  . MET A 1 102 ? 8.848   5.627   -2.917  1.00 36.24 ? 90  MET A CB  1 
ATOM   684  C CG  . MET A 1 102 ? 9.828   5.886   -4.021  1.00 35.52 ? 90  MET A CG  1 
ATOM   685  S SD  . MET A 1 102 ? 8.993   6.691   -5.394  1.00 35.26 ? 90  MET A SD  1 
ATOM   686  C CE  . MET A 1 102 ? 10.120  6.307   -6.703  1.00 32.42 ? 90  MET A CE  1 
ATOM   687  N N   . LEU A 1 103 ? 9.382   2.646   -1.759  1.00 37.35 ? 91  LEU A N   1 
ATOM   688  C CA  . LEU A 1 103 ? 9.930   1.305   -2.009  1.00 36.40 ? 91  LEU A CA  1 
ATOM   689  C C   . LEU A 1 103 ? 9.359   0.843   -3.316  1.00 35.75 ? 91  LEU A C   1 
ATOM   690  O O   . LEU A 1 103 ? 8.370   1.384   -3.807  1.00 34.11 ? 91  LEU A O   1 
ATOM   691  C CB  . LEU A 1 103 ? 9.489   0.336   -0.903  1.00 37.23 ? 91  LEU A CB  1 
ATOM   692  C CG  . LEU A 1 103 ? 9.883   0.709   0.523   1.00 37.90 ? 91  LEU A CG  1 
ATOM   693  C CD1 . LEU A 1 103 ? 9.015   -0.042  1.552   1.00 40.25 ? 91  LEU A CD1 1 
ATOM   694  C CD2 . LEU A 1 103 ? 11.306  0.456   0.791   1.00 39.86 ? 91  LEU A CD2 1 
ATOM   695  N N   . ASP A 1 104 ? 10.014  -0.146  -3.912  1.00 36.30 ? 92  ASP A N   1 
ATOM   696  C CA  . ASP A 1 104 ? 9.539   -0.736  -5.130  1.00 36.97 ? 92  ASP A CA  1 
ATOM   697  C C   . ASP A 1 104 ? 8.145   -1.251  -4.902  1.00 36.60 ? 92  ASP A C   1 
ATOM   698  O O   . ASP A 1 104 ? 7.913   -1.962  -3.927  1.00 36.40 ? 92  ASP A O   1 
ATOM   699  C CB  . ASP A 1 104 ? 10.428  -1.904  -5.526  1.00 37.23 ? 92  ASP A CB  1 
ATOM   700  C CG  . ASP A 1 104 ? 11.807  -1.465  -5.942  1.00 41.82 ? 92  ASP A CG  1 
ATOM   701  O OD1 . ASP A 1 104 ? 11.990  -0.266  -6.273  1.00 46.85 ? 92  ASP A OD1 1 
ATOM   702  O OD2 . ASP A 1 104 ? 12.779  -2.261  -5.981  1.00 45.48 ? 92  ASP A OD2 1 
ATOM   703  N N   . PRO A 1 105 ? 7.223   -0.945  -5.806  1.00 37.07 ? 93  PRO A N   1 
ATOM   704  C CA  . PRO A 1 105 ? 5.824   -1.341  -5.602  1.00 37.53 ? 93  PRO A CA  1 
ATOM   705  C C   . PRO A 1 105 ? 5.605   -2.878  -5.640  1.00 37.37 ? 93  PRO A C   1 
ATOM   706  O O   . PRO A 1 105 ? 6.191   -3.599  -6.445  1.00 37.15 ? 93  PRO A O   1 
ATOM   707  C CB  . PRO A 1 105 ? 5.057   -0.620  -6.736  1.00 37.60 ? 93  PRO A CB  1 
ATOM   708  C CG  . PRO A 1 105 ? 6.073   -0.275  -7.739  1.00 37.91 ? 93  PRO A CG  1 
ATOM   709  C CD  . PRO A 1 105 ? 7.433   -0.254  -7.087  1.00 36.98 ? 93  PRO A CD  1 
ATOM   710  N N   . VAL A 1 106 ? 4.776   -3.338  -4.720  1.00 37.96 ? 94  VAL A N   1 
ATOM   711  C CA  . VAL A 1 106 ? 4.242   -4.689  -4.684  1.00 38.31 ? 94  VAL A CA  1 
ATOM   712  C C   . VAL A 1 106 ? 2.749   -4.532  -5.010  1.00 38.31 ? 94  VAL A C   1 
ATOM   713  O O   . VAL A 1 106 ? 2.048   -3.764  -4.354  1.00 37.30 ? 94  VAL A O   1 
ATOM   714  C CB  . VAL A 1 106 ? 4.364   -5.284  -3.277  1.00 38.72 ? 94  VAL A CB  1 
ATOM   715  C CG1 . VAL A 1 106 ? 3.707   -6.684  -3.216  1.00 39.57 ? 94  VAL A CG1 1 
ATOM   716  C CG2 . VAL A 1 106 ? 5.821   -5.339  -2.856  1.00 40.24 ? 94  VAL A CG2 1 
ATOM   717  N N   . TYR A 1 107 ? 2.272   -5.224  -6.042  1.00 37.79 ? 95  TYR A N   1 
ATOM   718  C CA  . TYR A 1 107 ? 0.907   -5.010  -6.489  1.00 38.05 ? 95  TYR A CA  1 
ATOM   719  C C   . TYR A 1 107 ? 0.204   -6.315  -6.891  1.00 37.54 ? 95  TYR A C   1 
ATOM   720  O O   . TYR A 1 107 ? 0.847   -7.356  -7.034  1.00 36.60 ? 95  TYR A O   1 
ATOM   721  C CB  . TYR A 1 107 ? 0.927   -4.033  -7.662  1.00 38.07 ? 95  TYR A CB  1 
ATOM   722  C CG  . TYR A 1 107 ? 1.833   -4.452  -8.778  1.00 39.33 ? 95  TYR A CG  1 
ATOM   723  C CD1 . TYR A 1 107 ? 1.410   -5.354  -9.733  1.00 40.19 ? 95  TYR A CD1 1 
ATOM   724  C CD2 . TYR A 1 107 ? 3.126   -3.928  -8.887  1.00 41.78 ? 95  TYR A CD2 1 
ATOM   725  C CE1 . TYR A 1 107 ? 2.250   -5.739  -10.777 1.00 41.22 ? 95  TYR A CE1 1 
ATOM   726  C CE2 . TYR A 1 107 ? 3.975   -4.305  -9.901  1.00 41.42 ? 95  TYR A CE2 1 
ATOM   727  C CZ  . TYR A 1 107 ? 3.532   -5.207  -10.851 1.00 42.47 ? 95  TYR A CZ  1 
ATOM   728  O OH  . TYR A 1 107 ? 4.362   -5.578  -11.873 1.00 42.80 ? 95  TYR A OH  1 
ATOM   729  N N   . VAL A 1 108 ? -1.113  -6.236  -7.083  1.00 36.46 ? 96  VAL A N   1 
ATOM   730  C CA  . VAL A 1 108 ? -1.888  -7.366  -7.573  1.00 36.46 ? 96  VAL A CA  1 
ATOM   731  C C   . VAL A 1 108 ? -2.659  -7.008  -8.861  1.00 36.45 ? 96  VAL A C   1 
ATOM   732  O O   . VAL A 1 108 ? -2.672  -5.873  -9.275  1.00 36.27 ? 96  VAL A O   1 
ATOM   733  C CB  . VAL A 1 108 ? -2.805  -7.949  -6.472  1.00 35.65 ? 96  VAL A CB  1 
ATOM   734  C CG1 . VAL A 1 108 ? -1.950  -8.534  -5.334  1.00 35.16 ? 96  VAL A CG1 1 
ATOM   735  C CG2 . VAL A 1 108 ? -3.786  -6.933  -5.916  1.00 36.26 ? 96  VAL A CG2 1 
ATOM   736  N N   . HIS A 1 109 ? -3.265  -8.003  -9.492  1.00 36.95 ? 97  HIS A N   1 
ATOM   737  C CA  . HIS A 1 109 ? -4.203  -7.785  -10.594 1.00 37.57 ? 97  HIS A CA  1 
ATOM   738  C C   . HIS A 1 109 ? -5.570  -8.315  -10.192 1.00 36.72 ? 97  HIS A C   1 
ATOM   739  O O   . HIS A 1 109 ? -5.690  -9.023  -9.228  1.00 36.76 ? 97  HIS A O   1 
ATOM   740  C CB  . HIS A 1 109 ? -3.755  -8.517  -11.853 1.00 37.62 ? 97  HIS A CB  1 
ATOM   741  C CG  . HIS A 1 109 ? -2.376  -8.167  -12.310 1.00 41.71 ? 97  HIS A CG  1 
ATOM   742  N ND1 . HIS A 1 109 ? -2.067  -6.952  -12.884 1.00 45.89 ? 97  HIS A ND1 1 
ATOM   743  C CD2 . HIS A 1 109 ? -1.231  -8.889  -12.322 1.00 44.44 ? 97  HIS A CD2 1 
ATOM   744  C CE1 . HIS A 1 109 ? -0.793  -6.939  -13.230 1.00 45.27 ? 97  HIS A CE1 1 
ATOM   745  N NE2 . HIS A 1 109 ? -0.259  -8.096  -12.883 1.00 45.40 ? 97  HIS A NE2 1 
ATOM   746  N N   . MET A 1 110 ? -6.588  -8.007  -10.982 1.00 36.91 ? 98  MET A N   1 
ATOM   747  C CA  . MET A 1 110 ? -7.962  -8.475  -10.735 1.00 36.81 ? 98  MET A CA  1 
ATOM   748  C C   . MET A 1 110 ? -8.086  -10.010 -10.670 1.00 36.52 ? 98  MET A C   1 
ATOM   749  O O   . MET A 1 110 ? -8.852  -10.556 -9.857  1.00 36.81 ? 98  MET A O   1 
ATOM   750  C CB  . MET A 1 110 ? -8.914  -7.894  -11.800 1.00 37.08 ? 98  MET A CB  1 
ATOM   751  C CG  . MET A 1 110 ? -9.214  -6.408  -11.618 1.00 37.19 ? 98  MET A CG  1 
ATOM   752  S SD  . MET A 1 110 ? -10.000 -6.090  -10.058 1.00 40.33 ? 98  MET A SD  1 
ATOM   753  C CE  . MET A 1 110 ? -9.879  -4.258  -9.920  1.00 42.41 ? 98  MET A CE  1 
ATOM   754  N N   . ASP A 1 111 ? -7.308  -10.694 -11.502 1.00 35.88 ? 99  ASP A N   1 
ATOM   755  C CA  . ASP A 1 111 ? -7.398  -12.141 -11.639 1.00 36.10 ? 99  ASP A CA  1 
ATOM   756  C C   . ASP A 1 111 ? -6.441  -12.851 -10.679 1.00 35.82 ? 99  ASP A C   1 
ATOM   757  O O   . ASP A 1 111 ? -6.426  -14.065 -10.608 1.00 36.03 ? 99  ASP A O   1 
ATOM   758  C CB  A ASP A 1 111 ? -7.258  -12.557 -13.123 0.65 36.49 ? 99  ASP A CB  1 
ATOM   759  C CB  B ASP A 1 111 ? -7.095  -12.574 -13.087 0.35 35.93 ? 99  ASP A CB  1 
ATOM   760  C CG  A ASP A 1 111 ? -8.480  -12.115 -13.980 0.65 38.07 ? 99  ASP A CG  1 
ATOM   761  C CG  B ASP A 1 111 ? -5.593  -12.580 -13.416 0.35 35.54 ? 99  ASP A CG  1 
ATOM   762  O OD1 A ASP A 1 111 ? -8.339  -11.913 -15.224 0.65 38.49 ? 99  ASP A OD1 1 
ATOM   763  O OD1 B ASP A 1 111 ? -5.202  -13.329 -14.332 0.35 33.18 ? 99  ASP A OD1 1 
ATOM   764  O OD2 A ASP A 1 111 ? -9.627  -11.938 -13.488 0.65 39.90 ? 99  ASP A OD2 1 
ATOM   765  O OD2 B ASP A 1 111 ? -4.729  -11.882 -12.829 0.35 35.20 ? 99  ASP A OD2 1 
ATOM   766  N N   . THR A 1 112 ? -5.685  -12.092 -9.896  1.00 35.07 ? 100 THR A N   1 
ATOM   767  C CA  . THR A 1 112 ? -4.780  -12.680 -8.908  1.00 34.91 ? 100 THR A CA  1 
ATOM   768  C C   . THR A 1 112 ? -5.549  -13.471 -7.850  1.00 35.10 ? 100 THR A C   1 
ATOM   769  O O   . THR A 1 112 ? -6.533  -12.954 -7.292  1.00 34.37 ? 100 THR A O   1 
ATOM   770  C CB  . THR A 1 112 ? -3.976  -11.558 -8.213  1.00 34.92 ? 100 THR A CB  1 
ATOM   771  O OG1 . THR A 1 112 ? -3.213  -10.852 -9.195  1.00 34.61 ? 100 THR A OG1 1 
ATOM   772  C CG2 . THR A 1 112 ? -2.947  -12.111 -7.263  1.00 34.16 ? 100 THR A CG2 1 
ATOM   773  N N   . PRO A 1 113 ? -5.123  -14.709 -7.562  1.00 35.20 ? 101 PRO A N   1 
ATOM   774  C CA  . PRO A 1 113 ? -5.669  -15.473 -6.433  1.00 35.21 ? 101 PRO A CA  1 
ATOM   775  C C   . PRO A 1 113 ? -5.625  -14.703 -5.124  1.00 35.76 ? 101 PRO A C   1 
ATOM   776  O O   . PRO A 1 113 ? -4.585  -14.136 -4.792  1.00 35.51 ? 101 PRO A O   1 
ATOM   777  C CB  . PRO A 1 113 ? -4.737  -16.686 -6.359  1.00 34.89 ? 101 PRO A CB  1 
ATOM   778  C CG  . PRO A 1 113 ? -4.361  -16.904 -7.745  1.00 34.55 ? 101 PRO A CG  1 
ATOM   779  C CD  . PRO A 1 113 ? -4.134  -15.518 -8.297  1.00 35.04 ? 101 PRO A CD  1 
ATOM   780  N N   . LEU A 1 114 ? -6.724  -14.706 -4.377  1.00 35.84 ? 102 LEU A N   1 
ATOM   781  C CA  . LEU A 1 114 ? -6.733  -14.102 -3.059  1.00 36.80 ? 102 LEU A CA  1 
ATOM   782  C C   . LEU A 1 114 ? -5.561  -14.596 -2.179  1.00 36.76 ? 102 LEU A C   1 
ATOM   783  O O   . LEU A 1 114 ? -4.934  -13.811 -1.454  1.00 35.50 ? 102 LEU A O   1 
ATOM   784  C CB  . LEU A 1 114 ? -8.048  -14.389 -2.324  1.00 37.42 ? 102 LEU A CB  1 
ATOM   785  C CG  . LEU A 1 114 ? -8.271  -13.627 -1.027  1.00 39.09 ? 102 LEU A CG  1 
ATOM   786  C CD1 . LEU A 1 114 ? -8.358  -12.123 -1.331  1.00 41.61 ? 102 LEU A CD1 1 
ATOM   787  C CD2 . LEU A 1 114 ? -9.566  -14.095 -0.343  1.00 39.06 ? 102 LEU A CD2 1 
ATOM   788  N N   . GLU A 1 115 ? -5.292  -15.892 -2.234  1.00 37.72 ? 103 GLU A N   1 
ATOM   789  C CA  . GLU A 1 115 ? -4.209  -16.452 -1.448  1.00 39.06 ? 103 GLU A CA  1 
ATOM   790  C C   . GLU A 1 115 ? -2.814  -15.925 -1.793  1.00 39.25 ? 103 GLU A C   1 
ATOM   791  O O   . GLU A 1 115 ? -1.965  -15.826 -0.891  1.00 39.67 ? 103 GLU A O   1 
ATOM   792  C CB  . GLU A 1 115 ? -4.214  -17.970 -1.502  1.00 39.94 ? 103 GLU A CB  1 
ATOM   793  C CG  . GLU A 1 115 ? -4.334  -18.580 -2.862  1.00 42.91 ? 103 GLU A CG  1 
ATOM   794  C CD  . GLU A 1 115 ? -3.974  -20.062 -2.837  1.00 50.05 ? 103 GLU A CD  1 
ATOM   795  O OE1 . GLU A 1 115 ? -4.004  -20.707 -3.925  1.00 54.21 ? 103 GLU A OE1 1 
ATOM   796  O OE2 . GLU A 1 115 ? -3.646  -20.582 -1.733  1.00 53.01 ? 103 GLU A OE2 1 
ATOM   797  N N   . GLU A 1 116 ? -2.563  -15.634 -3.075  1.00 38.96 ? 104 GLU A N   1 
ATOM   798  C CA  . GLU A 1 116 ? -1.289  -15.003 -3.463  1.00 39.62 ? 104 GLU A CA  1 
ATOM   799  C C   . GLU A 1 116 ? -1.210  -13.575 -2.946  1.00 39.14 ? 104 GLU A C   1 
ATOM   800  O O   . GLU A 1 116 ? -0.130  -13.149 -2.539  1.00 39.18 ? 104 GLU A O   1 
ATOM   801  C CB  A GLU A 1 116 ? -0.945  -15.071 -4.968  0.65 39.85 ? 104 GLU A CB  1 
ATOM   802  C CB  B GLU A 1 116 ? -1.136  -15.092 -5.010  0.35 38.97 ? 104 GLU A CB  1 
ATOM   803  C CG  A GLU A 1 116 ? 0.083   -14.011 -5.475  0.65 43.13 ? 104 GLU A CG  1 
ATOM   804  C CG  B GLU A 1 116 ? -0.413  -13.942 -5.712  0.35 38.72 ? 104 GLU A CG  1 
ATOM   805  C CD  A GLU A 1 116 ? 1.568   -14.138 -5.008  0.65 44.83 ? 104 GLU A CD  1 
ATOM   806  C CD  B GLU A 1 116 ? -0.071  -14.237 -7.180  0.35 36.08 ? 104 GLU A CD  1 
ATOM   807  O OE1 A GLU A 1 116 ? 2.482   -13.824 -5.832  0.65 46.22 ? 104 GLU A OE1 1 
ATOM   808  O OE1 B GLU A 1 116 ? 0.965   -13.731 -7.670  0.35 36.13 ? 104 GLU A OE1 1 
ATOM   809  O OE2 A GLU A 1 116 ? 1.860   -14.512 -3.844  0.65 43.86 ? 104 GLU A OE2 1 
ATOM   810  O OE2 B GLU A 1 116 ? -0.824  -14.965 -7.850  0.35 32.74 ? 104 GLU A OE2 1 
ATOM   811  N N   . ALA A 1 117 ? -2.338  -12.863 -2.926  1.00 38.54 ? 105 ALA A N   1 
ATOM   812  C CA  . ALA A 1 117 ? -2.404  -11.510 -2.375  1.00 38.93 ? 105 ALA A CA  1 
ATOM   813  C C   . ALA A 1 117 ? -2.149  -11.433 -0.850  1.00 39.01 ? 105 ALA A C   1 
ATOM   814  O O   . ALA A 1 117 ? -1.512  -10.491 -0.357  1.00 38.28 ? 105 ALA A O   1 
ATOM   815  C CB  . ALA A 1 117 ? -3.730  -10.894 -2.707  1.00 39.13 ? 105 ALA A CB  1 
ATOM   816  N N   . LEU A 1 118 ? -2.674  -12.410 -0.110  1.00 39.27 ? 106 LEU A N   1 
ATOM   817  C CA  . LEU A 1 118 ? -2.459  -12.532 1.338   1.00 38.90 ? 106 LEU A CA  1 
ATOM   818  C C   . LEU A 1 118 ? -1.003  -12.877 1.594   1.00 37.79 ? 106 LEU A C   1 
ATOM   819  O O   . LEU A 1 118 ? -0.403  -12.364 2.530   1.00 39.00 ? 106 LEU A O   1 
ATOM   820  C CB  . LEU A 1 118 ? -3.404  -13.605 1.943   1.00 39.14 ? 106 LEU A CB  1 
ATOM   821  C CG  . LEU A 1 118 ? -3.238  -13.934 3.446   1.00 41.47 ? 106 LEU A CG  1 
ATOM   822  C CD1 . LEU A 1 118 ? -4.523  -14.382 4.103   1.00 41.80 ? 106 LEU A CD1 1 
ATOM   823  C CD2 . LEU A 1 118 ? -2.166  -15.025 3.673   1.00 43.12 ? 106 LEU A CD2 1 
ATOM   824  N N   . LYS A 1 119 ? -0.427  -13.740 0.776   1.00 37.26 ? 107 LYS A N   1 
ATOM   825  C CA  . LYS A 1 119 ? 0.978   -14.105 0.911   1.00 36.87 ? 107 LYS A CA  1 
ATOM   826  C C   . LYS A 1 119 ? 1.871   -12.888 0.727   1.00 36.51 ? 107 LYS A C   1 
ATOM   827  O O   . LYS A 1 119 ? 2.804   -12.688 1.475   1.00 35.64 ? 107 LYS A O   1 
ATOM   828  C CB  . LYS A 1 119 ? 1.368   -15.179 -0.092  1.00 36.84 ? 107 LYS A CB  1 
ATOM   829  C CG  . LYS A 1 119 ? 2.841   -15.547 -0.055  1.00 39.30 ? 107 LYS A CG  1 
ATOM   830  C CD  . LYS A 1 119 ? 3.232   -16.493 -1.199  1.00 41.41 ? 107 LYS A CD  1 
ATOM   831  C CE  . LYS A 1 119 ? 4.747   -16.663 -1.293  1.00 43.75 ? 107 LYS A CE  1 
ATOM   832  N NZ  . LYS A 1 119 ? 5.294   -17.515 -0.196  1.00 45.42 ? 107 LYS A NZ  1 
ATOM   833  N N   . LEU A 1 120 ? 1.563   -12.084 -0.279  1.00 36.64 ? 108 LEU A N   1 
ATOM   834  C CA  . LEU A 1 120 ? 2.282   -10.834 -0.555  1.00 36.41 ? 108 LEU A CA  1 
ATOM   835  C C   . LEU A 1 120 ? 2.202   -9.876  0.608   1.00 35.25 ? 108 LEU A C   1 
ATOM   836  O O   . LEU A 1 120 ? 3.190   -9.279  0.995   1.00 35.71 ? 108 LEU A O   1 
ATOM   837  C CB  . LEU A 1 120 ? 1.700   -10.140 -1.809  1.00 36.69 ? 108 LEU A CB  1 
ATOM   838  C CG  . LEU A 1 120 ? 2.077   -10.787 -3.146  1.00 35.71 ? 108 LEU A CG  1 
ATOM   839  C CD1 . LEU A 1 120 ? 1.260   -10.119 -4.262  1.00 35.87 ? 108 LEU A CD1 1 
ATOM   840  C CD2 . LEU A 1 120 ? 3.575   -10.688 -3.437  1.00 37.20 ? 108 LEU A CD2 1 
ATOM   841  N N   . MET A 1 121 ? 1.011   -9.691  1.142   1.00 34.99 ? 109 MET A N   1 
ATOM   842  C CA  . MET A 1 121 ? 0.855   -8.836  2.276   1.00 34.46 ? 109 MET A CA  1 
ATOM   843  C C   . MET A 1 121 ? 1.734   -9.276  3.404   1.00 34.47 ? 109 MET A C   1 
ATOM   844  O O   . MET A 1 121 ? 2.471   -8.481  3.966   1.00 33.85 ? 109 MET A O   1 
ATOM   845  C CB  . MET A 1 121 ? -0.575  -8.834  2.753   1.00 35.10 ? 109 MET A CB  1 
ATOM   846  C CG  . MET A 1 121 ? -1.460  -8.005  1.896   1.00 33.77 ? 109 MET A CG  1 
ATOM   847  S SD  . MET A 1 121 ? -3.038  -7.686  2.633   1.00 37.66 ? 109 MET A SD  1 
ATOM   848  C CE  . MET A 1 121 ? -3.785  -7.085  1.184   1.00 33.98 ? 109 MET A CE  1 
ATOM   849  N N   . ILE A 1 122 ? 1.648   -10.547 3.736   1.00 35.55 ? 110 ILE A N   1 
ATOM   850  C CA  . ILE A 1 122 ? 2.419   -11.074 4.859   1.00 35.57 ? 110 ILE A CA  1 
ATOM   851  C C   . ILE A 1 122 ? 3.933   -11.005 4.638   1.00 36.25 ? 110 ILE A C   1 
ATOM   852  O O   . ILE A 1 122 ? 4.668   -10.515 5.506   1.00 36.78 ? 110 ILE A O   1 
ATOM   853  C CB  . ILE A 1 122 ? 1.947   -12.487 5.213   1.00 35.00 ? 110 ILE A CB  1 
ATOM   854  C CG1 . ILE A 1 122 ? 0.543   -12.408 5.837   1.00 35.78 ? 110 ILE A CG1 1 
ATOM   855  C CG2 . ILE A 1 122 ? 2.903   -13.097 6.249   1.00 34.95 ? 110 ILE A CG2 1 
ATOM   856  C CD1 . ILE A 1 122 ? -0.234  -13.727 5.856   1.00 35.81 ? 110 ILE A CD1 1 
ATOM   857  N N   . ASP A 1 123 ? 4.405   -11.515 3.499   1.00 36.98 ? 111 ASP A N   1 
ATOM   858  C CA  . ASP A 1 123 ? 5.835   -11.536 3.186   1.00 37.68 ? 111 ASP A CA  1 
ATOM   859  C C   . ASP A 1 123 ? 6.495   -10.137 3.195   1.00 37.99 ? 111 ASP A C   1 
ATOM   860  O O   . ASP A 1 123 ? 7.641   -9.997  3.598   1.00 37.94 ? 111 ASP A O   1 
ATOM   861  C CB  . ASP A 1 123 ? 6.077   -12.179 1.803   1.00 38.40 ? 111 ASP A CB  1 
ATOM   862  C CG  . ASP A 1 123 ? 5.880   -13.681 1.785   1.00 40.20 ? 111 ASP A CG  1 
ATOM   863  O OD1 . ASP A 1 123 ? 5.615   -14.333 2.817   1.00 42.85 ? 111 ASP A OD1 1 
ATOM   864  O OD2 . ASP A 1 123 ? 6.011   -14.316 0.744   1.00 43.01 ? 111 ASP A OD2 1 
ATOM   865  N N   . ASN A 1 124 ? 5.757   -9.126  2.737   1.00 38.94 ? 112 ASN A N   1 
ATOM   866  C CA  . ASN A 1 124 ? 6.213   -7.735  2.614   1.00 39.00 ? 112 ASN A CA  1 
ATOM   867  C C   . ASN A 1 124 ? 5.765   -6.860  3.785   1.00 39.58 ? 112 ASN A C   1 
ATOM   868  O O   . ASN A 1 124 ? 6.058   -5.655  3.868   1.00 41.33 ? 112 ASN A O   1 
ATOM   869  C CB  . ASN A 1 124 ? 5.661   -7.167  1.299   1.00 37.93 ? 112 ASN A CB  1 
ATOM   870  C CG  . ASN A 1 124 ? 6.315   -7.801  0.083   1.00 38.17 ? 112 ASN A CG  1 
ATOM   871  O OD1 . ASN A 1 124 ? 7.443   -7.466  -0.248  1.00 36.16 ? 112 ASN A OD1 1 
ATOM   872  N ND2 . ASN A 1 124 ? 5.633   -8.764  -0.546  1.00 32.87 ? 112 ASN A ND2 1 
ATOM   873  N N   . ASN A 1 125 ? 5.053   -7.474  4.707   1.00 39.06 ? 113 ASN A N   1 
ATOM   874  C CA  . ASN A 1 125 ? 4.564   -6.789  5.876   1.00 38.40 ? 113 ASN A CA  1 
ATOM   875  C C   . ASN A 1 125 ? 3.851   -5.495  5.530   1.00 38.32 ? 113 ASN A C   1 
ATOM   876  O O   . ASN A 1 125 ? 4.150   -4.431  6.097   1.00 38.35 ? 113 ASN A O   1 
ATOM   877  C CB  . ASN A 1 125 ? 5.667   -6.524  6.912   1.00 37.97 ? 113 ASN A CB  1 
ATOM   878  C CG  . ASN A 1 125 ? 5.091   -5.879  8.197   1.00 39.19 ? 113 ASN A CG  1 
ATOM   879  O OD1 . ASN A 1 125 ? 3.986   -6.226  8.584   1.00 38.71 ? 113 ASN A OD1 1 
ATOM   880  N ND2 . ASN A 1 125 ? 5.823   -4.944  8.838   1.00 37.56 ? 113 ASN A ND2 1 
ATOM   881  N N   . ILE A 1 126 ? 2.923   -5.577  4.571   1.00 37.64 ? 114 ILE A N   1 
ATOM   882  C CA  . ILE A 1 126 ? 2.037   -4.472  4.224   1.00 37.12 ? 114 ILE A CA  1 
ATOM   883  C C   . ILE A 1 126 ? 0.561   -4.927  4.345   1.00 37.53 ? 114 ILE A C   1 
ATOM   884  O O   . ILE A 1 126 ? 0.291   -6.110  4.312   1.00 40.41 ? 114 ILE A O   1 
ATOM   885  C CB  . ILE A 1 126 ? 2.347   -3.976  2.771   1.00 36.87 ? 114 ILE A CB  1 
ATOM   886  C CG1 . ILE A 1 126 ? 2.043   -5.069  1.765   1.00 34.78 ? 114 ILE A CG1 1 
ATOM   887  C CG2 . ILE A 1 126 ? 3.840   -3.513  2.619   1.00 38.63 ? 114 ILE A CG2 1 
ATOM   888  C CD1 . ILE A 1 126 ? 2.466   -4.779  0.357   1.00 34.00 ? 114 ILE A CD1 1 
ATOM   889  N N   . GLN A 1 127 ? -0.372  -3.998  4.499   1.00 36.63 ? 115 GLN A N   1 
ATOM   890  C CA  . GLN A 1 127 ? -1.800  -4.273  4.597   1.00 35.96 ? 115 GLN A CA  1 
ATOM   891  C C   . GLN A 1 127 ? -2.675  -3.542  3.555   1.00 36.31 ? 115 GLN A C   1 
ATOM   892  O O   . GLN A 1 127 ? -3.903  -3.415  3.726   1.00 37.42 ? 115 GLN A O   1 
ATOM   893  C CB  . GLN A 1 127 ? -2.272  -3.955  6.022   1.00 35.90 ? 115 GLN A CB  1 
ATOM   894  C CG  . GLN A 1 127 ? -1.551  -4.819  7.046   1.00 35.87 ? 115 GLN A CG  1 
ATOM   895  C CD  . GLN A 1 127 ? -2.151  -4.807  8.400   1.00 33.64 ? 115 GLN A CD  1 
ATOM   896  O OE1 . GLN A 1 127 ? -3.347  -4.852  8.526   1.00 38.13 ? 115 GLN A OE1 1 
ATOM   897  N NE2 . GLN A 1 127 ? -1.309  -4.840  9.444   1.00 36.71 ? 115 GLN A NE2 1 
ATOM   898  N N   . GLU A 1 128 ? -2.068  -3.043  2.479   1.00 35.95 ? 116 GLU A N   1 
ATOM   899  C CA  . GLU A 1 128 ? -2.835  -2.358  1.420   1.00 35.26 ? 116 GLU A CA  1 
ATOM   900  C C   . GLU A 1 128 ? -1.960  -2.346  0.210   1.00 36.33 ? 116 GLU A C   1 
ATOM   901  O O   . GLU A 1 128 ? -0.764  -2.042  0.288   1.00 35.81 ? 116 GLU A O   1 
ATOM   902  C CB  . GLU A 1 128 ? -3.199  -0.929  1.776   1.00 35.64 ? 116 GLU A CB  1 
ATOM   903  C CG  . GLU A 1 128 ? -4.178  -0.283  0.819   1.00 32.89 ? 116 GLU A CG  1 
ATOM   904  C CD  . GLU A 1 128 ? -4.520  1.156   1.126   1.00 39.51 ? 116 GLU A CD  1 
ATOM   905  O OE1 . GLU A 1 128 ? -4.051  1.672   2.124   1.00 38.76 ? 116 GLU A OE1 1 
ATOM   906  O OE2 . GLU A 1 128 ? -5.301  1.789   0.369   1.00 41.52 ? 116 GLU A OE2 1 
ATOM   907  N N   . MET A 1 129 ? -2.556  -2.730  -0.904  1.00 36.46 ? 117 MET A N   1 
ATOM   908  C CA  . MET A 1 129 ? -1.848  -2.914  -2.144  1.00 36.58 ? 117 MET A CA  1 
ATOM   909  C C   . MET A 1 129 ? -2.729  -2.377  -3.204  1.00 37.11 ? 117 MET A C   1 
ATOM   910  O O   . MET A 1 129 ? -3.939  -2.502  -3.102  1.00 35.76 ? 117 MET A O   1 
ATOM   911  C CB  . MET A 1 129 ? -1.651  -4.394  -2.451  1.00 37.67 ? 117 MET A CB  1 
ATOM   912  C CG  . MET A 1 129 ? -0.452  -4.974  -1.871  1.00 41.19 ? 117 MET A CG  1 
ATOM   913  S SD  . MET A 1 129 ? -0.132  -6.690  -2.335  1.00 45.41 ? 117 MET A SD  1 
ATOM   914  C CE  . MET A 1 129 ? -1.539  -7.372  -1.718  1.00 44.24 ? 117 MET A CE  1 
ATOM   915  N N   . PRO A 1 130 ? -2.137  -1.853  -4.286  1.00 38.23 ? 118 PRO A N   1 
ATOM   916  C CA  . PRO A 1 130 ? -2.929  -1.366  -5.404  1.00 37.66 ? 118 PRO A CA  1 
ATOM   917  C C   . PRO A 1 130 ? -3.208  -2.516  -6.345  1.00 37.59 ? 118 PRO A C   1 
ATOM   918  O O   . PRO A 1 130 ? -2.449  -3.474  -6.379  1.00 35.99 ? 118 PRO A O   1 
ATOM   919  C CB  . PRO A 1 130 ? -1.989  -0.349  -6.050  1.00 38.20 ? 118 PRO A CB  1 
ATOM   920  C CG  . PRO A 1 130 ? -0.651  -0.926  -5.847  1.00 37.63 ? 118 PRO A CG  1 
ATOM   921  C CD  . PRO A 1 130 ? -0.694  -1.676  -4.545  1.00 38.08 ? 118 PRO A CD  1 
ATOM   922  N N   . VAL A 1 131 ? -4.303  -2.411  -7.093  1.00 37.64 ? 119 VAL A N   1 
ATOM   923  C CA  . VAL A 1 131 ? -4.625  -3.351  -8.150  1.00 38.30 ? 119 VAL A CA  1 
ATOM   924  C C   . VAL A 1 131 ? -4.343  -2.615  -9.448  1.00 39.12 ? 119 VAL A C   1 
ATOM   925  O O   . VAL A 1 131 ? -4.836  -1.517  -9.664  1.00 39.60 ? 119 VAL A O   1 
ATOM   926  C CB  . VAL A 1 131 ? -6.104  -3.803  -8.074  1.00 38.20 ? 119 VAL A CB  1 
ATOM   927  C CG1 . VAL A 1 131 ? -6.403  -4.840  -9.114  1.00 37.23 ? 119 VAL A CG1 1 
ATOM   928  C CG2 . VAL A 1 131 ? -6.429  -4.307  -6.634  1.00 37.61 ? 119 VAL A CG2 1 
ATOM   929  N N   . VAL A 1 132 ? -3.522  -3.210  -10.297 1.00 40.25 ? 120 VAL A N   1 
ATOM   930  C CA  . VAL A 1 132 ? -3.039  -2.522  -11.471 1.00 40.84 ? 120 VAL A CA  1 
ATOM   931  C C   . VAL A 1 132 ? -3.463  -3.283  -12.715 1.00 41.80 ? 120 VAL A C   1 
ATOM   932  O O   . VAL A 1 132 ? -3.726  -4.486  -12.664 1.00 41.43 ? 120 VAL A O   1 
ATOM   933  C CB  . VAL A 1 132 ? -1.483  -2.326  -11.465 1.00 41.11 ? 120 VAL A CB  1 
ATOM   934  C CG1 . VAL A 1 132 ? -1.024  -1.604  -10.203 1.00 40.86 ? 120 VAL A CG1 1 
ATOM   935  C CG2 . VAL A 1 132 ? -0.722  -3.658  -11.637 1.00 41.20 ? 120 VAL A CG2 1 
ATOM   936  N N   . ASP A 1 133 ? -3.525  -2.564  -13.827 1.00 42.51 ? 121 ASP A N   1 
ATOM   937  C CA  . ASP A 1 133 ? -3.805  -3.177  -15.107 1.00 43.50 ? 121 ASP A CA  1 
ATOM   938  C C   . ASP A 1 133 ? -2.464  -3.551  -15.710 1.00 44.84 ? 121 ASP A C   1 
ATOM   939  O O   . ASP A 1 133 ? -1.471  -3.631  -14.992 1.00 45.21 ? 121 ASP A O   1 
ATOM   940  C CB  . ASP A 1 133 ? -4.655  -2.257  -15.995 1.00 43.32 ? 121 ASP A CB  1 
ATOM   941  C CG  . ASP A 1 133 ? -3.966  -0.939  -16.362 1.00 43.30 ? 121 ASP A CG  1 
ATOM   942  O OD1 . ASP A 1 133 ? -2.744  -0.774  -16.145 1.00 41.23 ? 121 ASP A OD1 1 
ATOM   943  O OD2 . ASP A 1 133 ? -4.606  -0.006  -16.895 1.00 43.16 ? 121 ASP A OD2 1 
ATOM   944  N N   . GLU A 1 134 ? -2.417  -3.788  -17.013 1.00 46.40 ? 122 GLU A N   1 
ATOM   945  C CA  . GLU A 1 134 ? -1.216  -4.350  -17.608 1.00 47.80 ? 122 GLU A CA  1 
ATOM   946  C C   . GLU A 1 134 ? -0.226  -3.301  -18.064 1.00 47.96 ? 122 GLU A C   1 
ATOM   947  O O   . GLU A 1 134 ? 0.803   -3.644  -18.633 1.00 48.14 ? 122 GLU A O   1 
ATOM   948  C CB  . GLU A 1 134 ? -1.567  -5.254  -18.793 1.00 48.48 ? 122 GLU A CB  1 
ATOM   949  C CG  . GLU A 1 134 ? -0.724  -6.522  -18.799 1.00 51.15 ? 122 GLU A CG  1 
ATOM   950  C CD  . GLU A 1 134 ? -1.200  -7.541  -17.769 1.00 53.71 ? 122 GLU A CD  1 
ATOM   951  O OE1 . GLU A 1 134 ? -0.743  -7.505  -16.603 1.00 54.64 ? 122 GLU A OE1 1 
ATOM   952  O OE2 . GLU A 1 134 ? -2.043  -8.381  -18.140 1.00 57.15 ? 122 GLU A OE2 1 
ATOM   953  N N   . LYS A 1 135 ? -0.537  -2.030  -17.824 1.00 48.14 ? 123 LYS A N   1 
ATOM   954  C CA  . LYS A 1 135 ? 0.342   -0.933  -18.222 1.00 47.87 ? 123 LYS A CA  1 
ATOM   955  C C   . LYS A 1 135 ? 0.731   -0.095  -17.016 1.00 46.83 ? 123 LYS A C   1 
ATOM   956  O O   . LYS A 1 135 ? 1.024   1.093   -17.133 1.00 46.74 ? 123 LYS A O   1 
ATOM   957  C CB  . LYS A 1 135 ? -0.293  -0.089  -19.343 1.00 48.17 ? 123 LYS A CB  1 
ATOM   958  C CG  . LYS A 1 135 ? -1.678  0.497   -19.050 1.00 50.01 ? 123 LYS A CG  1 
ATOM   959  C CD  . LYS A 1 135 ? -2.257  1.117   -20.334 1.00 50.80 ? 123 LYS A CD  1 
ATOM   960  C CE  . LYS A 1 135 ? -3.545  1.908   -20.089 1.00 52.12 ? 123 LYS A CE  1 
ATOM   961  N NZ  . LYS A 1 135 ? -4.746  1.040   -19.915 1.00 52.83 ? 123 LYS A NZ  1 
ATOM   962  N N   . GLY A 1 136 ? 0.749   -0.736  -15.853 1.00 46.47 ? 124 GLY A N   1 
ATOM   963  C CA  . GLY A 1 136 ? 1.244   -0.117  -14.639 1.00 45.56 ? 124 GLY A CA  1 
ATOM   964  C C   . GLY A 1 136 ? 0.350   0.952   -14.031 1.00 45.01 ? 124 GLY A C   1 
ATOM   965  O O   . GLY A 1 136 ? 0.817   1.765   -13.218 1.00 45.22 ? 124 GLY A O   1 
ATOM   966  N N   . GLU A 1 137 ? -0.934  0.934   -14.369 1.00 44.05 ? 125 GLU A N   1 
ATOM   967  C CA  . GLU A 1 137 ? -1.872  1.954   -13.908 1.00 43.82 ? 125 GLU A CA  1 
ATOM   968  C C   . GLU A 1 137 ? -2.836  1.419   -12.872 1.00 42.89 ? 125 GLU A C   1 
ATOM   969  O O   . GLU A 1 137 ? -3.270  0.279   -12.948 1.00 42.49 ? 125 GLU A O   1 
ATOM   970  C CB  . GLU A 1 137 ? -2.621  2.557   -15.093 1.00 43.75 ? 125 GLU A CB  1 
ATOM   971  C CG  . GLU A 1 137 ? -1.668  3.248   -16.056 1.00 45.75 ? 125 GLU A CG  1 
ATOM   972  C CD  . GLU A 1 137 ? -2.355  4.092   -17.118 1.00 47.49 ? 125 GLU A CD  1 
ATOM   973  O OE1 . GLU A 1 137 ? -3.611  4.114   -17.155 1.00 47.82 ? 125 GLU A OE1 1 
ATOM   974  O OE2 . GLU A 1 137 ? -1.623  4.725   -17.922 1.00 48.53 ? 125 GLU A OE2 1 
ATOM   975  N N   . ILE A 1 138 ? -3.153  2.263   -11.898 1.00 42.49 ? 126 ILE A N   1 
ATOM   976  C CA  . ILE A 1 138 ? -4.017  1.892   -10.777 1.00 42.19 ? 126 ILE A CA  1 
ATOM   977  C C   . ILE A 1 138 ? -5.503  1.875   -11.169 1.00 41.85 ? 126 ILE A C   1 
ATOM   978  O O   . ILE A 1 138 ? -6.053  2.876   -11.625 1.00 41.40 ? 126 ILE A O   1 
ATOM   979  C CB  . ILE A 1 138 ? -3.759  2.801   -9.549  1.00 42.40 ? 126 ILE A CB  1 
ATOM   980  C CG1 . ILE A 1 138 ? -2.301  2.687   -9.121  1.00 41.60 ? 126 ILE A CG1 1 
ATOM   981  C CG2 . ILE A 1 138 ? -4.684  2.411   -8.357  1.00 42.48 ? 126 ILE A CG2 1 
ATOM   982  C CD1 . ILE A 1 138 ? -1.922  3.613   -7.997  1.00 42.44 ? 126 ILE A CD1 1 
ATOM   983  N N   . VAL A 1 139 ? -6.121  0.707   -11.000 1.00 41.04 ? 127 VAL A N   1 
ATOM   984  C CA  . VAL A 1 139 ? -7.520  0.489   -11.354 1.00 40.37 ? 127 VAL A CA  1 
ATOM   985  C C   . VAL A 1 139 ? -8.387  0.109   -10.142 1.00 39.55 ? 127 VAL A C   1 
ATOM   986  O O   . VAL A 1 139 ? -9.599  0.031   -10.242 1.00 39.06 ? 127 VAL A O   1 
ATOM   987  C CB  . VAL A 1 139 ? -7.649  -0.596  -12.457 1.00 40.18 ? 127 VAL A CB  1 
ATOM   988  C CG1 . VAL A 1 139 ? -7.070  -0.084  -13.805 1.00 40.03 ? 127 VAL A CG1 1 
ATOM   989  C CG2 . VAL A 1 139 ? -6.972  -1.884  -12.025 1.00 40.56 ? 127 VAL A CG2 1 
ATOM   990  N N   . GLY A 1 140 ? -7.756  -0.141  -9.004  1.00 38.99 ? 128 GLY A N   1 
ATOM   991  C CA  . GLY A 1 140 ? -8.481  -0.494  -7.788  1.00 38.55 ? 128 GLY A CA  1 
ATOM   992  C C   . GLY A 1 140 ? -7.541  -0.621  -6.611  1.00 38.05 ? 128 GLY A C   1 
ATOM   993  O O   . GLY A 1 140 ? -6.362  -0.356  -6.750  1.00 37.57 ? 128 GLY A O   1 
ATOM   994  N N   . ASP A 1 141 ? -8.063  -1.046  -5.456  1.00 37.84 ? 129 ASP A N   1 
ATOM   995  C CA  . ASP A 1 141 ? -7.288  -1.115  -4.210  1.00 37.81 ? 129 ASP A CA  1 
ATOM   996  C C   . ASP A 1 141 ? -7.665  -2.377  -3.397  1.00 36.46 ? 129 ASP A C   1 
ATOM   997  O O   . ASP A 1 141 ? -8.782  -2.882  -3.480  1.00 36.05 ? 129 ASP A O   1 
ATOM   998  C CB  . ASP A 1 141 ? -7.597  0.174   -3.408  1.00 38.06 ? 129 ASP A CB  1 
ATOM   999  C CG  . ASP A 1 141 ? -6.546  0.539   -2.430  1.00 38.03 ? 129 ASP A CG  1 
ATOM   1000 O OD1 . ASP A 1 141 ? -5.357  0.187   -2.637  1.00 38.91 ? 129 ASP A OD1 1 
ATOM   1001 O OD2 . ASP A 1 141 ? -6.847  1.151   -1.379  1.00 41.91 ? 129 ASP A OD2 1 
ATOM   1002 N N   . LEU A 1 142 ? -6.740  -2.876  -2.591  1.00 35.80 ? 130 LEU A N   1 
ATOM   1003 C CA  . LEU A 1 142 ? -7.016  -4.035  -1.741  1.00 35.14 ? 130 LEU A CA  1 
ATOM   1004 C C   . LEU A 1 142 ? -6.424  -3.836  -0.384  1.00 34.98 ? 130 LEU A C   1 
ATOM   1005 O O   . LEU A 1 142 ? -5.289  -3.486  -0.324  1.00 35.87 ? 130 LEU A O   1 
ATOM   1006 C CB  . LEU A 1 142 ? -6.386  -5.293  -2.361  1.00 35.38 ? 130 LEU A CB  1 
ATOM   1007 C CG  . LEU A 1 142 ? -6.637  -6.626  -1.654  1.00 34.56 ? 130 LEU A CG  1 
ATOM   1008 C CD1 . LEU A 1 142 ? -8.098  -7.018  -1.646  1.00 36.54 ? 130 LEU A CD1 1 
ATOM   1009 C CD2 . LEU A 1 142 ? -5.822  -7.720  -2.304  1.00 35.61 ? 130 LEU A CD2 1 
ATOM   1010 N N   . ASN A 1 143 ? -7.158  -4.072  0.701   1.00 35.08 ? 131 ASN A N   1 
ATOM   1011 C CA  . ASN A 1 143 ? -6.543  -4.073  2.033   1.00 34.52 ? 131 ASN A CA  1 
ATOM   1012 C C   . ASN A 1 143 ? -6.802  -5.314  2.827   1.00 33.88 ? 131 ASN A C   1 
ATOM   1013 O O   . ASN A 1 143 ? -7.599  -6.158  2.462   1.00 33.40 ? 131 ASN A O   1 
ATOM   1014 C CB  . ASN A 1 143 ? -6.891  -2.782  2.826   1.00 35.59 ? 131 ASN A CB  1 
ATOM   1015 C CG  . ASN A 1 143 ? -8.302  -2.732  3.360   1.00 35.31 ? 131 ASN A CG  1 
ATOM   1016 O OD1 . ASN A 1 143 ? -9.082  -3.674  3.245   1.00 38.65 ? 131 ASN A OD1 1 
ATOM   1017 N ND2 . ASN A 1 143 ? -8.639  -1.619  3.989   1.00 35.68 ? 131 ASN A ND2 1 
ATOM   1018 N N   . SER A 1 144 ? -6.055  -5.459  3.921   1.00 35.15 ? 132 SER A N   1 
ATOM   1019 C CA  . SER A 1 144 ? -6.202  -6.611  4.786   1.00 35.69 ? 132 SER A CA  1 
ATOM   1020 C C   . SER A 1 144 ? -7.629  -6.805  5.325   1.00 36.83 ? 132 SER A C   1 
ATOM   1021 O O   . SER A 1 144 ? -8.074  -7.912  5.532   1.00 35.66 ? 132 SER A O   1 
ATOM   1022 C CB  . SER A 1 144 ? -5.197  -6.510  5.948   1.00 36.49 ? 132 SER A CB  1 
ATOM   1023 O OG  . SER A 1 144 ? -5.395  -5.341  6.723   1.00 37.74 ? 132 SER A OG  1 
ATOM   1024 N N   . LEU A 1 145 ? -8.374  -5.724  5.510   1.00 38.28 ? 133 LEU A N   1 
ATOM   1025 C CA  . LEU A 1 145 ? -9.671  -5.838  6.102   1.00 37.86 ? 133 LEU A CA  1 
ATOM   1026 C C   . LEU A 1 145 ? -10.635 -6.510  5.119   1.00 37.96 ? 133 LEU A C   1 
ATOM   1027 O O   . LEU A 1 145 ? -11.510 -7.258  5.525   1.00 37.85 ? 133 LEU A O   1 
ATOM   1028 C CB  . LEU A 1 145 ? -10.202 -4.455  6.523   1.00 38.84 ? 133 LEU A CB  1 
ATOM   1029 C CG  . LEU A 1 145 ? -9.281  -3.528  7.341   1.00 38.28 ? 133 LEU A CG  1 
ATOM   1030 C CD1 . LEU A 1 145 ? -10.104 -2.346  7.853   1.00 36.55 ? 133 LEU A CD1 1 
ATOM   1031 C CD2 . LEU A 1 145 ? -8.572  -4.228  8.472   1.00 39.11 ? 133 LEU A CD2 1 
ATOM   1032 N N   . GLU A 1 146 ? -10.483 -6.210  3.833   1.00 37.53 ? 134 GLU A N   1 
ATOM   1033 C CA  . GLU A 1 146 ? -11.274 -6.868  2.800   1.00 37.05 ? 134 GLU A CA  1 
ATOM   1034 C C   . GLU A 1 146 ? -11.054 -8.379  2.757   1.00 37.08 ? 134 GLU A C   1 
ATOM   1035 O O   . GLU A 1 146 ? -11.996 -9.135  2.568   1.00 37.35 ? 134 GLU A O   1 
ATOM   1036 C CB  . GLU A 1 146 ? -10.992 -6.236  1.457   1.00 35.56 ? 134 GLU A CB  1 
ATOM   1037 C CG  . GLU A 1 146 ? -11.573 -4.838  1.400   1.00 35.17 ? 134 GLU A CG  1 
ATOM   1038 C CD  . GLU A 1 146 ? -11.223 -4.126  0.121   1.00 33.19 ? 134 GLU A CD  1 
ATOM   1039 O OE1 . GLU A 1 146 ? -10.109 -4.309  -0.385  1.00 30.63 ? 134 GLU A OE1 1 
ATOM   1040 O OE2 . GLU A 1 146 ? -12.085 -3.391  -0.372  1.00 34.34 ? 134 GLU A OE2 1 
ATOM   1041 N N   . ILE A 1 147 ? -9.807  -8.799  2.913   1.00 37.13 ? 135 ILE A N   1 
ATOM   1042 C CA  . ILE A 1 147 ? -9.452  -10.211 2.959   1.00 36.85 ? 135 ILE A CA  1 
ATOM   1043 C C   . ILE A 1 147 ? -10.079 -10.852 4.172   1.00 36.52 ? 135 ILE A C   1 
ATOM   1044 O O   . ILE A 1 147 ? -10.656 -11.926 4.064   1.00 36.06 ? 135 ILE A O   1 
ATOM   1045 C CB  . ILE A 1 147 ? -7.931  -10.414 2.906   1.00 36.78 ? 135 ILE A CB  1 
ATOM   1046 C CG1 . ILE A 1 147 ? -7.371  -9.917  1.576   1.00 36.73 ? 135 ILE A CG1 1 
ATOM   1047 C CG2 . ILE A 1 147 ? -7.546  -11.896 3.030   1.00 37.15 ? 135 ILE A CG2 1 
ATOM   1048 C CD1 . ILE A 1 147 ? -5.917  -10.139 1.401   1.00 37.58 ? 135 ILE A CD1 1 
ATOM   1049 N N   . LEU A 1 148 ? -10.004 -10.182 5.319   1.00 36.10 ? 136 LEU A N   1 
ATOM   1050 C CA  . LEU A 1 148 ? -10.610 -10.695 6.533   1.00 36.21 ? 136 LEU A CA  1 
ATOM   1051 C C   . LEU A 1 148 ? -12.117 -10.839 6.427   1.00 35.85 ? 136 LEU A C   1 
ATOM   1052 O O   . LEU A 1 148 ? -12.667 -11.840 6.869   1.00 36.22 ? 136 LEU A O   1 
ATOM   1053 C CB  . LEU A 1 148 ? -10.256 -9.841  7.751   1.00 36.17 ? 136 LEU A CB  1 
ATOM   1054 C CG  . LEU A 1 148 ? -8.781  -9.959  8.150   1.00 36.89 ? 136 LEU A CG  1 
ATOM   1055 C CD1 . LEU A 1 148 ? -8.411  -8.923  9.246   1.00 38.71 ? 136 LEU A CD1 1 
ATOM   1056 C CD2 . LEU A 1 148 ? -8.367  -11.384 8.604   1.00 39.25 ? 136 LEU A CD2 1 
ATOM   1057 N N   . LEU A 1 149 ? -12.755 -9.833  5.850   1.00 34.35 ? 137 LEU A N   1 
ATOM   1058 C CA  . LEU A 1 149 ? -14.171 -9.833  5.625   1.00 34.27 ? 137 LEU A CA  1 
ATOM   1059 C C   . LEU A 1 149 ? -14.568 -11.070 4.809   1.00 34.58 ? 137 LEU A C   1 
ATOM   1060 O O   . LEU A 1 149 ? -15.434 -11.837 5.210   1.00 34.78 ? 137 LEU A O   1 
ATOM   1061 C CB  . LEU A 1 149 ? -14.546 -8.557  4.884   1.00 34.11 ? 137 LEU A CB  1 
ATOM   1062 C CG  . LEU A 1 149 ? -16.040 -8.173  4.806   1.00 31.74 ? 137 LEU A CG  1 
ATOM   1063 C CD1 . LEU A 1 149 ? -16.162 -6.810  4.266   1.00 32.15 ? 137 LEU A CD1 1 
ATOM   1064 C CD2 . LEU A 1 149 ? -16.923 -9.194  3.961   1.00 32.32 ? 137 LEU A CD2 1 
ATOM   1065 N N   . ALA A 1 150 ? -13.941 -11.227 3.649   1.00 32.63 ? 138 ALA A N   1 
ATOM   1066 C CA  . ALA A 1 150 ? -14.167 -12.358 2.754   1.00 32.07 ? 138 ALA A CA  1 
ATOM   1067 C C   . ALA A 1 150 ? -14.070 -13.688 3.457   1.00 32.49 ? 138 ALA A C   1 
ATOM   1068 O O   . ALA A 1 150 ? -14.905 -14.556 3.293   1.00 31.90 ? 138 ALA A O   1 
ATOM   1069 C CB  . ALA A 1 150 ? -13.114 -12.338 1.678   1.00 32.25 ? 138 ALA A CB  1 
ATOM   1070 N N   . LEU A 1 151 ? -13.002 -13.853 4.222   1.00 32.21 ? 139 LEU A N   1 
ATOM   1071 C CA  . LEU A 1 151 ? -12.713 -15.143 4.831   1.00 32.59 ? 139 LEU A CA  1 
ATOM   1072 C C   . LEU A 1 151 ? -13.623 -15.505 5.976   1.00 32.37 ? 139 LEU A C   1 
ATOM   1073 O O   . LEU A 1 151 ? -14.053 -16.650 6.067   1.00 32.95 ? 139 LEU A O   1 
ATOM   1074 C CB  . LEU A 1 151 ? -11.272 -15.200 5.274   1.00 32.38 ? 139 LEU A CB  1 
ATOM   1075 C CG  . LEU A 1 151 ? -10.255 -15.223 4.123   1.00 32.04 ? 139 LEU A CG  1 
ATOM   1076 C CD1 . LEU A 1 151 ? -8.881  -15.134 4.784   1.00 34.23 ? 139 LEU A CD1 1 
ATOM   1077 C CD2 . LEU A 1 151 ? -10.389 -16.438 3.236   1.00 33.47 ? 139 LEU A CD2 1 
ATOM   1078 N N   . TRP A 1 152 ? -13.942 -14.532 6.830   1.00 31.67 ? 140 TRP A N   1 
ATOM   1079 C CA  . TRP A 1 152 ? -14.724 -14.795 8.028   1.00 31.65 ? 140 TRP A CA  1 
ATOM   1080 C C   . TRP A 1 152 ? -16.215 -14.540 7.931   1.00 31.42 ? 140 TRP A C   1 
ATOM   1081 O O   . TRP A 1 152 ? -16.972 -15.066 8.756   1.00 30.17 ? 140 TRP A O   1 
ATOM   1082 C CB  . TRP A 1 152 ? -14.187 -13.965 9.173   1.00 32.84 ? 140 TRP A CB  1 
ATOM   1083 C CG  . TRP A 1 152 ? -12.843 -14.468 9.647   1.00 32.28 ? 140 TRP A CG  1 
ATOM   1084 C CD1 . TRP A 1 152 ? -11.653 -13.897 9.387   1.00 34.86 ? 140 TRP A CD1 1 
ATOM   1085 C CD2 . TRP A 1 152 ? -12.569 -15.640 10.434  1.00 34.10 ? 140 TRP A CD2 1 
ATOM   1086 N NE1 . TRP A 1 152 ? -10.644 -14.653 9.930   1.00 34.18 ? 140 TRP A NE1 1 
ATOM   1087 C CE2 . TRP A 1 152 ? -11.187 -15.719 10.587  1.00 35.23 ? 140 TRP A CE2 1 
ATOM   1088 C CE3 . TRP A 1 152 ? -13.363 -16.629 11.031  1.00 37.04 ? 140 TRP A CE3 1 
ATOM   1089 C CZ2 . TRP A 1 152 ? -10.556 -16.743 11.331  1.00 35.77 ? 140 TRP A CZ2 1 
ATOM   1090 C CZ3 . TRP A 1 152 ? -12.757 -17.632 11.774  1.00 38.71 ? 140 TRP A CZ3 1 
ATOM   1091 C CH2 . TRP A 1 152 ? -11.360 -17.687 11.901  1.00 38.09 ? 140 TRP A CH2 1 
ATOM   1092 N N   . LYS A 1 153 ? -16.636 -13.763 6.940   1.00 31.16 ? 141 LYS A N   1 
ATOM   1093 C CA  . LYS A 1 153 ? -18.059 -13.537 6.684   1.00 31.09 ? 141 LYS A CA  1 
ATOM   1094 C C   . LYS A 1 153 ? -18.632 -14.540 5.681   1.00 32.05 ? 141 LYS A C   1 
ATOM   1095 O O   . LYS A 1 153 ? -19.839 -14.666 5.559   1.00 29.54 ? 141 LYS A O   1 
ATOM   1096 C CB  . LYS A 1 153 ? -18.295 -12.145 6.155   1.00 32.18 ? 141 LYS A CB  1 
ATOM   1097 C CG  . LYS A 1 153 ? -17.850 -11.005 7.052   1.00 32.72 ? 141 LYS A CG  1 
ATOM   1098 C CD  . LYS A 1 153 ? -18.418 -11.093 8.494   1.00 31.32 ? 141 LYS A CD  1 
ATOM   1099 C CE  . LYS A 1 153 ? -19.915 -10.858 8.551   1.00 32.06 ? 141 LYS A CE  1 
ATOM   1100 N NZ  . LYS A 1 153 ? -20.428 -11.020 9.936   1.00 27.07 ? 141 LYS A NZ  1 
ATOM   1101 N N   . GLY A 1 154 ? -17.752 -15.212 4.922   1.00 32.00 ? 142 GLY A N   1 
ATOM   1102 C CA  . GLY A 1 154 ? -18.178 -16.212 3.964   1.00 32.28 ? 142 GLY A CA  1 
ATOM   1103 C C   . GLY A 1 154 ? -18.207 -17.570 4.638   1.00 33.45 ? 142 GLY A C   1 
ATOM   1104 O O   . GLY A 1 154 ? -17.892 -17.685 5.826   1.00 32.82 ? 142 GLY A O   1 
ATOM   1105 N N   . ARG A 1 155 ? -18.604 -18.601 3.901   1.00 34.21 ? 143 ARG A N   1 
ATOM   1106 C CA  . ARG A 1 155 ? -18.801 -19.920 4.481   1.00 35.82 ? 143 ARG A CA  1 
ATOM   1107 C C   . ARG A 1 155 ? -17.467 -20.475 4.873   1.00 37.09 ? 143 ARG A C   1 
ATOM   1108 O O   . ARG A 1 155 ? -16.547 -20.425 4.088   1.00 37.52 ? 143 ARG A O   1 
ATOM   1109 C CB  . ARG A 1 155 ? -19.491 -20.893 3.514   1.00 35.59 ? 143 ARG A CB  1 
ATOM   1110 C CG  . ARG A 1 155 ? -20.016 -22.108 4.222   1.00 36.06 ? 143 ARG A CG  1 
ATOM   1111 C CD  . ARG A 1 155 ? -20.754 -23.114 3.368   1.00 36.84 ? 143 ARG A CD  1 
ATOM   1112 N NE  . ARG A 1 155 ? -19.841 -23.943 2.589   1.00 35.59 ? 143 ARG A NE  1 
ATOM   1113 C CZ  . ARG A 1 155 ? -20.234 -24.921 1.786   1.00 34.16 ? 143 ARG A CZ  1 
ATOM   1114 N NH1 . ARG A 1 155 ? -21.518 -25.198 1.668   1.00 35.86 ? 143 ARG A NH1 1 
ATOM   1115 N NH2 . ARG A 1 155 ? -19.339 -25.604 1.092   1.00 34.03 ? 143 ARG A NH2 1 
ATOM   1116 N N   . GLU A 1 156 ? -17.352 -21.011 6.084   1.00 39.52 ? 144 GLU A N   1 
ATOM   1117 C CA  . GLU A 1 156 ? -16.070 -21.562 6.523   1.00 41.38 ? 144 GLU A CA  1 
ATOM   1118 C C   . GLU A 1 156 ? -15.595 -22.787 5.729   1.00 42.34 ? 144 GLU A C   1 
ATOM   1119 O O   . GLU A 1 156 ? -14.421 -22.875 5.385   1.00 42.26 ? 144 GLU A O   1 
ATOM   1120 C CB  . GLU A 1 156 ? -16.064 -21.906 7.999   1.00 41.70 ? 144 GLU A CB  1 
ATOM   1121 C CG  . GLU A 1 156 ? -14.686 -22.453 8.409   1.00 44.76 ? 144 GLU A CG  1 
ATOM   1122 C CD  . GLU A 1 156 ? -14.493 -22.576 9.909   1.00 46.92 ? 144 GLU A CD  1 
ATOM   1123 O OE1 . GLU A 1 156 ? -15.481 -22.412 10.652  1.00 50.29 ? 144 GLU A OE1 1 
ATOM   1124 O OE2 . GLU A 1 156 ? -13.364 -22.888 10.337  1.00 45.48 ? 144 GLU A OE2 1 
ATOM   1125 N N   . LYS A 1 157 ? -16.494 -23.738 5.487   1.00 43.59 ? 145 LYS A N   1 
ATOM   1126 C CA  . LYS A 1 157 ? -16.169 -24.957 4.739   1.00 44.69 ? 145 LYS A CA  1 
ATOM   1127 C C   . LYS A 1 157 ? -16.203 -24.647 3.241   1.00 44.77 ? 145 LYS A C   1 
ATOM   1128 O O   . LYS A 1 157 ? -15.475 -25.207 2.427   1.00 45.15 ? 145 LYS A O   1 
ATOM   1129 C CB  . LYS A 1 157 ? -17.166 -26.078 5.085   1.00 45.01 ? 145 LYS A CB  1 
ATOM   1130 C CG  . LYS A 1 157 ? -16.905 -27.432 4.379   1.00 47.69 ? 145 LYS A CG  1 
ATOM   1131 C CD  . LYS A 1 157 ? -17.908 -28.512 4.836   1.00 50.30 ? 145 LYS A CD  1 
ATOM   1132 C CE  . LYS A 1 157 ? -17.744 -29.836 4.042   1.00 50.90 ? 145 LYS A CE  1 
ATOM   1133 O OXT . LYS A 1 157 ? -16.976 -23.815 2.777   1.00 44.64 ? 145 LYS A OXT 1 
HETATM 1134 O O   . HOH B 2 .   ? -4.241  -2.839  10.247  1.00 19.66 ? 146 HOH A O   1 
HETATM 1135 O O   . HOH B 2 .   ? 0.934   -1.380  4.543   1.00 19.26 ? 147 HOH A O   1 
HETATM 1136 O O   . HOH B 2 .   ? -9.696  4.644   1.522   1.00 20.37 ? 148 HOH A O   1 
HETATM 1137 O O   . HOH B 2 .   ? 19.347  11.363  9.680   1.00 29.98 ? 149 HOH A O   1 
HETATM 1138 O O   . HOH B 2 .   ? 8.083   17.456  4.846   1.00 26.55 ? 150 HOH A O   1 
HETATM 1139 O O   . HOH B 2 .   ? -6.658  0.693   3.918   1.00 21.92 ? 151 HOH A O   1 
HETATM 1140 O O   . HOH B 2 .   ? -2.757  17.453  8.579   1.00 24.59 ? 152 HOH A O   1 
HETATM 1141 O O   . HOH B 2 .   ? 1.683   -4.583  8.869   1.00 23.68 ? 153 HOH A O   1 
HETATM 1142 O O   . HOH B 2 .   ? 9.108   -3.271  -2.110  1.00 26.39 ? 154 HOH A O   1 
HETATM 1143 O O   . HOH B 2 .   ? -15.727 -18.324 7.546   1.00 26.53 ? 155 HOH A O   1 
HETATM 1144 O O   . HOH B 2 .   ? 9.823   18.366  2.614   1.00 32.89 ? 156 HOH A O   1 
HETATM 1145 O O   . HOH B 2 .   ? -6.899  11.210  11.499  1.00 22.55 ? 157 HOH A O   1 
HETATM 1146 O O   . HOH B 2 .   ? 13.397  3.561   12.884  1.00 36.90 ? 158 HOH A O   1 
HETATM 1147 O O   . HOH B 2 .   ? 17.017  11.233  8.205   1.00 29.87 ? 159 HOH A O   1 
HETATM 1148 O O   . HOH B 2 .   ? 27.351  4.983   -1.378  1.00 35.90 ? 160 HOH A O   1 
HETATM 1149 O O   . HOH B 2 .   ? -3.940  4.137   -0.211  1.00 27.33 ? 161 HOH A O   1 
HETATM 1150 O O   . HOH B 2 .   ? 7.554   -3.580  2.701   1.00 32.13 ? 162 HOH A O   1 
HETATM 1151 O O   . HOH B 2 .   ? -4.865  16.025  6.981   1.00 26.20 ? 163 HOH A O   1 
HETATM 1152 O O   . HOH B 2 .   ? -10.675 6.780   6.715   1.00 28.62 ? 164 HOH A O   1 
HETATM 1153 O O   . HOH B 2 .   ? -2.901  17.558  11.500  1.00 28.43 ? 165 HOH A O   1 
HETATM 1154 O O   . HOH B 2 .   ? 17.811  18.988  4.012   1.00 28.67 ? 166 HOH A O   1 
HETATM 1155 O O   . HOH B 2 .   ? 12.642  -1.015  -2.361  1.00 33.54 ? 167 HOH A O   1 
HETATM 1156 O O   . HOH B 2 .   ? 9.570   -5.518  -3.965  1.00 31.07 ? 168 HOH A O   1 
HETATM 1157 O O   . HOH B 2 .   ? 10.105  17.795  -2.917  1.00 32.22 ? 169 HOH A O   1 
HETATM 1158 O O   . HOH B 2 .   ? -11.988 8.088   8.735   1.00 34.13 ? 170 HOH A O   1 
HETATM 1159 O O   . HOH B 2 .   ? -15.416 1.398   5.565   1.00 33.63 ? 171 HOH A O   1 
HETATM 1160 O O   . HOH B 2 .   ? -6.241  11.589  2.014   1.00 35.50 ? 172 HOH A O   1 
HETATM 1161 O O   . HOH B 2 .   ? -12.101 3.873   2.754   1.00 28.45 ? 173 HOH A O   1 
HETATM 1162 O O   . HOH B 2 .   ? 19.147  10.471  12.317  1.00 32.84 ? 174 HOH A O   1 
HETATM 1163 O O   . HOH B 2 .   ? 10.313  -0.791  5.917   1.00 34.31 ? 175 HOH A O   1 
HETATM 1164 O O   . HOH B 2 .   ? 14.991  6.692   3.313   1.00 43.39 ? 176 HOH A O   1 
HETATM 1165 O O   . HOH B 2 .   ? 17.782  12.529  -1.073  1.00 35.33 ? 177 HOH A O   1 
HETATM 1166 O O   . HOH B 2 .   ? -16.186 -26.055 0.009   1.00 29.61 ? 178 HOH A O   1 
HETATM 1167 O O   . HOH B 2 .   ? -6.821  15.844  8.853   1.00 36.40 ? 179 HOH A O   1 
HETATM 1168 O O   . HOH B 2 .   ? -10.843 -1.451  -5.698  1.00 34.52 ? 180 HOH A O   1 
HETATM 1169 O O   . HOH B 2 .   ? 24.224  11.058  7.968   1.00 36.73 ? 181 HOH A O   1 
HETATM 1170 O O   . HOH B 2 .   ? 25.010  13.592  7.549   1.00 32.80 ? 182 HOH A O   1 
HETATM 1171 O O   . HOH B 2 .   ? 15.209  8.879   8.017   1.00 33.09 ? 183 HOH A O   1 
HETATM 1172 O O   . HOH B 2 .   ? 17.834  10.567  1.415   1.00 32.37 ? 184 HOH A O   1 
HETATM 1173 O O   . HOH B 2 .   ? 21.719  6.113   15.439  1.00 48.17 ? 185 HOH A O   1 
HETATM 1174 O O   . HOH B 2 .   ? -21.835 -13.561 6.779   1.00 31.63 ? 186 HOH A O   1 
HETATM 1175 O O   . HOH B 2 .   ? -12.811 2.607   5.250   1.00 35.61 ? 187 HOH A O   1 
HETATM 1176 O O   . HOH B 2 .   ? -0.781  14.855  -2.512  1.00 31.74 ? 188 HOH A O   1 
HETATM 1177 O O   . HOH B 2 .   ? 7.520   14.946  -9.020  1.00 32.79 ? 189 HOH A O   1 
HETATM 1178 O O   . HOH B 2 .   ? 18.769  2.227   17.384  1.00 43.16 ? 190 HOH A O   1 
HETATM 1179 O O   . HOH B 2 .   ? -6.139  -5.896  -13.151 1.00 38.71 ? 191 HOH A O   1 
HETATM 1180 O O   . HOH B 2 .   ? -14.571 -18.418 3.991   1.00 27.88 ? 192 HOH A O   1 
HETATM 1181 O O   . HOH B 2 .   ? 4.187   -7.285  -7.082  1.00 38.63 ? 193 HOH A O   1 
HETATM 1182 O O   . HOH B 2 .   ? -10.956 -1.584  -1.860  1.00 32.50 ? 194 HOH A O   1 
HETATM 1183 O O   . HOH B 2 .   ? -15.581 -7.065  -4.247  1.00 32.03 ? 195 HOH A O   1 
HETATM 1184 O O   . HOH B 2 .   ? -4.927  9.960   -4.452  1.00 35.35 ? 196 HOH A O   1 
HETATM 1185 O O   . HOH B 2 .   ? -2.398  5.240   -12.125 1.00 41.14 ? 197 HOH A O   1 
HETATM 1186 O O   . HOH B 2 .   ? 25.678  6.607   -0.215  1.00 42.38 ? 198 HOH A O   1 
HETATM 1187 O O   . HOH B 2 .   ? -14.911 -16.843 2.021   1.00 29.63 ? 199 HOH A O   1 
HETATM 1188 O O   . HOH B 2 .   ? 2.911   20.339  0.753   1.00 31.40 ? 200 HOH A O   1 
HETATM 1189 O O   . HOH B 2 .   ? 5.741   11.854  -9.852  1.00 38.32 ? 201 HOH A O   1 
HETATM 1190 O O   . HOH B 2 .   ? -10.269 1.485   -4.803  1.00 34.18 ? 202 HOH A O   1 
HETATM 1191 O O   . HOH B 2 .   ? 6.616   -2.029  5.649   1.00 36.90 ? 203 HOH A O   1 
HETATM 1192 O O   . HOH B 2 .   ? 8.230   -4.525  0.070   1.00 34.79 ? 204 HOH A O   1 
HETATM 1193 O O   . HOH B 2 .   ? -11.697 7.038   11.237  1.00 39.44 ? 205 HOH A O   1 
HETATM 1194 O O   . HOH B 2 .   ? -11.329 10.848  9.791   1.00 33.53 ? 206 HOH A O   1 
HETATM 1195 O O   . HOH B 2 .   ? -6.656  5.739   1.146   1.00 36.90 ? 207 HOH A O   1 
HETATM 1196 O O   . HOH B 2 .   ? -17.960 0.464   1.676   1.00 41.24 ? 208 HOH A O   1 
HETATM 1197 O O   . HOH B 2 .   ? -17.189 -2.585  5.725   1.00 34.43 ? 209 HOH A O   1 
HETATM 1198 O O   . HOH B 2 .   ? 22.535  7.590   7.921   1.00 40.06 ? 210 HOH A O   1 
HETATM 1199 O O   . HOH B 2 .   ? -5.773  -9.678  -14.253 1.00 44.47 ? 211 HOH A O   1 
HETATM 1200 O O   . HOH B 2 .   ? 1.840   20.200  5.172   1.00 37.01 ? 212 HOH A O   1 
HETATM 1201 O O   . HOH B 2 .   ? -7.114  3.173   1.832   1.00 36.06 ? 213 HOH A O   1 
HETATM 1202 O O   . HOH B 2 .   ? 13.728  4.321   2.820   1.00 34.68 ? 214 HOH A O   1 
HETATM 1203 O O   . HOH B 2 .   ? 18.487  15.364  7.485   1.00 34.12 ? 215 HOH A O   1 
HETATM 1204 O O   . HOH B 2 .   ? -19.034 -4.986  6.147   1.00 34.16 ? 216 HOH A O   1 
HETATM 1205 O O   . HOH B 2 .   ? 8.201   -1.749  7.380   1.00 40.99 ? 217 HOH A O   1 
HETATM 1206 O O   . HOH B 2 .   ? 6.014   6.792   -15.437 1.00 37.71 ? 218 HOH A O   1 
HETATM 1207 O O   . HOH B 2 .   ? 19.050  14.525  9.901   1.00 36.47 ? 219 HOH A O   1 
HETATM 1208 O O   . HOH B 2 .   ? -12.438 6.586   3.013   1.00 37.37 ? 220 HOH A O   1 
HETATM 1209 O O   . HOH B 2 .   ? 3.345   13.126  -12.695 1.00 44.94 ? 221 HOH A O   1 
HETATM 1210 O O   . HOH B 2 .   ? -19.391 -21.263 8.108   1.00 39.44 ? 222 HOH A O   1 
HETATM 1211 O O   . HOH B 2 .   ? -11.989 -18.663 -9.354  1.00 38.92 ? 223 HOH A O   1 
HETATM 1212 O O   . HOH B 2 .   ? 8.431   -4.315  7.475   1.00 39.68 ? 224 HOH A O   1 
HETATM 1213 O O   . HOH B 2 .   ? 11.881  20.223  3.304   1.00 44.65 ? 225 HOH A O   1 
HETATM 1214 O O   . HOH B 2 .   ? 7.780   -3.231  -8.676  1.00 43.59 ? 226 HOH A O   1 
HETATM 1215 O O   . HOH B 2 .   ? 3.959   19.686  3.005   1.00 39.37 ? 227 HOH A O   1 
HETATM 1216 O O   . HOH B 2 .   ? -5.584  17.667  5.156   1.00 38.50 ? 228 HOH A O   1 
HETATM 1217 O O   . HOH B 2 .   ? 0.285   14.934  -4.787  1.00 39.53 ? 229 HOH A O   1 
HETATM 1218 O O   . HOH B 2 .   ? 6.617   -16.996 1.981   1.00 50.87 ? 230 HOH A O   1 
HETATM 1219 O O   . HOH B 2 .   ? 10.445  2.707   -6.376  1.00 37.50 ? 231 HOH A O   1 
HETATM 1220 O O   . HOH B 2 .   ? -7.236  -17.978 -3.509  1.00 39.35 ? 232 HOH A O   1 
HETATM 1221 O O   . HOH B 2 .   ? 10.718  18.668  -0.579  1.00 41.51 ? 233 HOH A O   1 
HETATM 1222 O O   . HOH B 2 .   ? 5.586   -12.960 -1.433  1.00 51.61 ? 234 HOH A O   1 
HETATM 1223 O O   . HOH B 2 .   ? 8.831   -8.035  -2.549  1.00 40.26 ? 235 HOH A O   1 
HETATM 1224 O O   . HOH B 2 .   ? -17.335 -12.532 -7.086  1.00 42.20 ? 236 HOH A O   1 
HETATM 1225 O O   . HOH B 2 .   ? -11.798 -1.617  -8.179  1.00 41.57 ? 237 HOH A O   1 
HETATM 1226 O O   . HOH B 2 .   ? 12.099  -2.957  1.389   1.00 41.43 ? 238 HOH A O   1 
HETATM 1227 O O   . HOH B 2 .   ? 11.473  -2.755  -1.214  1.00 43.98 ? 239 HOH A O   1 
HETATM 1228 O O   . HOH B 2 .   ? 6.814   -9.888  -2.614  1.00 46.23 ? 240 HOH A O   1 
HETATM 1229 O O   . HOH B 2 .   ? 4.527   -14.519 -3.973  1.00 42.59 ? 241 HOH A O   1 
HETATM 1230 O O   . HOH B 2 .   ? -8.619  -21.459 -8.651  1.00 54.42 ? 242 HOH A O   1 
HETATM 1231 O O   . HOH B 2 .   ? 6.105   -14.700 5.383   1.00 39.50 ? 243 HOH A O   1 
HETATM 1232 O O   . HOH B 2 .   ? 15.897  7.103   6.212   1.00 41.98 ? 244 HOH A O   1 
HETATM 1233 O O   . HOH B 2 .   ? 0.989   10.781  -11.943 1.00 49.26 ? 245 HOH A O   1 
HETATM 1234 O O   . HOH B 2 .   ? -10.229 12.683  8.764   1.00 37.02 ? 246 HOH A O   1 
HETATM 1235 O O   . HOH B 2 .   ? -13.216 -0.051  -3.003  1.00 33.84 ? 247 HOH A O   1 
HETATM 1236 O O   . HOH B 2 .   ? 6.368   20.685  4.117   1.00 44.24 ? 248 HOH A O   1 
HETATM 1237 O O   . HOH B 2 .   ? 7.972   13.375  -10.786 1.00 55.35 ? 249 HOH A O   1 
HETATM 1238 O O   . HOH B 2 .   ? -13.262 -15.766 -8.694  1.00 45.05 ? 250 HOH A O   1 
HETATM 1239 O O   . HOH B 2 .   ? -23.254 -10.464 9.655   1.00 39.62 ? 251 HOH A O   1 
HETATM 1240 O O   . HOH B 2 .   ? 24.475  3.934   0.261   1.00 46.95 ? 252 HOH A O   1 
HETATM 1241 O O   . HOH B 2 .   ? -7.081  7.253   -6.028  1.00 41.08 ? 253 HOH A O   1 
HETATM 1242 O O   . HOH B 2 .   ? 21.190  3.742   21.625  1.00 61.70 ? 254 HOH A O   1 
HETATM 1243 O O   . HOH B 2 .   ? -18.786 -24.003 7.229   1.00 46.64 ? 255 HOH A O   1 
HETATM 1244 O O   . HOH B 2 .   ? -10.594 3.013   -7.188  1.00 47.53 ? 256 HOH A O   1 
HETATM 1245 O O   . HOH B 2 .   ? -8.059  -18.625 -6.307  1.00 46.86 ? 257 HOH A O   1 
HETATM 1246 O O   . HOH B 2 .   ? 9.527   -12.215 3.913   1.00 49.67 ? 258 HOH A O   1 
HETATM 1247 O O   . HOH B 2 .   ? -0.228  -18.228 -3.774  1.00 50.68 ? 259 HOH A O   1 
HETATM 1248 O O   . HOH B 2 .   ? 3.718   -9.099  -8.763  1.00 48.48 ? 260 HOH A O   1 
HETATM 1249 O O   . HOH B 2 .   ? -7.696  -3.276  -17.370 1.00 48.57 ? 261 HOH A O   1 
HETATM 1250 O O   . HOH B 2 .   ? 4.953   21.883  -1.259  1.00 49.37 ? 262 HOH A O   1 
HETATM 1251 O O   . HOH B 2 .   ? 4.035   17.378  -7.835  1.00 48.56 ? 263 HOH A O   1 
HETATM 1252 O O   . HOH B 2 .   ? -6.105  2.520   -16.798 1.00 59.43 ? 264 HOH A O   1 
HETATM 1253 O O   . HOH B 2 .   ? 18.698  17.647  6.312   1.00 50.48 ? 265 HOH A O   1 
HETATM 1254 O O   . HOH B 2 .   ? -12.354 10.093  5.517   1.00 55.23 ? 266 HOH A O   1 
HETATM 1255 O O   . HOH B 2 .   ? -2.626  6.998   -10.361 1.00 48.16 ? 267 HOH A O   1 
HETATM 1256 O O   . HOH B 2 .   ? -8.253  -4.677  -14.508 1.00 56.81 ? 268 HOH A O   1 
HETATM 1257 O O   . HOH B 2 .   ? 12.528  -3.694  9.322   1.00 44.06 ? 269 HOH A O   1 
HETATM 1258 O O   . HOH B 2 .   ? -9.335  17.350  6.156   1.00 52.18 ? 270 HOH A O   1 
HETATM 1259 O O   . HOH B 2 .   ? 2.934   22.939  8.841   1.00 47.60 ? 271 HOH A O   1 
HETATM 1260 O O   . HOH B 2 .   ? -24.121 -24.991 3.804   1.00 43.57 ? 272 HOH A O   1 
HETATM 1261 O O   . HOH B 2 .   ? -8.277  -17.903 -9.259  1.00 56.21 ? 273 HOH A O   1 
HETATM 1262 O O   . HOH B 2 .   ? -19.413 -5.288  -2.996  1.00 45.33 ? 274 HOH A O   1 
HETATM 1263 O O   . HOH B 2 .   ? -19.267 -5.311  1.891   1.00 37.07 ? 275 HOH A O   1 
HETATM 1264 O O   . HOH B 2 .   ? -20.010 -4.704  -0.346  1.00 56.18 ? 276 HOH A O   1 
HETATM 1265 O O   . HOH B 2 .   ? -14.558 0.520   -4.925  1.00 43.00 ? 277 HOH A O   1 
HETATM 1266 O O   . HOH B 2 .   ? -17.124 -0.923  -2.752  1.00 50.32 ? 278 HOH A O   1 
HETATM 1267 O O   . HOH B 2 .   ? -13.792 4.074   -4.327  1.00 53.29 ? 279 HOH A O   1 
HETATM 1268 O O   . HOH B 2 .   ? -12.101 15.479  5.031   1.00 54.28 ? 280 HOH A O   1 
HETATM 1269 O O   . HOH B 2 .   ? -10.049 11.544  1.184   1.00 53.20 ? 281 HOH A O   1 
HETATM 1270 O O   . HOH B 2 .   ? -11.712 10.955  2.980   1.00 53.49 ? 282 HOH A O   1 
HETATM 1271 O O   . HOH B 2 .   ? -6.213  9.968   0.062   1.00 56.85 ? 283 HOH A O   1 
HETATM 1272 O O   . HOH B 2 .   ? 9.887   2.693   -9.845  1.00 50.60 ? 284 HOH A O   1 
HETATM 1273 O O   . HOH B 2 .   ? 12.418  4.346   -5.968  1.00 54.76 ? 285 HOH A O   1 
HETATM 1274 O O   . HOH B 2 .   ? 15.736  15.010  16.177  1.00 42.22 ? 286 HOH A O   1 
HETATM 1275 O O   . HOH B 2 .   ? 15.295  16.552  14.011  1.00 57.56 ? 287 HOH A O   1 
HETATM 1276 O O   . HOH B 2 .   ? 17.256  -1.693  10.394  1.00 54.35 ? 288 HOH A O   1 
HETATM 1277 O O   . HOH B 2 .   ? 1.273   -5.181  -14.924 1.00 50.63 ? 289 HOH A O   1 
HETATM 1278 O O   . HOH B 2 .   ? 1.819   -16.885 -4.356  1.00 45.93 ? 290 HOH A O   1 
HETATM 1279 O O   . HOH B 2 .   ? 4.298   -9.640  8.450   1.00 48.83 ? 291 HOH A O   1 
HETATM 1280 O O   . HOH B 2 .   ? 9.076   -7.278  6.153   1.00 60.21 ? 292 HOH A O   1 
HETATM 1281 O O   . HOH B 2 .   ? 9.353   -11.061 -0.142  1.00 46.68 ? 293 HOH A O   1 
HETATM 1282 O O   . HOH B 2 .   ? -3.972  -7.335  -16.011 1.00 51.68 ? 294 HOH A O   1 
HETATM 1283 O O   . HOH B 2 .   ? 0.404   4.303   -21.399 1.00 53.73 ? 295 HOH A O   1 
HETATM 1284 O O   . HOH B 2 .   ? -4.193  -6.224  -21.492 1.00 53.13 ? 296 HOH A O   1 
HETATM 1285 O O   . HOH B 2 .   ? -1.280  -6.909  -22.059 1.00 50.05 ? 297 HOH A O   1 
HETATM 1286 O O   . HOH B 2 .   ? -8.672  3.466   -8.831  1.00 47.87 ? 298 HOH A O   1 
HETATM 1287 O O   . HOH B 2 .   ? -16.797 -25.450 9.328   1.00 56.61 ? 299 HOH A O   1 
HETATM 1288 O O   . HOH B 2 .   ? -14.751 -26.466 7.783   1.00 60.71 ? 300 HOH A O   1 
HETATM 1289 O O   . HOH B 2 .   ? -13.677 -3.097  -9.266  1.00 52.01 ? 301 HOH A O   1 
HETATM 1290 O O   . HOH B 2 .   ? -19.365 -4.241  -6.311  1.00 52.09 ? 302 HOH A O   1 
HETATM 1291 O O   . HOH B 2 .   ? -18.239 -1.997  3.340   1.00 49.22 ? 303 HOH A O   1 
HETATM 1292 O O   . HOH B 2 .   ? -17.264 1.377   3.744   1.00 48.55 ? 304 HOH A O   1 
HETATM 1293 O O   . HOH B 2 .   ? -20.111 2.156   0.596   1.00 52.28 ? 305 HOH A O   1 
HETATM 1294 O O   . HOH B 2 .   ? -18.699 -1.229  -0.963  1.00 55.33 ? 306 HOH A O   1 
HETATM 1295 O O   . HOH B 2 .   ? -16.671 0.741   -4.272  1.00 57.14 ? 307 HOH A O   1 
HETATM 1296 O O   . HOH B 2 .   ? -1.461  12.716  -7.113  1.00 52.28 ? 308 HOH A O   1 
HETATM 1297 O O   . HOH B 2 .   ? 0.345   11.255  -8.645  1.00 53.70 ? 309 HOH A O   1 
HETATM 1298 O O   . HOH B 2 .   ? 4.781   15.992  -9.809  1.00 45.53 ? 310 HOH A O   1 
HETATM 1299 O O   . HOH B 2 .   ? 12.200  9.174   -8.220  1.00 48.91 ? 311 HOH A O   1 
HETATM 1300 O O   . HOH B 2 .   ? -2.086  17.091  -1.059  1.00 47.40 ? 312 HOH A O   1 
HETATM 1301 O O   . HOH B 2 .   ? -4.532  16.272  -2.560  1.00 48.39 ? 313 HOH A O   1 
HETATM 1302 O O   . HOH B 2 .   ? -6.363  14.486  -1.667  1.00 55.38 ? 314 HOH A O   1 
HETATM 1303 O O   . HOH B 2 .   ? -3.541  20.233  4.548   1.00 45.11 ? 315 HOH A O   1 
HETATM 1304 O O   . HOH B 2 .   ? -3.577  20.208  8.578   1.00 45.60 ? 316 HOH A O   1 
HETATM 1305 O O   . HOH B 2 .   ? -6.032  20.190  9.763   1.00 59.53 ? 317 HOH A O   1 
HETATM 1306 O O   . HOH B 2 .   ? -0.906  19.137  -3.558  1.00 57.27 ? 318 HOH A O   1 
HETATM 1307 O O   . HOH B 2 .   ? -0.976  21.584  -1.575  1.00 48.86 ? 319 HOH A O   1 
HETATM 1308 O O   . HOH B 2 .   ? -6.067  -16.277 -11.854 1.00 55.03 ? 320 HOH A O   1 
HETATM 1309 O O   . HOH B 2 .   ? -0.955  -1.211  8.266   1.00 28.53 ? 321 HOH A O   1 
HETATM 1310 O O   . HOH B 2 .   ? 2.062   -0.530  7.194   1.00 32.36 ? 322 HOH A O   1 
HETATM 1311 O O   . HOH B 2 .   ? 4.566   1.174   -15.687 1.00 50.95 ? 323 HOH A O   1 
HETATM 1312 O O   . HOH B 2 .   ? 4.795   -0.833  -10.856 1.00 42.49 ? 324 HOH A O   1 
HETATM 1313 O O   . HOH B 2 .   ? 6.931   -1.513  -10.849 1.00 51.65 ? 325 HOH A O   1 
HETATM 1314 O O   . HOH B 2 .   ? -7.133  -0.677  -17.454 1.00 49.30 ? 326 HOH A O   1 
HETATM 1315 O O   . HOH B 2 .   ? -11.802 -24.380 -1.083  1.00 50.33 ? 327 HOH A O   1 
HETATM 1316 O O   . HOH B 2 .   ? -12.621 -25.296 1.278   1.00 47.59 ? 328 HOH A O   1 
HETATM 1317 O O   . HOH B 2 .   ? -1.472  19.060  2.753   1.00 31.91 ? 329 HOH A O   1 
HETATM 1318 O O   . HOH B 2 .   ? -2.694  17.294  1.547   1.00 38.39 ? 330 HOH A O   1 
HETATM 1319 O O   . HOH B 2 .   ? -4.152  16.309  2.513   1.00 41.35 ? 331 HOH A O   1 
HETATM 1320 O O   . HOH B 2 .   ? -6.266  15.621  2.842   1.00 46.90 ? 332 HOH A O   1 
HETATM 1321 O O   . HOH B 2 .   ? -6.534  14.468  0.973   1.00 56.06 ? 333 HOH A O   1 
HETATM 1322 O O   . HOH B 2 .   ? 12.484  -4.189  12.097  1.00 62.02 ? 334 HOH A O   1 
HETATM 1323 O O   . HOH B 2 .   ? 17.267  -1.218  17.429  1.00 54.24 ? 335 HOH A O   1 
HETATM 1324 O O   . HOH B 2 .   ? 17.391  5.885   19.972  1.00 52.45 ? 336 HOH A O   1 
HETATM 1325 O O   . HOH B 2 .   ? 18.341  3.560   19.676  1.00 48.24 ? 337 HOH A O   1 
HETATM 1326 O O   . HOH B 2 .   ? 0.861   -19.962 -1.517  1.00 47.92 ? 338 HOH A O   1 
HETATM 1327 O O   . HOH B 2 .   ? 16.326  8.721   2.288   1.00 53.29 ? 339 HOH A O   1 
HETATM 1328 O O   . HOH B 2 .   ? -9.895  -17.977 -2.357  1.00 49.88 ? 340 HOH A O   1 
HETATM 1329 O O   . HOH B 2 .   ? 2.081   17.090  -4.327  1.00 55.51 ? 341 HOH A O   1 
HETATM 1330 O O   . HOH B 2 .   ? 15.966  -5.573  14.520  1.00 39.18 ? 342 HOH A O   1 
HETATM 1331 O O   . HOH B 2 .   ? 16.572  -5.208  12.254  1.00 48.56 ? 343 HOH A O   1 
HETATM 1332 O O   . HOH B 2 .   ? 17.566  -5.112  10.282  1.00 58.87 ? 344 HOH A O   1 
HETATM 1333 O O   . HOH B 2 .   ? -9.219  -24.952 -3.572  1.00 48.54 ? 345 HOH A O   1 
HETATM 1334 O O   . HOH B 2 .   ? -9.155  -25.405 0.403   1.00 48.38 ? 346 HOH A O   1 
HETATM 1335 O O   . HOH B 2 .   ? -7.218  -22.675 -2.782  1.00 44.49 ? 347 HOH A O   1 
HETATM 1336 O O   . HOH B 2 .   ? -4.958  -22.685 -0.934  1.00 53.56 ? 348 HOH A O   1 
HETATM 1337 O O   . HOH B 2 .   ? -4.709  -25.295 1.090   1.00 50.12 ? 349 HOH A O   1 
HETATM 1338 O O   . HOH B 2 .   ? -5.230  -25.393 3.445   1.00 47.18 ? 350 HOH A O   1 
HETATM 1339 O O   . HOH B 2 .   ? -7.600  9.247   -2.258  1.00 48.63 ? 351 HOH A O   1 
HETATM 1340 O O   . HOH B 2 .   ? -11.680 5.090   -6.253  1.00 53.86 ? 352 HOH A O   1 
HETATM 1341 O O   . HOH B 2 .   ? -12.943 1.424   -7.768  1.00 46.47 ? 353 HOH A O   1 
HETATM 1342 O O   . HOH B 2 .   ? -4.811  10.694  -7.880  1.00 54.97 ? 354 HOH A O   1 
HETATM 1343 O O   . HOH B 2 .   ? 10.215  6.873   -11.242 1.00 53.92 ? 355 HOH A O   1 
HETATM 1344 O O   . HOH B 2 .   ? -7.910  -26.317 -1.786  1.00 45.88 ? 356 HOH A O   1 
HETATM 1345 O O   . HOH B 2 .   ? -4.659  -24.250 -4.441  1.00 48.01 ? 357 HOH A O   1 
HETATM 1346 O O   . HOH B 2 .   ? -4.837  -20.781 -6.323  1.00 44.52 ? 358 HOH A O   1 
HETATM 1347 O O   . HOH B 2 .   ? -4.358  -19.912 -9.191  1.00 53.28 ? 359 HOH A O   1 
# 
